data_6U19
#
_entry.id   6U19
#
loop_
_entity.id
_entity.type
_entity.pdbx_description
1 polymer '26S proteasome non-ATPase regulatory subunit 4'
2 polymer 'Ubiquitin-protein ligase E3A'
3 non-polymer 'ZINC ION'
#
loop_
_entity_poly.entity_id
_entity_poly.type
_entity_poly.pdbx_seq_one_letter_code
_entity_poly.pdbx_strand_id
1 'polypeptide(L)' SADIDASSAMDTSEPAKEEDDYDVMQDPEFLQSVLENLPGVDPNNEAIRNAMGSLASQATKDGKKDKKEEDKK A
2 'polypeptide(L)' MKRAAAKHLIERYYHQLTEGCGNEACTNEFCASCPTFLRMDNNAAAIKALELYKINAKLCDPHP B
#
loop_
_chem_comp.id
_chem_comp.type
_chem_comp.name
_chem_comp.formula
ZN non-polymer 'ZINC ION' 'Zn 2'
#
# COMPACT_ATOMS: atom_id res chain seq x y z
N SER A 1 2.13 37.33 6.91
CA SER A 1 2.78 38.49 6.24
C SER A 1 4.06 38.86 6.98
N ALA A 2 5.15 38.93 6.25
CA ALA A 2 6.45 39.27 6.86
C ALA A 2 6.38 40.64 7.51
N ASP A 3 5.64 41.55 6.90
CA ASP A 3 5.50 42.91 7.43
C ASP A 3 4.91 42.87 8.83
N ILE A 4 3.96 41.96 9.05
CA ILE A 4 3.32 41.84 10.36
C ILE A 4 3.70 40.51 11.02
N ASP A 5 4.26 40.60 12.21
CA ASP A 5 4.67 39.40 12.94
C ASP A 5 3.45 38.52 13.25
N ALA A 6 2.35 39.16 13.62
CA ALA A 6 1.14 38.42 13.95
C ALA A 6 0.66 37.60 12.76
N SER A 7 0.75 38.18 11.57
CA SER A 7 0.34 37.49 10.36
C SER A 7 1.19 36.25 10.12
N SER A 8 2.49 36.39 10.37
CA SER A 8 3.42 35.27 10.18
C SER A 8 3.05 34.11 11.10
N ALA A 9 3.18 32.90 10.58
CA ALA A 9 2.87 31.70 11.36
C ALA A 9 1.38 31.65 11.70
N MET A 10 0.62 32.57 11.11
CA MET A 10 -0.82 32.62 11.36
C MET A 10 -1.58 32.71 10.03
N ASP A 11 -2.65 31.94 9.92
CA ASP A 11 -3.47 31.94 8.71
C ASP A 11 -2.58 31.79 7.47
N THR A 12 -1.56 30.96 7.58
CA THR A 12 -0.64 30.74 6.46
C THR A 12 -0.77 29.32 5.94
N SER A 13 -1.00 29.19 4.63
CA SER A 13 -1.15 27.88 4.01
C SER A 13 -0.23 27.76 2.79
N GLU A 14 0.17 26.54 2.49
CA GLU A 14 1.06 26.31 1.34
C GLU A 14 0.62 25.05 0.58
N PRO A 15 -0.46 25.16 -0.15
CA PRO A 15 -1.02 24.03 -0.95
C PRO A 15 -0.01 23.50 -1.97
N ALA A 16 0.05 22.19 -2.11
CA ALA A 16 0.97 21.57 -3.06
C ALA A 16 0.35 20.29 -3.63
N LYS A 17 -0.69 20.45 -4.43
CA LYS A 17 -1.32 19.31 -5.08
C LYS A 17 -0.71 19.07 -6.45
N GLU A 18 -1.46 19.35 -7.51
CA GLU A 18 -0.97 19.17 -8.87
C GLU A 18 -0.55 17.72 -9.09
N GLU A 19 0.74 17.46 -8.92
CA GLU A 19 1.24 16.08 -9.00
C GLU A 19 0.50 15.09 -8.11
N ASP A 20 -0.11 15.61 -7.04
CA ASP A 20 -0.83 14.76 -6.11
C ASP A 20 -2.04 14.13 -6.79
N ASP A 21 -2.42 14.67 -7.94
CA ASP A 21 -3.55 14.14 -8.68
C ASP A 21 -3.29 12.70 -9.11
N TYR A 22 -2.05 12.42 -9.48
CA TYR A 22 -1.68 11.07 -9.91
C TYR A 22 -2.03 10.05 -8.84
N ASP A 23 -2.73 8.99 -9.25
CA ASP A 23 -3.11 7.94 -8.31
C ASP A 23 -2.47 6.61 -8.72
N VAL A 24 -1.76 5.99 -7.77
CA VAL A 24 -1.10 4.73 -8.04
C VAL A 24 -2.13 3.62 -8.25
N MET A 25 -3.22 3.67 -7.49
CA MET A 25 -4.26 2.66 -7.61
C MET A 25 -4.83 2.62 -9.01
N GLN A 26 -4.63 3.72 -9.75
CA GLN A 26 -5.12 3.79 -11.12
C GLN A 26 -4.16 3.10 -12.07
N ASP A 27 -3.09 2.54 -11.52
CA ASP A 27 -2.10 1.83 -12.33
C ASP A 27 -1.80 0.45 -11.76
N PRO A 28 -2.71 -0.47 -11.93
CA PRO A 28 -2.55 -1.86 -11.41
C PRO A 28 -1.28 -2.53 -11.94
N GLU A 29 -0.92 -2.19 -13.18
CA GLU A 29 0.27 -2.78 -13.79
C GLU A 29 1.51 -2.45 -12.97
N PHE A 30 1.63 -1.18 -12.55
CA PHE A 30 2.77 -0.75 -11.76
C PHE A 30 2.77 -1.44 -10.41
N LEU A 31 1.60 -1.53 -9.79
CA LEU A 31 1.47 -2.17 -8.49
C LEU A 31 1.85 -3.65 -8.57
N GLN A 32 1.44 -4.30 -9.65
CA GLN A 32 1.75 -5.72 -9.83
C GLN A 32 3.27 -5.92 -9.92
N SER A 33 3.94 -5.03 -10.65
CA SER A 33 5.38 -5.13 -10.81
C SER A 33 6.08 -4.93 -9.47
N VAL A 34 5.53 -4.05 -8.65
CA VAL A 34 6.11 -3.77 -7.34
C VAL A 34 6.10 -5.03 -6.47
N LEU A 35 4.95 -5.70 -6.43
CA LEU A 35 4.82 -6.92 -5.64
C LEU A 35 5.77 -8.00 -6.15
N GLU A 36 5.87 -8.11 -7.47
CA GLU A 36 6.74 -9.09 -8.09
C GLU A 36 8.21 -8.78 -7.78
N ASN A 37 8.53 -7.49 -7.77
CA ASN A 37 9.90 -7.06 -7.50
C ASN A 37 10.34 -7.51 -6.12
N LEU A 38 9.41 -7.47 -5.17
CA LEU A 38 9.72 -7.88 -3.81
C LEU A 38 10.21 -9.34 -3.78
N PRO A 39 11.18 -9.63 -2.93
CA PRO A 39 11.74 -11.01 -2.82
C PRO A 39 10.77 -11.97 -2.17
N GLY A 40 10.67 -13.18 -2.73
CA GLY A 40 9.78 -14.19 -2.19
C GLY A 40 8.35 -13.94 -2.62
N VAL A 41 8.15 -12.89 -3.42
CA VAL A 41 6.81 -12.53 -3.89
C VAL A 41 6.67 -12.84 -5.38
N ASP A 42 5.65 -13.62 -5.72
CA ASP A 42 5.42 -13.99 -7.10
C ASP A 42 3.96 -13.79 -7.48
N PRO A 43 3.69 -13.45 -8.71
CA PRO A 43 2.31 -13.23 -9.21
C PRO A 43 1.48 -14.51 -9.22
N ASN A 44 2.17 -15.65 -9.16
CA ASN A 44 1.50 -16.95 -9.15
C ASN A 44 1.05 -17.30 -7.74
N ASN A 45 1.43 -16.48 -6.76
CA ASN A 45 1.04 -16.72 -5.38
C ASN A 45 -0.44 -16.46 -5.17
N GLU A 46 -1.09 -17.35 -4.45
CA GLU A 46 -2.51 -17.21 -4.18
C GLU A 46 -2.79 -15.96 -3.35
N ALA A 47 -1.89 -15.69 -2.40
CA ALA A 47 -2.06 -14.53 -1.52
C ALA A 47 -2.07 -13.24 -2.33
N ILE A 48 -1.15 -13.13 -3.29
CA ILE A 48 -1.08 -11.96 -4.14
C ILE A 48 -2.35 -11.80 -4.97
N ARG A 49 -2.80 -12.90 -5.55
CA ARG A 49 -4.01 -12.88 -6.36
C ARG A 49 -5.23 -12.53 -5.52
N ASN A 50 -5.28 -13.09 -4.31
CA ASN A 50 -6.40 -12.82 -3.42
C ASN A 50 -6.44 -11.35 -3.02
N ALA A 51 -5.27 -10.79 -2.75
CA ALA A 51 -5.19 -9.38 -2.35
C ALA A 51 -5.73 -8.48 -3.46
N MET A 52 -5.34 -8.78 -4.70
CA MET A 52 -5.78 -7.98 -5.84
C MET A 52 -7.29 -8.11 -6.02
N GLY A 53 -7.81 -9.31 -5.84
CA GLY A 53 -9.24 -9.53 -5.99
C GLY A 53 -10.04 -8.72 -4.97
N SER A 54 -9.59 -8.75 -3.72
CA SER A 54 -10.27 -8.02 -2.67
C SER A 54 -10.17 -6.51 -2.91
N LEU A 55 -8.98 -6.06 -3.24
CA LEU A 55 -8.74 -4.64 -3.49
C LEU A 55 -9.58 -4.18 -4.68
N ALA A 56 -9.60 -4.98 -5.73
CA ALA A 56 -10.36 -4.64 -6.92
C ALA A 56 -11.85 -4.52 -6.60
N SER A 57 -12.34 -5.44 -5.79
CA SER A 57 -13.76 -5.43 -5.41
C SER A 57 -14.09 -4.15 -4.65
N GLN A 58 -13.24 -3.79 -3.71
CA GLN A 58 -13.45 -2.58 -2.93
C GLN A 58 -13.37 -1.33 -3.80
N ALA A 59 -12.42 -1.33 -4.73
CA ALA A 59 -12.23 -0.20 -5.63
C ALA A 59 -13.47 0.02 -6.49
N THR A 60 -14.04 -1.08 -7.00
CA THR A 60 -15.22 -1.01 -7.83
C THR A 60 -16.32 -1.93 -7.30
N LYS A 61 -17.51 -1.37 -7.11
CA LYS A 61 -18.64 -2.14 -6.60
C LYS A 61 -19.47 -2.68 -7.77
N ASP A 62 -19.70 -4.00 -7.76
CA ASP A 62 -20.48 -4.62 -8.83
C ASP A 62 -21.88 -4.04 -8.88
N GLY A 63 -22.36 -3.79 -10.10
CA GLY A 63 -23.70 -3.23 -10.27
C GLY A 63 -24.69 -4.30 -10.74
N LYS A 64 -24.27 -5.55 -10.66
CA LYS A 64 -25.12 -6.66 -11.09
C LYS A 64 -26.28 -6.84 -10.13
N LYS A 65 -27.46 -7.12 -10.67
CA LYS A 65 -28.65 -7.31 -9.85
C LYS A 65 -29.59 -8.31 -10.50
N ASP A 66 -30.15 -9.21 -9.69
CA ASP A 66 -31.07 -10.21 -10.21
C ASP A 66 -32.29 -9.53 -10.85
N LYS A 67 -32.73 -10.07 -11.97
CA LYS A 67 -33.90 -9.52 -12.66
C LYS A 67 -35.13 -10.38 -12.41
N LYS A 68 -34.94 -11.47 -11.69
CA LYS A 68 -36.04 -12.38 -11.39
C LYS A 68 -35.77 -13.15 -10.09
N GLU A 69 -36.80 -13.81 -9.58
CA GLU A 69 -36.65 -14.59 -8.36
C GLU A 69 -36.11 -13.72 -7.23
N GLU A 70 -36.60 -12.48 -7.15
CA GLU A 70 -36.15 -11.55 -6.12
C GLU A 70 -36.51 -12.08 -4.73
N ASP A 71 -37.70 -12.65 -4.62
CA ASP A 71 -38.16 -13.19 -3.34
C ASP A 71 -37.79 -14.67 -3.22
N LYS A 72 -36.80 -14.95 -2.39
CA LYS A 72 -36.36 -16.34 -2.19
C LYS A 72 -37.50 -17.19 -1.65
N LYS A 73 -38.21 -16.65 -0.67
CA LYS A 73 -39.33 -17.37 -0.06
C LYS A 73 -38.86 -18.72 0.49
N MET B 1 8.55 10.77 -11.57
CA MET B 1 9.25 9.87 -10.63
C MET B 1 8.32 9.48 -9.50
N LYS B 2 7.06 9.88 -9.61
CA LYS B 2 6.07 9.56 -8.59
C LYS B 2 5.90 8.05 -8.46
N ARG B 3 5.94 7.36 -9.60
CA ARG B 3 5.77 5.91 -9.60
C ARG B 3 6.89 5.25 -8.81
N ALA B 4 8.12 5.73 -8.99
CA ALA B 4 9.27 5.19 -8.28
C ALA B 4 9.11 5.41 -6.77
N ALA B 5 8.62 6.58 -6.40
CA ALA B 5 8.44 6.90 -4.99
C ALA B 5 7.45 5.93 -4.34
N ALA B 6 6.39 5.61 -5.07
CA ALA B 6 5.38 4.68 -4.55
C ALA B 6 6.01 3.31 -4.28
N LYS B 7 6.85 2.86 -5.20
CA LYS B 7 7.52 1.58 -5.03
C LYS B 7 8.44 1.60 -3.83
N HIS B 8 9.18 2.70 -3.67
CA HIS B 8 10.13 2.82 -2.58
C HIS B 8 9.41 2.73 -1.24
N LEU B 9 8.25 3.39 -1.13
CA LEU B 9 7.49 3.37 0.10
C LEU B 9 7.06 1.94 0.43
N ILE B 10 6.53 1.24 -0.56
CA ILE B 10 6.09 -0.14 -0.36
C ILE B 10 7.27 -1.02 0.02
N GLU B 11 8.40 -0.84 -0.66
CA GLU B 11 9.59 -1.63 -0.38
C GLU B 11 10.06 -1.40 1.04
N ARG B 12 10.04 -0.13 1.47
CA ARG B 12 10.46 0.20 2.82
C ARG B 12 9.56 -0.46 3.87
N TYR B 13 8.26 -0.44 3.61
CA TYR B 13 7.30 -1.03 4.52
C TYR B 13 7.50 -2.54 4.60
N TYR B 14 7.72 -3.17 3.45
CA TYR B 14 7.92 -4.61 3.39
C TYR B 14 9.15 -5.02 4.19
N HIS B 15 10.25 -4.32 3.95
CA HIS B 15 11.49 -4.61 4.67
C HIS B 15 11.40 -4.28 6.16
N GLN B 16 10.67 -3.22 6.47
CA GLN B 16 10.47 -2.85 7.87
C GLN B 16 9.71 -3.94 8.62
N LEU B 17 8.73 -4.53 7.97
CA LEU B 17 7.95 -5.59 8.59
C LEU B 17 8.76 -6.88 8.69
N THR B 18 9.59 -7.13 7.69
CA THR B 18 10.39 -8.33 7.66
C THR B 18 11.72 -8.12 8.39
N GLU B 19 12.00 -6.87 8.75
CA GLU B 19 13.25 -6.53 9.40
C GLU B 19 12.96 -5.83 10.72
N GLY B 20 12.39 -4.63 10.63
CA GLY B 20 11.92 -3.93 11.84
C GLY B 20 13.07 -3.00 12.23
N CYS B 21 13.16 -2.72 13.52
CA CYS B 21 14.22 -1.85 14.03
C CYS B 21 15.35 -2.67 14.64
N GLY B 22 15.09 -3.96 14.83
CA GLY B 22 16.10 -4.85 15.40
C GLY B 22 16.05 -4.83 16.92
N ASN B 23 15.41 -3.80 17.47
CA ASN B 23 15.31 -3.66 18.92
C ASN B 23 14.14 -4.49 19.45
N GLU B 24 14.34 -5.11 20.60
CA GLU B 24 13.30 -5.94 21.20
C GLU B 24 12.07 -5.10 21.52
N ALA B 25 12.30 -3.88 22.00
CA ALA B 25 11.19 -2.99 22.33
C ALA B 25 10.90 -2.04 21.18
N CYS B 26 9.62 -1.93 20.82
CA CYS B 26 9.21 -1.06 19.73
C CYS B 26 7.83 -0.48 19.99
N THR B 27 7.67 0.81 19.72
CA THR B 27 6.38 1.47 19.95
C THR B 27 5.56 1.51 18.65
N ASN B 28 6.06 0.83 17.62
CA ASN B 28 5.38 0.80 16.34
C ASN B 28 4.72 -0.55 16.12
N GLU B 29 3.40 -0.55 16.03
CA GLU B 29 2.66 -1.79 15.83
C GLU B 29 3.05 -2.46 14.53
N PHE B 30 3.26 -1.65 13.49
CA PHE B 30 3.62 -2.18 12.19
C PHE B 30 5.15 -2.16 12.02
N CYS B 31 5.84 -2.88 12.89
CA CYS B 31 7.29 -2.95 12.83
C CYS B 31 7.79 -4.28 13.39
N ALA B 32 8.68 -4.93 12.64
CA ALA B 32 9.23 -6.21 13.09
C ALA B 32 9.91 -6.06 14.44
N SER B 33 10.09 -7.18 15.13
CA SER B 33 10.71 -7.20 16.44
C SER B 33 9.72 -6.69 17.50
N CYS B 34 8.69 -5.95 17.04
CA CYS B 34 7.71 -5.42 17.95
C CYS B 34 6.88 -6.55 18.56
N PRO B 35 6.83 -6.64 19.87
CA PRO B 35 6.06 -7.71 20.58
C PRO B 35 4.63 -7.85 20.05
N THR B 36 4.05 -6.73 19.64
CA THR B 36 2.69 -6.74 19.11
C THR B 36 2.66 -7.23 17.67
N PHE B 37 3.82 -7.16 17.01
CA PHE B 37 3.95 -7.76 15.68
C PHE B 37 4.46 -9.19 15.61
N LEU B 38 3.84 -10.00 14.75
CA LEU B 38 4.25 -11.39 14.58
C LEU B 38 4.90 -11.59 13.22
N ARG B 39 5.88 -12.49 13.16
CA ARG B 39 6.58 -12.77 11.91
C ARG B 39 5.59 -13.18 10.83
N MET B 40 5.81 -12.68 9.62
CA MET B 40 4.93 -12.99 8.49
C MET B 40 5.73 -13.56 7.33
N ASP B 41 5.04 -14.27 6.44
CA ASP B 41 5.69 -14.86 5.27
C ASP B 41 6.00 -13.78 4.25
N ASN B 42 6.70 -14.16 3.18
CA ASN B 42 7.04 -13.23 2.13
C ASN B 42 5.78 -12.70 1.46
N ASN B 43 4.82 -13.58 1.25
CA ASN B 43 3.56 -13.18 0.63
C ASN B 43 2.69 -12.39 1.61
N ALA B 44 2.64 -12.86 2.85
CA ALA B 44 1.86 -12.18 3.88
C ALA B 44 2.40 -10.79 4.13
N ALA B 45 3.73 -10.67 4.16
CA ALA B 45 4.37 -9.38 4.43
C ALA B 45 4.06 -8.44 3.27
N ALA B 46 4.07 -8.98 2.06
CA ALA B 46 3.80 -8.16 0.88
C ALA B 46 2.42 -7.52 0.96
N ILE B 47 1.45 -8.30 1.42
CA ILE B 47 0.09 -7.80 1.56
C ILE B 47 0.04 -6.70 2.62
N LYS B 48 0.70 -6.94 3.75
CA LYS B 48 0.71 -5.98 4.83
C LYS B 48 1.38 -4.69 4.36
N ALA B 49 2.46 -4.84 3.60
CA ALA B 49 3.18 -3.68 3.08
C ALA B 49 2.29 -2.85 2.17
N LEU B 50 1.52 -3.54 1.32
CA LEU B 50 0.62 -2.85 0.41
C LEU B 50 -0.46 -2.08 1.19
N GLU B 51 -1.01 -2.74 2.20
CA GLU B 51 -2.04 -2.12 3.02
C GLU B 51 -1.48 -0.90 3.75
N LEU B 52 -0.26 -1.02 4.26
CA LEU B 52 0.38 0.07 4.98
C LEU B 52 0.54 1.28 4.07
N TYR B 53 0.87 1.03 2.81
CA TYR B 53 1.05 2.11 1.84
C TYR B 53 -0.25 2.91 1.70
N LYS B 54 -1.37 2.20 1.61
CA LYS B 54 -2.67 2.86 1.44
C LYS B 54 -2.94 3.80 2.61
N ILE B 55 -2.64 3.35 3.82
CA ILE B 55 -2.84 4.16 5.01
C ILE B 55 -1.64 5.06 5.28
N ASN B 56 -0.61 4.90 4.47
CA ASN B 56 0.60 5.70 4.62
C ASN B 56 1.11 5.61 6.06
N ALA B 57 1.05 4.42 6.64
CA ALA B 57 1.52 4.23 8.00
C ALA B 57 2.95 4.72 8.16
N LYS B 58 3.25 5.32 9.30
CA LYS B 58 4.57 5.85 9.57
C LYS B 58 5.56 4.71 9.83
N LEU B 59 6.80 4.90 9.39
CA LEU B 59 7.84 3.89 9.58
C LEU B 59 8.50 4.05 10.94
N CYS B 60 9.06 2.96 11.45
CA CYS B 60 9.73 2.99 12.75
C CYS B 60 10.89 3.98 12.73
N ASP B 61 11.71 3.88 11.69
CA ASP B 61 12.86 4.76 11.57
C ASP B 61 12.43 6.19 11.24
N PRO B 62 13.16 7.16 11.69
CA PRO B 62 12.84 8.60 11.43
C PRO B 62 13.02 8.98 9.97
N HIS B 63 12.24 9.95 9.51
CA HIS B 63 12.31 10.38 8.13
C HIS B 63 13.63 11.12 7.86
N PRO B 64 14.14 11.01 6.67
CA PRO B 64 15.40 11.69 6.27
C PRO B 64 15.51 13.10 6.85
ZN ZN C . 10.49 -0.68 15.36
N SER A 1 -16.44 9.45 -6.41
CA SER A 1 -15.58 10.59 -6.85
C SER A 1 -15.47 11.61 -5.72
N ALA A 2 -14.78 12.71 -5.99
CA ALA A 2 -14.60 13.75 -4.98
C ALA A 2 -15.93 14.41 -4.64
N ASP A 3 -16.10 14.77 -3.38
CA ASP A 3 -17.34 15.40 -2.93
C ASP A 3 -17.23 16.92 -3.05
N ILE A 4 -17.88 17.48 -4.05
CA ILE A 4 -17.86 18.93 -4.26
C ILE A 4 -19.25 19.43 -4.68
N ASP A 5 -19.68 20.52 -4.06
CA ASP A 5 -20.99 21.10 -4.38
C ASP A 5 -21.02 21.58 -5.82
N ALA A 6 -19.92 22.18 -6.27
CA ALA A 6 -19.85 22.68 -7.64
C ALA A 6 -19.95 21.54 -8.64
N SER A 7 -20.71 21.75 -9.71
CA SER A 7 -20.88 20.74 -10.73
C SER A 7 -19.73 20.79 -11.72
N SER A 8 -18.91 21.83 -11.63
CA SER A 8 -17.77 21.99 -12.53
C SER A 8 -16.70 20.96 -12.20
N ALA A 9 -15.80 20.71 -13.15
CA ALA A 9 -14.73 19.75 -12.96
C ALA A 9 -13.38 20.45 -12.92
N MET A 10 -12.48 19.95 -12.08
CA MET A 10 -11.15 20.54 -11.96
C MET A 10 -10.44 20.57 -13.31
N ASP A 11 -10.85 19.66 -14.20
CA ASP A 11 -10.25 19.58 -15.53
C ASP A 11 -10.43 20.90 -16.27
N THR A 12 -11.60 21.52 -16.11
CA THR A 12 -11.90 22.78 -16.77
C THR A 12 -10.67 23.70 -16.73
N SER A 13 -9.79 23.45 -15.78
CA SER A 13 -8.58 24.26 -15.63
C SER A 13 -7.43 23.41 -15.10
N GLU A 14 -6.20 23.92 -15.27
CA GLU A 14 -5.03 23.20 -14.79
C GLU A 14 -4.13 24.12 -13.97
N PRO A 15 -4.63 24.58 -12.86
CA PRO A 15 -3.87 25.51 -11.94
C PRO A 15 -2.75 24.78 -11.22
N ALA A 16 -2.81 23.45 -11.20
CA ALA A 16 -1.80 22.65 -10.52
C ALA A 16 -1.48 21.40 -11.33
N LYS A 17 -0.31 20.82 -11.08
CA LYS A 17 0.12 19.63 -11.79
C LYS A 17 -0.69 18.41 -11.33
N GLU A 18 -1.43 18.59 -10.24
CA GLU A 18 -2.25 17.50 -9.71
C GLU A 18 -1.38 16.30 -9.34
N GLU A 19 -0.15 16.58 -8.92
CA GLU A 19 0.77 15.50 -8.53
C GLU A 19 0.25 14.78 -7.29
N ASP A 20 -0.29 15.53 -6.34
CA ASP A 20 -0.82 14.95 -5.12
C ASP A 20 -2.04 14.08 -5.41
N ASP A 21 -2.85 14.54 -6.37
CA ASP A 21 -4.07 13.81 -6.73
C ASP A 21 -3.71 12.44 -7.29
N TYR A 22 -2.63 12.38 -8.06
CA TYR A 22 -2.20 11.12 -8.66
C TYR A 22 -2.34 9.98 -7.66
N ASP A 23 -3.03 8.92 -8.08
CA ASP A 23 -3.22 7.76 -7.20
C ASP A 23 -2.57 6.52 -7.82
N VAL A 24 -1.71 5.87 -7.06
CA VAL A 24 -1.04 4.67 -7.52
C VAL A 24 -2.04 3.55 -7.78
N MET A 25 -3.11 3.53 -6.98
CA MET A 25 -4.13 2.50 -7.10
C MET A 25 -4.75 2.52 -8.50
N GLN A 26 -4.61 3.66 -9.18
CA GLN A 26 -5.16 3.80 -10.52
C GLN A 26 -4.30 3.07 -11.54
N ASP A 27 -3.22 2.46 -11.05
CA ASP A 27 -2.31 1.73 -11.93
C ASP A 27 -2.02 0.34 -11.38
N PRO A 28 -2.97 -0.55 -11.49
CA PRO A 28 -2.82 -1.95 -10.98
C PRO A 28 -1.60 -2.65 -11.56
N GLU A 29 -1.29 -2.35 -12.81
CA GLU A 29 -0.13 -2.97 -13.46
C GLU A 29 1.15 -2.61 -12.74
N PHE A 30 1.27 -1.36 -12.33
CA PHE A 30 2.46 -0.89 -11.62
C PHE A 30 2.59 -1.59 -10.27
N LEU A 31 1.47 -1.68 -9.56
CA LEU A 31 1.46 -2.33 -8.25
C LEU A 31 1.85 -3.79 -8.37
N GLN A 32 1.37 -4.45 -9.42
CA GLN A 32 1.69 -5.86 -9.65
C GLN A 32 3.18 -6.05 -9.83
N SER A 33 3.80 -5.14 -10.58
CA SER A 33 5.24 -5.22 -10.84
C SER A 33 6.01 -5.12 -9.53
N VAL A 34 5.57 -4.25 -8.63
CA VAL A 34 6.22 -4.07 -7.35
C VAL A 34 6.20 -5.37 -6.55
N LEU A 35 5.03 -6.01 -6.50
CA LEU A 35 4.89 -7.26 -5.77
C LEU A 35 5.79 -8.33 -6.38
N GLU A 36 5.85 -8.37 -7.69
CA GLU A 36 6.68 -9.34 -8.39
C GLU A 36 8.16 -9.10 -8.09
N ASN A 37 8.53 -7.83 -8.02
CA ASN A 37 9.92 -7.45 -7.76
C ASN A 37 10.37 -8.01 -6.41
N LEU A 38 9.49 -7.97 -5.43
CA LEU A 38 9.80 -8.46 -4.10
C LEU A 38 10.20 -9.93 -4.16
N PRO A 39 11.20 -10.32 -3.42
CA PRO A 39 11.70 -11.72 -3.39
C PRO A 39 10.72 -12.67 -2.71
N GLY A 40 10.52 -13.84 -3.32
CA GLY A 40 9.61 -14.83 -2.75
C GLY A 40 8.17 -14.49 -3.07
N VAL A 41 7.96 -13.39 -3.78
CA VAL A 41 6.61 -12.96 -4.14
C VAL A 41 6.46 -12.90 -5.66
N ASP A 42 5.43 -13.57 -6.16
CA ASP A 42 5.17 -13.59 -7.60
C ASP A 42 3.68 -13.48 -7.85
N PRO A 43 3.29 -12.92 -8.97
CA PRO A 43 1.86 -12.91 -9.40
C PRO A 43 1.16 -14.26 -9.31
N ASN A 44 1.92 -15.33 -9.46
CA ASN A 44 1.36 -16.68 -9.40
C ASN A 44 0.93 -17.01 -7.98
N ASN A 45 1.53 -16.33 -7.01
CA ASN A 45 1.08 -16.47 -5.61
C ASN A 45 -0.41 -16.24 -5.40
N GLU A 46 -1.08 -17.23 -4.81
CA GLU A 46 -2.51 -17.13 -4.55
C GLU A 46 -2.79 -15.99 -3.58
N ALA A 47 -1.88 -15.76 -2.64
CA ALA A 47 -2.06 -14.71 -1.66
C ALA A 47 -2.16 -13.35 -2.34
N ILE A 48 -1.26 -13.10 -3.29
CA ILE A 48 -1.27 -11.84 -4.01
C ILE A 48 -2.51 -11.71 -4.88
N ARG A 49 -2.87 -12.82 -5.54
CA ARG A 49 -4.05 -12.81 -6.40
C ARG A 49 -5.30 -12.51 -5.60
N ASN A 50 -5.41 -13.10 -4.42
CA ASN A 50 -6.57 -12.88 -3.56
C ASN A 50 -6.62 -11.43 -3.09
N ALA A 51 -5.45 -10.88 -2.77
CA ALA A 51 -5.37 -9.49 -2.31
C ALA A 51 -5.83 -8.53 -3.40
N MET A 52 -5.39 -8.79 -4.62
CA MET A 52 -5.76 -7.94 -5.76
C MET A 52 -7.26 -8.00 -6.00
N GLY A 53 -7.84 -9.19 -5.85
CA GLY A 53 -9.27 -9.37 -6.05
C GLY A 53 -10.08 -8.52 -5.07
N SER A 54 -9.67 -8.57 -3.80
CA SER A 54 -10.37 -7.79 -2.78
C SER A 54 -10.19 -6.30 -3.02
N LEU A 55 -8.97 -5.90 -3.39
CA LEU A 55 -8.68 -4.50 -3.64
C LEU A 55 -9.51 -3.98 -4.80
N ALA A 56 -9.59 -4.78 -5.86
CA ALA A 56 -10.35 -4.39 -7.04
C ALA A 56 -11.81 -4.18 -6.70
N SER A 57 -12.36 -5.05 -5.85
CA SER A 57 -13.75 -4.94 -5.44
C SER A 57 -14.00 -3.64 -4.69
N GLN A 58 -13.08 -3.29 -3.81
CA GLN A 58 -13.20 -2.06 -3.03
C GLN A 58 -13.16 -0.85 -3.95
N ALA A 59 -12.28 -0.90 -4.95
CA ALA A 59 -12.14 0.21 -5.89
C ALA A 59 -13.43 0.40 -6.70
N THR A 60 -13.76 1.64 -7.00
CA THR A 60 -14.96 1.95 -7.76
C THR A 60 -14.62 2.73 -9.02
N LYS A 61 -15.17 2.28 -10.15
CA LYS A 61 -14.91 2.95 -11.42
C LYS A 61 -16.12 3.79 -11.84
N ASP A 62 -15.85 4.98 -12.35
CA ASP A 62 -16.92 5.88 -12.78
C ASP A 62 -17.75 5.22 -13.89
N GLY A 63 -17.06 4.63 -14.85
CA GLY A 63 -17.74 3.96 -15.96
C GLY A 63 -16.74 3.46 -17.00
N LYS A 64 -17.24 2.93 -18.10
CA LYS A 64 -16.38 2.41 -19.16
C LYS A 64 -16.83 2.97 -20.52
N LYS A 65 -15.87 3.50 -21.27
CA LYS A 65 -16.17 4.05 -22.58
C LYS A 65 -16.15 2.97 -23.65
N ASP A 66 -16.91 3.19 -24.72
CA ASP A 66 -16.98 2.22 -25.81
C ASP A 66 -17.40 0.85 -25.28
N LYS A 67 -18.49 0.83 -24.51
CA LYS A 67 -18.98 -0.42 -23.95
C LYS A 67 -19.33 -1.41 -25.06
N LYS A 68 -19.08 -2.69 -24.81
CA LYS A 68 -19.36 -3.73 -25.79
C LYS A 68 -20.87 -3.95 -25.91
N GLU A 69 -21.33 -4.24 -27.12
CA GLU A 69 -22.75 -4.47 -27.36
C GLU A 69 -23.11 -5.94 -27.08
N GLU A 70 -24.16 -6.14 -26.30
CA GLU A 70 -24.60 -7.50 -25.98
C GLU A 70 -25.18 -8.19 -27.20
N ASP A 71 -24.91 -9.50 -27.31
CA ASP A 71 -25.42 -10.27 -28.44
C ASP A 71 -26.85 -10.73 -28.17
N LYS A 72 -27.42 -11.46 -29.13
CA LYS A 72 -28.78 -11.96 -28.99
C LYS A 72 -28.83 -13.45 -29.28
N LYS A 73 -29.78 -14.14 -28.66
CA LYS A 73 -29.93 -15.58 -28.85
C LYS A 73 -28.61 -16.29 -28.61
N MET B 1 9.85 10.77 -10.65
CA MET B 1 8.52 10.24 -11.05
C MET B 1 7.79 9.72 -9.82
N LYS B 2 6.49 9.97 -9.75
CA LYS B 2 5.68 9.53 -8.62
C LYS B 2 5.68 8.00 -8.54
N ARG B 3 5.60 7.35 -9.70
CA ARG B 3 5.58 5.90 -9.73
C ARG B 3 6.84 5.32 -9.09
N ALA B 4 7.99 5.93 -9.40
CA ALA B 4 9.25 5.48 -8.82
C ALA B 4 9.24 5.63 -7.31
N ALA B 5 8.72 6.75 -6.84
CA ALA B 5 8.64 7.01 -5.41
C ALA B 5 7.76 5.98 -4.72
N ALA B 6 6.65 5.63 -5.37
CA ALA B 6 5.73 4.64 -4.82
C ALA B 6 6.43 3.31 -4.61
N LYS B 7 7.26 2.92 -5.57
CA LYS B 7 7.99 1.66 -5.48
C LYS B 7 8.90 1.66 -4.26
N HIS B 8 9.62 2.75 -4.06
CA HIS B 8 10.54 2.86 -2.94
C HIS B 8 9.79 2.74 -1.62
N LEU B 9 8.63 3.39 -1.54
CA LEU B 9 7.82 3.35 -0.33
C LEU B 9 7.40 1.92 -0.02
N ILE B 10 6.83 1.25 -1.01
CA ILE B 10 6.38 -0.13 -0.83
C ILE B 10 7.56 -1.03 -0.45
N GLU B 11 8.69 -0.85 -1.14
CA GLU B 11 9.87 -1.65 -0.86
C GLU B 11 10.35 -1.42 0.57
N ARG B 12 10.27 -0.17 1.03
CA ARG B 12 10.71 0.16 2.38
C ARG B 12 9.84 -0.55 3.41
N TYR B 13 8.54 -0.59 3.16
CA TYR B 13 7.61 -1.25 4.08
C TYR B 13 7.87 -2.74 4.11
N TYR B 14 8.10 -3.34 2.95
CA TYR B 14 8.35 -4.77 2.86
C TYR B 14 9.58 -5.15 3.67
N HIS B 15 10.67 -4.42 3.46
CA HIS B 15 11.90 -4.69 4.17
C HIS B 15 11.74 -4.42 5.67
N GLN B 16 11.04 -3.33 5.98
CA GLN B 16 10.83 -2.96 7.38
C GLN B 16 10.04 -4.03 8.11
N LEU B 17 9.00 -4.55 7.45
CA LEU B 17 8.17 -5.59 8.04
C LEU B 17 8.97 -6.87 8.24
N THR B 18 9.82 -7.19 7.28
CA THR B 18 10.63 -8.40 7.35
C THR B 18 11.88 -8.16 8.20
N GLU B 19 12.10 -6.90 8.57
CA GLU B 19 13.26 -6.56 9.39
C GLU B 19 12.81 -6.00 10.74
N GLY B 20 12.82 -4.68 10.85
CA GLY B 20 12.42 -4.03 12.10
C GLY B 20 13.26 -2.78 12.35
N CYS B 21 13.23 -2.29 13.59
CA CYS B 21 13.99 -1.10 13.95
C CYS B 21 15.29 -1.49 14.66
N GLY B 22 15.37 -2.75 15.08
CA GLY B 22 16.56 -3.22 15.77
C GLY B 22 16.48 -2.97 17.26
N ASN B 23 15.58 -2.08 17.65
CA ASN B 23 15.41 -1.75 19.06
C ASN B 23 14.71 -2.88 19.79
N GLU B 24 15.20 -3.21 20.98
CA GLU B 24 14.61 -4.29 21.77
C GLU B 24 13.17 -3.96 22.13
N ALA B 25 12.93 -2.69 22.48
CA ALA B 25 11.59 -2.25 22.84
C ALA B 25 11.03 -1.31 21.78
N CYS B 26 9.83 -1.61 21.29
CA CYS B 26 9.20 -0.78 20.28
C CYS B 26 7.69 -0.74 20.48
N THR B 27 7.11 0.45 20.47
CA THR B 27 5.68 0.61 20.65
C THR B 27 5.03 1.07 19.35
N ASN B 28 5.12 0.24 18.32
CA ASN B 28 4.53 0.56 17.02
C ASN B 28 3.76 -0.63 16.47
N GLU B 29 2.49 -0.42 16.16
CA GLU B 29 1.66 -1.49 15.62
C GLU B 29 2.20 -1.98 14.28
N PHE B 30 2.66 -1.04 13.45
CA PHE B 30 3.20 -1.38 12.15
C PHE B 30 4.72 -1.37 12.17
N CYS B 31 5.30 -2.23 12.99
CA CYS B 31 6.74 -2.32 13.10
C CYS B 31 7.16 -3.67 13.69
N ALA B 32 8.21 -4.25 13.13
CA ALA B 32 8.71 -5.54 13.60
C ALA B 32 9.35 -5.39 14.98
N SER B 33 9.72 -6.52 15.57
CA SER B 33 10.34 -6.50 16.89
C SER B 33 9.38 -5.93 17.93
N CYS B 34 8.09 -5.87 17.58
CA CYS B 34 7.08 -5.34 18.48
C CYS B 34 6.29 -6.48 19.12
N PRO B 35 5.84 -6.27 20.32
CA PRO B 35 5.05 -7.29 21.08
C PRO B 35 3.73 -7.61 20.40
N THR B 36 3.25 -6.69 19.56
CA THR B 36 1.99 -6.88 18.86
C THR B 36 2.24 -7.36 17.43
N PHE B 37 3.51 -7.51 17.08
CA PHE B 37 3.88 -7.97 15.74
C PHE B 37 4.35 -9.42 15.78
N LEU B 38 3.72 -10.26 14.96
CA LEU B 38 4.08 -11.67 14.91
C LEU B 38 4.85 -11.98 13.63
N ARG B 39 5.80 -12.90 13.71
CA ARG B 39 6.60 -13.27 12.56
C ARG B 39 5.69 -13.78 11.44
N MET B 40 6.10 -13.53 10.20
CA MET B 40 5.32 -13.95 9.04
C MET B 40 6.23 -14.24 7.85
N ASP B 41 5.65 -14.81 6.79
CA ASP B 41 6.42 -15.13 5.59
C ASP B 41 6.53 -13.93 4.68
N ASN B 42 7.23 -14.11 3.55
CA ASN B 42 7.41 -13.02 2.60
C ASN B 42 6.10 -12.69 1.90
N ASN B 43 5.34 -13.72 1.54
CA ASN B 43 4.07 -13.52 0.86
C ASN B 43 3.12 -12.68 1.72
N ALA B 44 2.99 -13.07 2.99
CA ALA B 44 2.13 -12.32 3.90
C ALA B 44 2.68 -10.91 4.13
N ALA B 45 4.01 -10.81 4.25
CA ALA B 45 4.65 -9.52 4.47
C ALA B 45 4.39 -8.59 3.28
N ALA B 46 4.40 -9.15 2.08
CA ALA B 46 4.15 -8.36 0.88
C ALA B 46 2.75 -7.75 0.93
N ILE B 47 1.78 -8.54 1.38
CA ILE B 47 0.41 -8.06 1.48
C ILE B 47 0.31 -6.90 2.46
N LYS B 48 0.95 -7.06 3.62
CA LYS B 48 0.94 -6.01 4.64
C LYS B 48 1.64 -4.76 4.10
N ALA B 49 2.73 -4.96 3.36
CA ALA B 49 3.47 -3.83 2.79
C ALA B 49 2.58 -3.02 1.87
N LEU B 50 1.78 -3.71 1.05
CA LEU B 50 0.88 -3.03 0.13
C LEU B 50 -0.16 -2.22 0.91
N GLU B 51 -0.73 -2.82 1.95
CA GLU B 51 -1.72 -2.14 2.77
C GLU B 51 -1.09 -0.97 3.50
N LEU B 52 0.13 -1.16 4.01
CA LEU B 52 0.84 -0.10 4.72
C LEU B 52 0.95 1.15 3.85
N TYR B 53 1.32 0.95 2.59
CA TYR B 53 1.45 2.06 1.66
C TYR B 53 0.11 2.76 1.49
N LYS B 54 -0.97 1.98 1.41
CA LYS B 54 -2.29 2.54 1.23
C LYS B 54 -2.62 3.50 2.38
N ILE B 55 -2.33 3.09 3.60
CA ILE B 55 -2.58 3.94 4.76
C ILE B 55 -1.47 4.95 4.95
N ASN B 56 -0.40 4.79 4.19
CA ASN B 56 0.74 5.70 4.29
C ASN B 56 1.26 5.76 5.73
N ALA B 57 1.22 4.62 6.41
CA ALA B 57 1.69 4.56 7.79
C ALA B 57 3.13 5.04 7.89
N LYS B 58 3.44 5.76 8.96
CA LYS B 58 4.79 6.29 9.16
C LYS B 58 5.73 5.18 9.60
N LEU B 59 6.96 5.24 9.11
CA LEU B 59 7.97 4.24 9.45
C LEU B 59 8.47 4.43 10.88
N CYS B 60 8.89 3.34 11.50
CA CYS B 60 9.41 3.41 12.87
C CYS B 60 10.63 4.33 12.94
N ASP B 61 11.55 4.15 11.99
CA ASP B 61 12.75 4.97 11.95
C ASP B 61 12.42 6.40 11.54
N PRO B 62 13.15 7.35 12.04
CA PRO B 62 12.94 8.79 11.72
C PRO B 62 13.27 9.12 10.27
N HIS B 63 12.58 10.12 9.72
CA HIS B 63 12.82 10.52 8.34
C HIS B 63 12.94 12.04 8.24
N PRO B 64 14.06 12.57 8.65
CA PRO B 64 14.32 14.03 8.62
C PRO B 64 14.72 14.50 7.21
ZN ZN C . 10.12 -0.16 15.72
N SER A 1 -0.16 28.42 15.18
CA SER A 1 -0.46 27.32 14.21
C SER A 1 0.64 26.28 14.28
N ALA A 2 0.27 25.06 14.68
CA ALA A 2 1.24 23.98 14.78
C ALA A 2 1.87 23.68 13.42
N ASP A 3 1.05 23.71 12.38
CA ASP A 3 1.52 23.46 11.03
C ASP A 3 2.53 24.53 10.61
N ILE A 4 3.54 24.12 9.85
CA ILE A 4 4.58 25.04 9.40
C ILE A 4 4.55 25.15 7.88
N ASP A 5 4.42 26.38 7.38
CA ASP A 5 4.39 26.61 5.94
C ASP A 5 5.80 26.71 5.38
N ALA A 6 5.89 26.94 4.08
CA ALA A 6 7.19 27.06 3.42
C ALA A 6 7.11 27.99 2.21
N SER A 7 8.25 28.57 1.84
CA SER A 7 8.29 29.48 0.70
C SER A 7 7.96 28.73 -0.58
N SER A 8 7.19 29.37 -1.46
CA SER A 8 6.81 28.76 -2.73
C SER A 8 8.03 28.60 -3.63
N ALA A 9 8.05 27.52 -4.41
CA ALA A 9 9.16 27.26 -5.32
C ALA A 9 8.69 26.41 -6.50
N MET A 10 9.39 26.54 -7.63
CA MET A 10 9.04 25.78 -8.82
C MET A 10 10.28 25.14 -9.44
N ASP A 11 10.20 23.84 -9.70
CA ASP A 11 11.33 23.13 -10.30
C ASP A 11 11.56 23.58 -11.73
N THR A 12 12.81 23.54 -12.17
CA THR A 12 13.15 23.94 -13.54
C THR A 12 12.63 22.92 -14.54
N SER A 13 12.30 21.72 -14.05
CA SER A 13 11.79 20.67 -14.92
C SER A 13 10.37 20.99 -15.38
N GLU A 14 9.75 21.97 -14.73
CA GLU A 14 8.39 22.37 -15.08
C GLU A 14 7.42 21.19 -14.96
N PRO A 15 7.32 20.63 -13.79
CA PRO A 15 6.43 19.46 -13.52
C PRO A 15 4.96 19.85 -13.53
N ALA A 16 4.10 18.89 -13.87
CA ALA A 16 2.66 19.14 -13.90
C ALA A 16 2.15 19.50 -12.51
N LYS A 17 1.18 20.41 -12.45
CA LYS A 17 0.62 20.83 -11.18
C LYS A 17 -0.40 19.81 -10.67
N GLU A 18 -0.87 19.98 -9.44
CA GLU A 18 -1.85 19.07 -8.87
C GLU A 18 -1.37 17.62 -9.00
N GLU A 19 -0.08 17.41 -8.73
CA GLU A 19 0.49 16.07 -8.82
C GLU A 19 -0.16 15.14 -7.81
N ASP A 20 -0.78 15.71 -6.78
CA ASP A 20 -1.44 14.93 -5.75
C ASP A 20 -2.62 14.16 -6.34
N ASP A 21 -3.09 14.62 -7.49
CA ASP A 21 -4.22 13.96 -8.15
C ASP A 21 -3.85 12.54 -8.56
N TYR A 22 -2.60 12.35 -8.99
CA TYR A 22 -2.13 11.04 -9.41
C TYR A 22 -2.34 10.02 -8.30
N ASP A 23 -2.96 8.90 -8.65
CA ASP A 23 -3.21 7.83 -7.69
C ASP A 23 -2.53 6.54 -8.14
N VAL A 24 -1.69 5.99 -7.27
CA VAL A 24 -0.98 4.76 -7.58
C VAL A 24 -1.97 3.61 -7.81
N MET A 25 -3.03 3.60 -7.01
CA MET A 25 -4.05 2.55 -7.11
C MET A 25 -4.77 2.64 -8.46
N GLN A 26 -4.51 3.71 -9.20
CA GLN A 26 -5.13 3.91 -10.50
C GLN A 26 -4.62 2.86 -11.49
N ASP A 27 -3.35 2.48 -11.35
CA ASP A 27 -2.75 1.50 -12.22
C ASP A 27 -2.27 0.28 -11.42
N PRO A 28 -3.15 -0.67 -11.18
CA PRO A 28 -2.82 -1.90 -10.41
C PRO A 28 -1.61 -2.64 -11.00
N GLU A 29 -1.38 -2.46 -12.28
CA GLU A 29 -0.27 -3.11 -12.95
C GLU A 29 1.06 -2.67 -12.33
N PHE A 30 1.15 -1.39 -11.99
CA PHE A 30 2.37 -0.86 -11.39
C PHE A 30 2.63 -1.54 -10.04
N LEU A 31 1.58 -1.62 -9.22
CA LEU A 31 1.69 -2.25 -7.91
C LEU A 31 2.06 -3.72 -8.04
N GLN A 32 1.47 -4.39 -9.03
CA GLN A 32 1.75 -5.80 -9.25
C GLN A 32 3.23 -6.01 -9.56
N SER A 33 3.78 -5.12 -10.37
CA SER A 33 5.20 -5.22 -10.74
C SER A 33 6.07 -5.11 -9.49
N VAL A 34 5.71 -4.19 -8.61
CA VAL A 34 6.47 -3.98 -7.37
C VAL A 34 6.46 -5.25 -6.52
N LEU A 35 5.30 -5.88 -6.42
CA LEU A 35 5.17 -7.09 -5.63
C LEU A 35 6.05 -8.19 -6.21
N GLU A 36 6.09 -8.28 -7.53
CA GLU A 36 6.91 -9.29 -8.20
C GLU A 36 8.38 -9.05 -7.91
N ASN A 37 8.77 -7.78 -7.89
CA ASN A 37 10.16 -7.42 -7.63
C ASN A 37 10.58 -7.89 -6.25
N LEU A 38 9.67 -7.84 -5.29
CA LEU A 38 9.99 -8.23 -3.92
C LEU A 38 10.47 -9.69 -3.88
N PRO A 39 11.47 -10.00 -3.08
CA PRO A 39 12.01 -11.38 -2.99
C PRO A 39 11.04 -12.33 -2.29
N GLY A 40 10.90 -13.52 -2.84
CA GLY A 40 10.01 -14.52 -2.27
C GLY A 40 8.56 -14.24 -2.65
N VAL A 41 8.34 -13.18 -3.44
CA VAL A 41 6.99 -12.83 -3.85
C VAL A 41 6.75 -13.27 -5.29
N ASP A 42 5.69 -14.07 -5.50
CA ASP A 42 5.38 -14.55 -6.83
C ASP A 42 3.91 -14.30 -7.16
N PRO A 43 3.58 -14.05 -8.41
CA PRO A 43 2.17 -13.79 -8.84
C PRO A 43 1.31 -15.05 -8.74
N ASN A 44 1.96 -16.21 -8.71
CA ASN A 44 1.23 -17.47 -8.62
C ASN A 44 0.72 -17.70 -7.21
N ASN A 45 1.21 -16.91 -6.26
CA ASN A 45 0.80 -17.06 -4.87
C ASN A 45 -0.68 -16.74 -4.74
N GLU A 46 -1.41 -17.62 -4.07
CA GLU A 46 -2.84 -17.43 -3.87
C GLU A 46 -3.10 -16.17 -3.08
N ALA A 47 -2.24 -15.90 -2.09
CA ALA A 47 -2.39 -14.71 -1.27
C ALA A 47 -2.31 -13.45 -2.11
N ILE A 48 -1.37 -13.44 -3.05
CA ILE A 48 -1.20 -12.28 -3.92
C ILE A 48 -2.44 -12.07 -4.76
N ARG A 49 -2.95 -13.14 -5.35
CA ARG A 49 -4.14 -13.05 -6.18
C ARG A 49 -5.34 -12.59 -5.36
N ASN A 50 -5.45 -13.11 -4.15
CA ASN A 50 -6.56 -12.75 -3.27
C ASN A 50 -6.51 -11.26 -2.94
N ALA A 51 -5.32 -10.76 -2.64
CA ALA A 51 -5.15 -9.35 -2.30
C ALA A 51 -5.57 -8.47 -3.45
N MET A 52 -5.19 -8.85 -4.67
CA MET A 52 -5.53 -8.07 -5.84
C MET A 52 -7.05 -8.04 -6.03
N GLY A 53 -7.71 -9.16 -5.79
CA GLY A 53 -9.15 -9.24 -5.93
C GLY A 53 -9.85 -8.32 -4.94
N SER A 54 -9.38 -8.33 -3.70
CA SER A 54 -9.96 -7.48 -2.67
C SER A 54 -9.69 -6.00 -2.96
N LEU A 55 -8.49 -5.72 -3.45
CA LEU A 55 -8.13 -4.34 -3.77
C LEU A 55 -9.03 -3.80 -4.87
N ALA A 56 -9.25 -4.60 -5.91
CA ALA A 56 -10.09 -4.18 -7.02
C ALA A 56 -11.52 -3.90 -6.54
N SER A 57 -12.02 -4.76 -5.65
CA SER A 57 -13.36 -4.58 -5.12
C SER A 57 -13.49 -3.26 -4.37
N GLN A 58 -12.47 -2.93 -3.59
CA GLN A 58 -12.48 -1.69 -2.82
C GLN A 58 -12.48 -0.49 -3.76
N ALA A 59 -11.71 -0.57 -4.83
CA ALA A 59 -11.63 0.51 -5.80
C ALA A 59 -13.00 0.77 -6.43
N THR A 60 -13.70 -0.31 -6.75
CA THR A 60 -15.02 -0.21 -7.35
C THR A 60 -16.09 0.03 -6.27
N LYS A 61 -17.27 0.45 -6.71
CA LYS A 61 -18.36 0.71 -5.77
C LYS A 61 -18.87 -0.59 -5.17
N ASP A 62 -19.06 -0.60 -3.85
CA ASP A 62 -19.54 -1.79 -3.16
C ASP A 62 -21.07 -1.80 -3.14
N GLY A 63 -21.67 -2.66 -3.96
CA GLY A 63 -23.12 -2.76 -4.02
C GLY A 63 -23.55 -3.78 -5.08
N LYS A 64 -24.86 -3.95 -5.23
CA LYS A 64 -25.38 -4.89 -6.21
C LYS A 64 -25.21 -4.35 -7.63
N LYS A 65 -24.93 -5.25 -8.57
CA LYS A 65 -24.74 -4.84 -9.96
C LYS A 65 -26.08 -4.48 -10.59
N ASP A 66 -26.05 -3.49 -11.50
CA ASP A 66 -27.26 -3.05 -12.16
C ASP A 66 -27.84 -4.17 -13.02
N LYS A 67 -27.04 -5.20 -13.25
CA LYS A 67 -27.50 -6.33 -14.06
C LYS A 67 -28.70 -7.00 -13.40
N LYS A 68 -28.65 -7.12 -12.07
CA LYS A 68 -29.74 -7.75 -11.33
C LYS A 68 -30.23 -6.83 -10.21
N GLU A 69 -31.52 -6.93 -9.91
CA GLU A 69 -32.11 -6.10 -8.86
C GLU A 69 -33.28 -6.82 -8.21
N GLU A 70 -33.56 -6.47 -6.96
CA GLU A 70 -34.67 -7.09 -6.23
C GLU A 70 -35.99 -6.78 -6.90
N ASP A 71 -36.14 -5.54 -7.37
CA ASP A 71 -37.36 -5.12 -8.04
C ASP A 71 -37.24 -5.31 -9.54
N LYS A 72 -37.85 -6.38 -10.06
CA LYS A 72 -37.81 -6.66 -11.49
C LYS A 72 -38.45 -5.53 -12.28
N LYS A 73 -39.33 -4.77 -11.63
CA LYS A 73 -40.01 -3.65 -12.26
C LYS A 73 -39.80 -2.37 -11.48
N MET B 1 10.54 10.30 -10.14
CA MET B 1 9.12 10.39 -10.57
C MET B 1 8.21 9.95 -9.41
N LYS B 2 6.95 10.30 -9.49
CA LYS B 2 5.99 9.94 -8.45
C LYS B 2 5.86 8.42 -8.35
N ARG B 3 5.84 7.76 -9.50
CA ARG B 3 5.71 6.30 -9.54
C ARG B 3 6.89 5.65 -8.81
N ALA B 4 8.08 6.20 -9.03
CA ALA B 4 9.27 5.65 -8.38
C ALA B 4 9.16 5.77 -6.86
N ALA B 5 8.63 6.90 -6.40
CA ALA B 5 8.48 7.13 -4.97
C ALA B 5 7.53 6.11 -4.36
N ALA B 6 6.45 5.78 -5.09
CA ALA B 6 5.48 4.81 -4.61
C ALA B 6 6.16 3.45 -4.41
N LYS B 7 7.01 3.07 -5.37
CA LYS B 7 7.70 1.80 -5.29
C LYS B 7 8.64 1.78 -4.08
N HIS B 8 9.36 2.88 -3.88
CA HIS B 8 10.29 2.97 -2.76
C HIS B 8 9.58 2.80 -1.43
N LEU B 9 8.42 3.44 -1.29
CA LEU B 9 7.65 3.34 -0.06
C LEU B 9 7.20 1.91 0.18
N ILE B 10 6.68 1.26 -0.86
CA ILE B 10 6.24 -0.12 -0.74
C ILE B 10 7.40 -1.02 -0.38
N GLU B 11 8.52 -0.84 -1.08
CA GLU B 11 9.70 -1.66 -0.82
C GLU B 11 10.19 -1.43 0.60
N ARG B 12 10.26 -0.16 1.01
CA ARG B 12 10.71 0.17 2.35
C ARG B 12 9.77 -0.40 3.41
N TYR B 13 8.47 -0.30 3.15
CA TYR B 13 7.48 -0.81 4.08
C TYR B 13 7.64 -2.32 4.27
N TYR B 14 7.77 -3.03 3.16
CA TYR B 14 7.94 -4.47 3.21
C TYR B 14 9.21 -4.86 3.94
N HIS B 15 10.32 -4.23 3.55
CA HIS B 15 11.60 -4.53 4.17
C HIS B 15 11.65 -4.17 5.65
N GLN B 16 11.02 -3.05 6.00
CA GLN B 16 10.94 -2.65 7.40
C GLN B 16 10.03 -3.57 8.19
N LEU B 17 8.94 -4.00 7.57
CA LEU B 17 8.01 -4.88 8.24
C LEU B 17 8.69 -6.19 8.62
N THR B 18 9.48 -6.73 7.69
CA THR B 18 10.18 -7.99 7.96
C THR B 18 11.45 -7.75 8.77
N GLU B 19 12.33 -6.88 8.29
CA GLU B 19 13.53 -6.53 9.04
C GLU B 19 13.25 -5.90 10.40
N GLY B 20 12.43 -4.87 10.42
CA GLY B 20 11.94 -4.32 11.70
C GLY B 20 12.89 -3.17 11.99
N CYS B 21 12.86 -2.68 13.21
CA CYS B 21 13.73 -1.57 13.61
C CYS B 21 14.92 -2.09 14.40
N GLY B 22 14.86 -3.36 14.80
CA GLY B 22 15.96 -3.96 15.55
C GLY B 22 15.71 -3.85 17.05
N ASN B 23 14.82 -2.95 17.43
CA ASN B 23 14.49 -2.74 18.84
C ASN B 23 13.53 -3.82 19.32
N GLU B 24 13.94 -4.57 20.34
CA GLU B 24 13.10 -5.63 20.87
C GLU B 24 11.81 -5.05 21.44
N ALA B 25 11.93 -3.93 22.13
CA ALA B 25 10.77 -3.27 22.73
C ALA B 25 10.21 -2.21 21.79
N CYS B 26 9.91 -2.61 20.56
CA CYS B 26 9.37 -1.70 19.57
C CYS B 26 8.00 -1.19 20.00
N THR B 27 7.81 0.13 19.91
CA THR B 27 6.55 0.73 20.29
C THR B 27 5.64 0.94 19.08
N ASN B 28 6.08 0.45 17.93
CA ASN B 28 5.30 0.58 16.71
C ASN B 28 4.61 -0.73 16.37
N GLU B 29 3.28 -0.71 16.35
CA GLU B 29 2.52 -1.91 16.06
C GLU B 29 2.85 -2.42 14.66
N PHE B 30 3.02 -1.50 13.72
CA PHE B 30 3.34 -1.89 12.36
C PHE B 30 4.85 -1.94 12.16
N CYS B 31 5.52 -2.78 12.95
CA CYS B 31 6.97 -2.91 12.84
C CYS B 31 7.43 -4.25 13.41
N ALA B 32 8.40 -4.87 12.74
CA ALA B 32 8.92 -6.16 13.19
C ALA B 32 9.70 -5.98 14.49
N SER B 33 9.93 -7.09 15.17
CA SER B 33 10.65 -7.09 16.44
C SER B 33 9.77 -6.55 17.56
N CYS B 34 8.46 -6.55 17.34
CA CYS B 34 7.52 -6.06 18.34
C CYS B 34 6.60 -7.20 18.81
N PRO B 35 6.12 -7.14 20.02
CA PRO B 35 5.21 -8.19 20.58
C PRO B 35 3.87 -8.26 19.86
N THR B 36 3.40 -7.10 19.38
CA THR B 36 2.26 -7.12 18.44
C THR B 36 2.45 -7.55 16.98
N PHE B 37 3.63 -8.06 16.66
CA PHE B 37 3.98 -8.34 15.28
C PHE B 37 4.38 -9.80 15.27
N LEU B 38 3.76 -10.57 14.37
CA LEU B 38 4.06 -11.99 14.26
C LEU B 38 4.78 -12.27 12.95
N ARG B 39 5.71 -13.22 12.98
CA ARG B 39 6.48 -13.58 11.81
C ARG B 39 5.56 -14.13 10.73
N MET B 40 5.84 -13.78 9.48
CA MET B 40 5.05 -14.23 8.35
C MET B 40 5.90 -14.40 7.10
N ASP B 41 5.32 -15.00 6.08
CA ASP B 41 6.02 -15.24 4.83
C ASP B 41 6.19 -13.94 4.06
N ASN B 42 7.09 -13.95 3.09
CA ASN B 42 7.35 -12.77 2.29
C ASN B 42 6.09 -12.34 1.56
N ASN B 43 5.34 -13.31 1.05
CA ASN B 43 4.11 -13.02 0.33
C ASN B 43 3.12 -12.32 1.25
N ALA B 44 2.91 -12.89 2.42
CA ALA B 44 1.99 -12.30 3.38
C ALA B 44 2.49 -10.93 3.83
N ALA B 45 3.80 -10.83 4.06
CA ALA B 45 4.39 -9.57 4.47
C ALA B 45 4.20 -8.51 3.40
N ALA B 46 4.33 -8.91 2.14
CA ALA B 46 4.15 -7.98 1.03
C ALA B 46 2.76 -7.36 1.04
N ILE B 47 1.76 -8.19 1.33
CA ILE B 47 0.38 -7.71 1.36
C ILE B 47 0.21 -6.68 2.48
N LYS B 48 0.76 -6.98 3.66
CA LYS B 48 0.66 -6.07 4.78
C LYS B 48 1.35 -4.75 4.43
N ALA B 49 2.50 -4.86 3.78
CA ALA B 49 3.23 -3.67 3.39
C ALA B 49 2.42 -2.83 2.42
N LEU B 50 1.74 -3.50 1.48
CA LEU B 50 0.92 -2.78 0.50
C LEU B 50 -0.20 -2.03 1.20
N GLU B 51 -0.84 -2.68 2.16
CA GLU B 51 -1.94 -2.07 2.90
C GLU B 51 -1.46 -0.85 3.67
N LEU B 52 -0.26 -0.94 4.25
CA LEU B 52 0.32 0.18 5.01
C LEU B 52 0.48 1.39 4.12
N TYR B 53 0.93 1.17 2.89
CA TYR B 53 1.11 2.26 1.94
C TYR B 53 -0.21 2.96 1.70
N LYS B 54 -1.26 2.17 1.51
CA LYS B 54 -2.59 2.72 1.26
C LYS B 54 -3.00 3.67 2.38
N ILE B 55 -2.78 3.26 3.62
CA ILE B 55 -3.12 4.09 4.77
C ILE B 55 -1.99 5.07 5.09
N ASN B 56 -0.91 4.97 4.34
CA ASN B 56 0.24 5.84 4.55
C ASN B 56 0.70 5.75 6.00
N ALA B 57 0.70 4.53 6.54
CA ALA B 57 1.13 4.33 7.91
C ALA B 57 2.52 4.92 8.13
N LYS B 58 2.71 5.52 9.30
CA LYS B 58 3.98 6.15 9.63
C LYS B 58 5.05 5.10 9.92
N LEU B 59 6.29 5.40 9.52
CA LEU B 59 7.39 4.49 9.72
C LEU B 59 7.83 4.47 11.19
N CYS B 60 8.39 3.34 11.60
CA CYS B 60 8.84 3.20 12.98
C CYS B 60 9.88 4.24 13.33
N ASP B 61 10.88 4.40 12.46
CA ASP B 61 11.94 5.37 12.68
C ASP B 61 12.14 6.24 11.44
N PRO B 62 12.51 7.49 11.60
CA PRO B 62 12.75 8.42 10.45
C PRO B 62 13.99 8.03 9.65
N HIS B 63 14.00 8.40 8.37
CA HIS B 63 15.12 8.07 7.50
C HIS B 63 16.36 8.88 7.88
N PRO B 64 17.54 8.34 7.70
CA PRO B 64 18.81 9.05 8.04
C PRO B 64 19.07 10.24 7.11
ZN ZN C . 10.04 -0.69 15.33
N SER A 1 -24.76 20.22 15.99
CA SER A 1 -23.41 19.77 15.53
C SER A 1 -22.74 20.90 14.75
N ALA A 2 -23.42 21.36 13.69
CA ALA A 2 -22.88 22.42 12.87
C ALA A 2 -22.69 23.69 13.69
N ASP A 3 -23.66 23.98 14.57
CA ASP A 3 -23.59 25.16 15.41
C ASP A 3 -22.36 25.10 16.32
N ILE A 4 -22.09 23.91 16.85
CA ILE A 4 -20.94 23.73 17.73
C ILE A 4 -19.65 24.06 17.00
N ASP A 5 -19.52 23.55 15.78
CA ASP A 5 -18.32 23.79 14.98
C ASP A 5 -18.16 25.28 14.69
N ALA A 6 -19.29 25.95 14.43
CA ALA A 6 -19.26 27.38 14.14
C ALA A 6 -18.26 27.69 13.04
N SER A 7 -17.09 28.18 13.42
CA SER A 7 -16.04 28.52 12.46
C SER A 7 -15.43 27.25 11.89
N SER A 8 -14.77 27.39 10.73
CA SER A 8 -14.14 26.25 10.09
C SER A 8 -12.99 26.70 9.19
N ALA A 9 -12.17 25.75 8.76
CA ALA A 9 -11.04 26.07 7.90
C ALA A 9 -11.51 26.66 6.57
N MET A 10 -12.59 26.10 6.03
CA MET A 10 -13.14 26.59 4.76
C MET A 10 -12.07 26.53 3.68
N ASP A 11 -11.33 25.43 3.64
CA ASP A 11 -10.29 25.26 2.63
C ASP A 11 -10.88 25.21 1.23
N THR A 12 -10.16 25.73 0.26
CA THR A 12 -10.63 25.74 -1.13
C THR A 12 -9.76 24.85 -1.99
N SER A 13 -10.40 23.90 -2.68
CA SER A 13 -9.68 22.97 -3.54
C SER A 13 -9.20 23.68 -4.79
N GLU A 14 -8.05 23.22 -5.33
CA GLU A 14 -7.50 23.80 -6.53
C GLU A 14 -7.17 22.72 -7.56
N PRO A 15 -7.28 23.04 -8.83
CA PRO A 15 -6.97 22.07 -9.92
C PRO A 15 -5.66 21.32 -9.68
N ALA A 16 -4.90 21.76 -8.68
CA ALA A 16 -3.63 21.12 -8.35
C ALA A 16 -3.85 19.66 -7.98
N LYS A 17 -4.94 19.39 -7.27
CA LYS A 17 -5.25 18.02 -6.86
C LYS A 17 -5.30 17.09 -8.07
N GLU A 18 -5.99 15.97 -7.91
CA GLU A 18 -6.12 15.01 -9.00
C GLU A 18 -4.74 14.60 -9.52
N GLU A 19 -4.17 15.41 -10.40
CA GLU A 19 -2.87 15.11 -10.97
C GLU A 19 -1.81 15.04 -9.88
N ASP A 20 -1.86 16.00 -8.95
CA ASP A 20 -0.90 16.02 -7.85
C ASP A 20 -1.09 14.81 -6.95
N ASP A 21 -2.34 14.47 -6.67
CA ASP A 21 -2.64 13.33 -5.82
C ASP A 21 -2.15 12.04 -6.45
N TYR A 22 -2.33 11.94 -7.77
CA TYR A 22 -1.90 10.75 -8.50
C TYR A 22 -2.19 9.48 -7.69
N ASP A 23 -3.35 8.89 -7.93
CA ASP A 23 -3.72 7.67 -7.21
C ASP A 23 -2.96 6.47 -7.77
N VAL A 24 -2.11 5.89 -6.94
CA VAL A 24 -1.32 4.73 -7.34
C VAL A 24 -2.22 3.54 -7.63
N MET A 25 -3.35 3.47 -6.91
CA MET A 25 -4.28 2.36 -7.08
C MET A 25 -4.77 2.30 -8.52
N GLN A 26 -4.76 3.44 -9.20
CA GLN A 26 -5.20 3.51 -10.59
C GLN A 26 -4.18 2.83 -11.50
N ASP A 27 -3.05 2.42 -10.92
CA ASP A 27 -2.00 1.76 -11.69
C ASP A 27 -1.65 0.41 -11.06
N PRO A 28 -2.57 -0.52 -11.09
CA PRO A 28 -2.36 -1.87 -10.50
C PRO A 28 -1.24 -2.64 -11.19
N GLU A 29 -1.04 -2.35 -12.47
CA GLU A 29 0.01 -3.02 -13.23
C GLU A 29 1.39 -2.70 -12.63
N PHE A 30 1.60 -1.42 -12.32
CA PHE A 30 2.87 -1.00 -11.73
C PHE A 30 3.07 -1.65 -10.36
N LEU A 31 2.01 -1.65 -9.57
CA LEU A 31 2.07 -2.25 -8.23
C LEU A 31 2.39 -3.74 -8.31
N GLN A 32 1.78 -4.40 -9.30
CA GLN A 32 2.00 -5.83 -9.48
C GLN A 32 3.48 -6.11 -9.74
N SER A 33 4.10 -5.28 -10.56
CA SER A 33 5.51 -5.45 -10.89
C SER A 33 6.37 -5.35 -9.64
N VAL A 34 6.05 -4.40 -8.77
CA VAL A 34 6.79 -4.21 -7.54
C VAL A 34 6.72 -5.46 -6.67
N LEU A 35 5.51 -6.01 -6.53
CA LEU A 35 5.31 -7.20 -5.73
C LEU A 35 6.12 -8.37 -6.28
N GLU A 36 6.13 -8.49 -7.60
CA GLU A 36 6.89 -9.56 -8.25
C GLU A 36 8.38 -9.36 -8.04
N ASN A 37 8.82 -8.11 -8.06
CA ASN A 37 10.24 -7.79 -7.88
C ASN A 37 10.72 -8.30 -6.53
N LEU A 38 9.85 -8.18 -5.53
CA LEU A 38 10.22 -8.62 -4.19
C LEU A 38 10.60 -10.10 -4.19
N PRO A 39 11.59 -10.47 -3.41
CA PRO A 39 12.06 -11.88 -3.33
C PRO A 39 11.05 -12.80 -2.65
N GLY A 40 10.84 -13.97 -3.22
CA GLY A 40 9.91 -14.94 -2.66
C GLY A 40 8.47 -14.55 -2.98
N VAL A 41 8.30 -13.49 -3.78
CA VAL A 41 6.98 -13.03 -4.14
C VAL A 41 6.71 -13.26 -5.62
N ASP A 42 5.63 -13.98 -5.92
CA ASP A 42 5.29 -14.26 -7.30
C ASP A 42 3.78 -14.08 -7.53
N PRO A 43 3.39 -13.69 -8.72
CA PRO A 43 1.96 -13.48 -9.08
C PRO A 43 1.17 -14.77 -9.04
N ASN A 44 1.86 -15.90 -9.12
CA ASN A 44 1.21 -17.20 -9.10
C ASN A 44 0.68 -17.50 -7.70
N ASN A 45 1.17 -16.77 -6.71
CA ASN A 45 0.73 -16.98 -5.33
C ASN A 45 -0.75 -16.67 -5.19
N GLU A 46 -1.47 -17.57 -4.53
CA GLU A 46 -2.91 -17.40 -4.32
C GLU A 46 -3.17 -16.14 -3.49
N ALA A 47 -2.29 -15.87 -2.54
CA ALA A 47 -2.44 -14.71 -1.68
C ALA A 47 -2.42 -13.42 -2.51
N ILE A 48 -1.52 -13.37 -3.48
CA ILE A 48 -1.40 -12.20 -4.33
C ILE A 48 -2.68 -11.97 -5.12
N ARG A 49 -3.19 -13.04 -5.71
CA ARG A 49 -4.43 -12.95 -6.49
C ARG A 49 -5.59 -12.50 -5.60
N ASN A 50 -5.70 -13.12 -4.43
CA ASN A 50 -6.77 -12.77 -3.50
C ASN A 50 -6.64 -11.32 -3.04
N ALA A 51 -5.40 -10.89 -2.83
CA ALA A 51 -5.16 -9.52 -2.38
C ALA A 51 -5.69 -8.52 -3.40
N MET A 52 -5.45 -8.79 -4.67
CA MET A 52 -5.92 -7.90 -5.73
C MET A 52 -7.45 -7.88 -5.78
N GLY A 53 -8.06 -9.05 -5.56
CA GLY A 53 -9.51 -9.14 -5.58
C GLY A 53 -10.12 -8.32 -4.44
N SER A 54 -9.52 -8.42 -3.26
CA SER A 54 -10.00 -7.68 -2.10
C SER A 54 -9.86 -6.19 -2.32
N LEU A 55 -8.75 -5.80 -2.94
CA LEU A 55 -8.51 -4.38 -3.19
C LEU A 55 -9.61 -3.80 -4.08
N ALA A 56 -9.96 -4.53 -5.12
CA ALA A 56 -11.00 -4.09 -6.04
C ALA A 56 -12.38 -4.50 -5.53
N SER A 57 -12.39 -5.30 -4.46
CA SER A 57 -13.65 -5.77 -3.88
C SER A 57 -14.56 -6.34 -4.96
N GLN A 58 -13.96 -7.08 -5.90
CA GLN A 58 -14.73 -7.68 -6.97
C GLN A 58 -15.74 -8.68 -6.43
N ALA A 59 -15.31 -9.45 -5.43
CA ALA A 59 -16.18 -10.46 -4.83
C ALA A 59 -17.42 -9.80 -4.22
N THR A 60 -17.20 -8.66 -3.56
CA THR A 60 -18.31 -7.94 -2.93
C THR A 60 -19.31 -7.47 -3.98
N LYS A 61 -20.59 -7.69 -3.70
CA LYS A 61 -21.64 -7.28 -4.62
C LYS A 61 -21.73 -5.77 -4.72
N ASP A 62 -21.14 -5.08 -3.75
CA ASP A 62 -21.15 -3.62 -3.73
C ASP A 62 -22.58 -3.11 -3.78
N GLY A 63 -23.47 -3.78 -3.06
CA GLY A 63 -24.87 -3.38 -3.02
C GLY A 63 -25.11 -2.33 -1.95
N LYS A 64 -26.37 -1.99 -1.72
CA LYS A 64 -26.71 -0.98 -0.71
C LYS A 64 -26.28 -1.44 0.68
N LYS A 65 -26.46 -2.73 0.95
CA LYS A 65 -26.08 -3.29 2.25
C LYS A 65 -26.71 -2.48 3.38
N ASP A 66 -27.97 -2.12 3.21
CA ASP A 66 -28.69 -1.34 4.22
C ASP A 66 -28.77 -2.13 5.52
N LYS A 67 -28.65 -1.42 6.64
CA LYS A 67 -28.73 -2.06 7.95
C LYS A 67 -29.73 -1.35 8.84
N LYS A 68 -30.32 -2.09 9.78
CA LYS A 68 -31.31 -1.52 10.69
C LYS A 68 -30.61 -0.75 11.80
N GLU A 69 -31.34 0.19 12.40
CA GLU A 69 -30.79 1.00 13.49
C GLU A 69 -29.50 1.67 13.05
N GLU A 70 -29.57 2.42 11.96
CA GLU A 70 -28.38 3.12 11.46
C GLU A 70 -27.88 4.13 12.48
N ASP A 71 -26.57 4.33 12.51
CA ASP A 71 -25.98 5.29 13.44
C ASP A 71 -25.98 6.70 12.85
N LYS A 72 -26.88 7.53 13.36
CA LYS A 72 -26.99 8.90 12.87
C LYS A 72 -25.69 9.66 13.12
N LYS A 73 -25.10 9.44 14.29
CA LYS A 73 -23.85 10.11 14.64
C LYS A 73 -22.66 9.25 14.26
N MET B 1 8.11 10.92 -11.65
CA MET B 1 8.91 10.45 -10.48
C MET B 1 7.97 9.93 -9.41
N LYS B 2 6.67 10.16 -9.59
CA LYS B 2 5.68 9.71 -8.61
C LYS B 2 5.69 8.18 -8.50
N ARG B 3 5.77 7.52 -9.66
CA ARG B 3 5.78 6.06 -9.68
C ARG B 3 7.03 5.53 -8.96
N ALA B 4 8.16 6.17 -9.20
CA ALA B 4 9.42 5.75 -8.57
C ALA B 4 9.32 5.89 -7.05
N ALA B 5 8.72 6.98 -6.60
CA ALA B 5 8.58 7.22 -5.17
C ALA B 5 7.74 6.13 -4.52
N ALA B 6 6.67 5.73 -5.19
CA ALA B 6 5.80 4.68 -4.67
C ALA B 6 6.56 3.38 -4.50
N LYS B 7 7.40 3.06 -5.47
CA LYS B 7 8.19 1.84 -5.42
C LYS B 7 9.09 1.83 -4.19
N HIS B 8 9.74 2.95 -3.94
CA HIS B 8 10.65 3.06 -2.80
C HIS B 8 9.89 2.87 -1.49
N LEU B 9 8.71 3.48 -1.41
CA LEU B 9 7.89 3.36 -0.20
C LEU B 9 7.47 1.92 0.03
N ILE B 10 7.05 1.24 -1.03
CA ILE B 10 6.63 -0.15 -0.92
C ILE B 10 7.78 -1.02 -0.45
N GLU B 11 8.96 -0.82 -1.04
CA GLU B 11 10.13 -1.61 -0.66
C GLU B 11 10.50 -1.34 0.80
N ARG B 12 10.39 -0.07 1.21
CA ARG B 12 10.74 0.30 2.58
C ARG B 12 9.82 -0.40 3.57
N TYR B 13 8.53 -0.43 3.25
CA TYR B 13 7.56 -1.09 4.13
C TYR B 13 7.81 -2.59 4.19
N TYR B 14 8.09 -3.18 3.05
CA TYR B 14 8.34 -4.62 2.98
C TYR B 14 9.58 -4.99 3.78
N HIS B 15 10.67 -4.27 3.55
CA HIS B 15 11.90 -4.52 4.26
C HIS B 15 11.73 -4.26 5.75
N GLN B 16 11.02 -3.19 6.08
CA GLN B 16 10.78 -2.84 7.48
C GLN B 16 10.01 -3.93 8.22
N LEU B 17 9.04 -4.52 7.53
CA LEU B 17 8.28 -5.62 8.12
C LEU B 17 9.11 -6.89 8.24
N THR B 18 9.93 -7.14 7.22
CA THR B 18 10.77 -8.33 7.21
C THR B 18 12.02 -8.13 8.07
N GLU B 19 12.28 -6.87 8.42
CA GLU B 19 13.46 -6.56 9.24
C GLU B 19 13.04 -5.93 10.57
N GLY B 20 12.54 -4.70 10.51
CA GLY B 20 11.95 -4.07 11.69
C GLY B 20 12.86 -2.89 12.00
N CYS B 21 12.91 -2.52 13.27
CA CYS B 21 13.75 -1.39 13.70
C CYS B 21 15.06 -1.90 14.27
N GLY B 22 15.12 -3.19 14.55
CA GLY B 22 16.33 -3.79 15.10
C GLY B 22 16.31 -3.76 16.62
N ASN B 23 15.47 -2.90 17.18
CA ASN B 23 15.37 -2.78 18.63
C ASN B 23 14.68 -4.01 19.22
N GLU B 24 15.13 -4.42 20.39
CA GLU B 24 14.55 -5.58 21.06
C GLU B 24 13.07 -5.33 21.38
N ALA B 25 12.68 -4.06 21.38
CA ALA B 25 11.29 -3.70 21.67
C ALA B 25 10.86 -2.53 20.79
N CYS B 26 9.56 -2.50 20.48
CA CYS B 26 9.02 -1.43 19.64
C CYS B 26 7.65 -1.01 20.14
N THR B 27 7.41 0.30 20.17
CA THR B 27 6.14 0.83 20.63
C THR B 27 5.18 1.04 19.46
N ASN B 28 5.63 0.66 18.27
CA ASN B 28 4.80 0.81 17.07
C ASN B 28 4.11 -0.51 16.74
N GLU B 29 2.78 -0.49 16.76
CA GLU B 29 2.02 -1.70 16.46
C GLU B 29 2.33 -2.19 15.05
N PHE B 30 2.48 -1.26 14.12
CA PHE B 30 2.78 -1.62 12.74
C PHE B 30 4.27 -1.60 12.49
N CYS B 31 5.02 -2.42 13.23
CA CYS B 31 6.46 -2.50 13.06
C CYS B 31 6.98 -3.87 13.51
N ALA B 32 7.92 -4.41 12.75
CA ALA B 32 8.50 -5.71 13.07
C ALA B 32 9.35 -5.61 14.34
N SER B 33 9.62 -6.76 14.94
CA SER B 33 10.42 -6.81 16.17
C SER B 33 9.60 -6.36 17.36
N CYS B 34 8.27 -6.32 17.19
CA CYS B 34 7.39 -5.90 18.26
C CYS B 34 6.58 -7.11 18.80
N PRO B 35 6.21 -7.08 20.05
CA PRO B 35 5.43 -8.17 20.69
C PRO B 35 4.00 -8.27 20.14
N THR B 36 3.50 -7.15 19.63
CA THR B 36 2.21 -7.16 18.94
C THR B 36 2.21 -7.44 17.43
N PHE B 37 3.32 -8.00 16.97
CA PHE B 37 3.54 -8.14 15.52
C PHE B 37 4.18 -9.51 15.32
N LEU B 38 3.56 -10.32 14.48
CA LEU B 38 4.07 -11.66 14.21
C LEU B 38 4.78 -11.69 12.86
N ARG B 39 5.98 -12.28 12.84
CA ARG B 39 6.75 -12.36 11.62
C ARG B 39 5.88 -12.82 10.46
N MET B 40 6.04 -12.16 9.31
CA MET B 40 5.25 -12.49 8.14
C MET B 40 6.13 -13.07 7.03
N ASP B 41 5.57 -13.96 6.23
CA ASP B 41 6.31 -14.58 5.14
C ASP B 41 6.57 -13.54 4.05
N ASN B 42 7.25 -13.97 2.99
CA ASN B 42 7.51 -13.08 1.86
C ASN B 42 6.21 -12.65 1.20
N ASN B 43 5.28 -13.59 1.06
CA ASN B 43 4.00 -13.29 0.46
C ASN B 43 3.12 -12.51 1.42
N ALA B 44 3.12 -12.92 2.69
CA ALA B 44 2.31 -12.24 3.70
C ALA B 44 2.80 -10.80 3.90
N ALA B 45 4.12 -10.63 3.85
CA ALA B 45 4.71 -9.32 4.12
C ALA B 45 4.36 -8.41 2.95
N ALA B 46 4.37 -8.99 1.75
CA ALA B 46 4.06 -8.22 0.55
C ALA B 46 2.65 -7.63 0.63
N ILE B 47 1.71 -8.42 1.10
CA ILE B 47 0.34 -7.97 1.24
C ILE B 47 0.24 -6.87 2.28
N LYS B 48 0.90 -7.09 3.41
CA LYS B 48 0.89 -6.10 4.48
C LYS B 48 1.53 -4.79 4.01
N ALA B 49 2.60 -4.91 3.25
CA ALA B 49 3.30 -3.74 2.73
C ALA B 49 2.37 -2.94 1.82
N LEU B 50 1.62 -3.66 0.98
CA LEU B 50 0.70 -3.00 0.06
C LEU B 50 -0.37 -2.24 0.85
N GLU B 51 -0.91 -2.88 1.87
CA GLU B 51 -1.96 -2.25 2.68
C GLU B 51 -1.39 -1.07 3.44
N LEU B 52 -0.17 -1.22 3.97
CA LEU B 52 0.47 -0.16 4.72
C LEU B 52 0.70 1.07 3.83
N TYR B 53 1.13 0.81 2.60
CA TYR B 53 1.37 1.89 1.64
C TYR B 53 0.07 2.65 1.38
N LYS B 54 -1.02 1.92 1.17
CA LYS B 54 -2.30 2.55 0.90
C LYS B 54 -2.68 3.51 2.02
N ILE B 55 -2.54 3.05 3.26
CA ILE B 55 -2.86 3.87 4.42
C ILE B 55 -1.70 4.80 4.75
N ASN B 56 -0.58 4.60 4.08
CA ASN B 56 0.59 5.42 4.31
C ASN B 56 0.95 5.44 5.79
N ALA B 57 0.86 4.27 6.44
CA ALA B 57 1.18 4.17 7.86
C ALA B 57 2.56 4.74 8.14
N LYS B 58 2.68 5.48 9.22
CA LYS B 58 3.95 6.08 9.60
C LYS B 58 5.02 5.01 9.82
N LEU B 59 6.25 5.33 9.45
CA LEU B 59 7.36 4.39 9.60
C LEU B 59 7.94 4.48 11.01
N CYS B 60 8.51 3.37 11.46
CA CYS B 60 9.10 3.32 12.80
C CYS B 60 10.22 4.35 12.92
N ASP B 61 11.10 4.38 11.93
CA ASP B 61 12.23 5.32 11.93
C ASP B 61 12.31 6.07 10.60
N PRO B 62 11.47 7.05 10.40
CA PRO B 62 11.45 7.85 9.15
C PRO B 62 12.79 8.52 8.88
N HIS B 63 13.18 8.55 7.61
CA HIS B 63 14.45 9.18 7.22
C HIS B 63 14.42 10.68 7.50
N PRO B 64 13.32 11.32 7.19
CA PRO B 64 13.16 12.80 7.42
C PRO B 64 13.33 13.17 8.88
ZN ZN C . 9.88 -0.43 15.29
N SER A 1 7.32 9.47 -18.13
CA SER A 1 8.60 10.21 -18.18
C SER A 1 8.33 11.70 -17.97
N ALA A 2 9.40 12.46 -17.73
CA ALA A 2 9.27 13.90 -17.52
C ALA A 2 8.65 14.56 -18.75
N ASP A 3 9.07 14.12 -19.93
CA ASP A 3 8.55 14.67 -21.17
C ASP A 3 7.04 14.41 -21.29
N ILE A 4 6.32 15.39 -21.82
CA ILE A 4 4.87 15.26 -21.99
C ILE A 4 4.48 15.61 -23.42
N ASP A 5 3.33 15.07 -23.85
CA ASP A 5 2.84 15.33 -25.20
C ASP A 5 2.51 16.81 -25.38
N ALA A 6 2.80 17.33 -26.57
CA ALA A 6 2.52 18.73 -26.86
C ALA A 6 1.02 19.01 -26.79
N SER A 7 0.23 18.07 -27.29
CA SER A 7 -1.22 18.21 -27.26
C SER A 7 -1.74 18.33 -25.84
N SER A 8 -1.22 17.49 -24.96
CA SER A 8 -1.64 17.52 -23.56
C SER A 8 -1.27 18.85 -22.91
N ALA A 9 -0.10 19.38 -23.29
CA ALA A 9 0.36 20.64 -22.73
C ALA A 9 -0.60 21.77 -23.12
N MET A 10 -1.05 21.76 -24.38
CA MET A 10 -1.96 22.78 -24.86
C MET A 10 -3.29 22.71 -24.11
N ASP A 11 -3.75 21.49 -23.86
CA ASP A 11 -5.01 21.29 -23.15
C ASP A 11 -4.96 21.90 -21.77
N THR A 12 -3.86 21.67 -21.06
CA THR A 12 -3.70 22.20 -19.71
C THR A 12 -2.41 23.02 -19.62
N SER A 13 -2.53 24.25 -19.12
CA SER A 13 -1.38 25.12 -18.99
C SER A 13 -0.47 24.65 -17.85
N GLU A 14 -1.00 23.79 -17.00
CA GLU A 14 -0.24 23.27 -15.87
C GLU A 14 -0.34 21.75 -15.80
N PRO A 15 0.40 21.06 -16.62
CA PRO A 15 0.41 19.56 -16.66
C PRO A 15 0.71 18.96 -15.29
N ALA A 16 1.30 19.76 -14.43
CA ALA A 16 1.64 19.30 -13.09
C ALA A 16 0.39 18.89 -12.31
N LYS A 17 -0.69 19.64 -12.51
CA LYS A 17 -1.94 19.35 -11.79
C LYS A 17 -2.46 17.95 -12.10
N GLU A 18 -2.50 17.59 -13.37
CA GLU A 18 -2.96 16.27 -13.76
C GLU A 18 -1.97 15.20 -13.33
N GLU A 19 -0.69 15.52 -13.40
CA GLU A 19 0.35 14.59 -12.98
C GLU A 19 0.25 14.30 -11.49
N ASP A 20 0.01 15.34 -10.70
CA ASP A 20 -0.10 15.19 -9.26
C ASP A 20 -1.30 14.31 -8.90
N ASP A 21 -2.38 14.44 -9.67
CA ASP A 21 -3.59 13.68 -9.42
C ASP A 21 -3.32 12.19 -9.61
N TYR A 22 -2.20 11.85 -10.24
CA TYR A 22 -1.84 10.47 -10.47
C TYR A 22 -1.97 9.66 -9.18
N ASP A 23 -2.74 8.57 -9.25
CA ASP A 23 -2.95 7.72 -8.09
C ASP A 23 -2.30 6.36 -8.32
N VAL A 24 -1.38 6.00 -7.43
CA VAL A 24 -0.69 4.72 -7.54
C VAL A 24 -1.67 3.56 -7.37
N MET A 25 -2.62 3.72 -6.45
CA MET A 25 -3.58 2.67 -6.17
C MET A 25 -4.45 2.42 -7.41
N GLN A 26 -4.55 3.42 -8.27
CA GLN A 26 -5.33 3.29 -9.50
C GLN A 26 -4.50 2.63 -10.60
N ASP A 27 -3.28 2.24 -10.25
CA ASP A 27 -2.39 1.59 -11.21
C ASP A 27 -1.94 0.23 -10.67
N PRO A 28 -2.82 -0.74 -10.68
CA PRO A 28 -2.51 -2.11 -10.17
C PRO A 28 -1.41 -2.79 -10.98
N GLU A 29 -1.30 -2.41 -12.25
CA GLU A 29 -0.28 -3.01 -13.11
C GLU A 29 1.12 -2.69 -12.57
N PHE A 30 1.32 -1.44 -12.18
CA PHE A 30 2.60 -1.01 -11.64
C PHE A 30 2.86 -1.70 -10.30
N LEU A 31 1.83 -1.72 -9.46
CA LEU A 31 1.94 -2.33 -8.14
C LEU A 31 2.26 -3.82 -8.26
N GLN A 32 1.62 -4.47 -9.23
CA GLN A 32 1.84 -5.89 -9.43
C GLN A 32 3.30 -6.16 -9.79
N SER A 33 3.87 -5.30 -10.63
CA SER A 33 5.25 -5.46 -11.05
C SER A 33 6.18 -5.35 -9.84
N VAL A 34 5.88 -4.40 -8.96
CA VAL A 34 6.70 -4.20 -7.77
C VAL A 34 6.66 -5.43 -6.88
N LEU A 35 5.47 -5.99 -6.68
CA LEU A 35 5.30 -7.17 -5.84
C LEU A 35 6.09 -8.33 -6.42
N GLU A 36 6.07 -8.48 -7.72
CA GLU A 36 6.80 -9.55 -8.38
C GLU A 36 8.30 -9.39 -8.16
N ASN A 37 8.76 -8.16 -8.24
CA ASN A 37 10.17 -7.86 -8.05
C ASN A 37 10.63 -8.33 -6.67
N LEU A 38 9.76 -8.19 -5.68
CA LEU A 38 10.12 -8.59 -4.33
C LEU A 38 10.54 -10.07 -4.28
N PRO A 39 11.51 -10.41 -3.45
CA PRO A 39 12.00 -11.82 -3.34
C PRO A 39 10.97 -12.74 -2.70
N GLY A 40 10.82 -13.93 -3.26
CA GLY A 40 9.89 -14.91 -2.74
C GLY A 40 8.46 -14.51 -3.06
N VAL A 41 8.29 -13.49 -3.89
CA VAL A 41 6.96 -13.01 -4.25
C VAL A 41 6.69 -13.30 -5.72
N ASP A 42 5.60 -14.02 -5.98
CA ASP A 42 5.23 -14.35 -7.36
C ASP A 42 3.76 -14.03 -7.63
N PRO A 43 3.42 -13.64 -8.84
CA PRO A 43 2.02 -13.32 -9.21
C PRO A 43 1.11 -14.53 -9.20
N ASN A 44 1.71 -15.72 -9.27
CA ASN A 44 0.94 -16.96 -9.27
C ASN A 44 0.55 -17.35 -7.84
N ASN A 45 0.97 -16.55 -6.87
CA ASN A 45 0.66 -16.83 -5.48
C ASN A 45 -0.83 -16.62 -5.22
N GLU A 46 -1.43 -17.57 -4.53
CA GLU A 46 -2.84 -17.48 -4.21
C GLU A 46 -3.12 -16.25 -3.35
N ALA A 47 -2.20 -15.95 -2.44
CA ALA A 47 -2.37 -14.80 -1.57
C ALA A 47 -2.42 -13.51 -2.39
N ILE A 48 -1.55 -13.42 -3.39
CA ILE A 48 -1.51 -12.23 -4.23
C ILE A 48 -2.82 -12.06 -4.98
N ARG A 49 -3.31 -13.15 -5.56
CA ARG A 49 -4.56 -13.10 -6.31
C ARG A 49 -5.71 -12.65 -5.42
N ASN A 50 -5.79 -13.24 -4.23
CA ASN A 50 -6.85 -12.89 -3.29
C ASN A 50 -6.73 -11.43 -2.87
N ALA A 51 -5.50 -10.98 -2.65
CA ALA A 51 -5.26 -9.60 -2.24
C ALA A 51 -5.76 -8.62 -3.30
N MET A 52 -5.51 -8.93 -4.56
CA MET A 52 -5.95 -8.08 -5.65
C MET A 52 -7.47 -8.01 -5.70
N GLY A 53 -8.12 -9.14 -5.45
CA GLY A 53 -9.58 -9.20 -5.46
C GLY A 53 -10.16 -8.28 -4.40
N SER A 54 -9.60 -8.34 -3.20
CA SER A 54 -10.06 -7.50 -2.10
C SER A 54 -9.81 -6.03 -2.39
N LEU A 55 -8.66 -5.73 -2.98
CA LEU A 55 -8.31 -4.36 -3.29
C LEU A 55 -9.36 -3.76 -4.21
N ALA A 56 -9.74 -4.50 -5.23
CA ALA A 56 -10.74 -4.03 -6.18
C ALA A 56 -12.15 -4.38 -5.70
N SER A 57 -12.22 -5.20 -4.65
CA SER A 57 -13.50 -5.61 -4.11
C SER A 57 -14.41 -6.13 -5.21
N GLN A 58 -13.86 -6.95 -6.10
CA GLN A 58 -14.63 -7.50 -7.20
C GLN A 58 -15.10 -8.91 -6.87
N ALA A 59 -16.23 -9.01 -6.17
CA ALA A 59 -16.78 -10.31 -5.80
C ALA A 59 -18.30 -10.24 -5.69
N THR A 60 -18.96 -11.36 -5.94
CA THR A 60 -20.41 -11.42 -5.87
C THR A 60 -21.05 -10.23 -6.58
N LYS A 61 -22.37 -10.19 -6.61
CA LYS A 61 -23.06 -9.10 -7.26
C LYS A 61 -22.83 -7.79 -6.51
N ASP A 62 -22.85 -7.86 -5.18
CA ASP A 62 -22.65 -6.67 -4.36
C ASP A 62 -21.28 -6.06 -4.60
N GLY A 63 -20.24 -6.90 -4.56
CA GLY A 63 -18.88 -6.41 -4.79
C GLY A 63 -18.68 -6.00 -6.24
N LYS A 64 -19.23 -6.80 -7.15
CA LYS A 64 -19.11 -6.51 -8.58
C LYS A 64 -19.74 -5.15 -8.90
N LYS A 65 -18.99 -4.31 -9.60
CA LYS A 65 -19.49 -2.99 -9.97
C LYS A 65 -20.47 -3.11 -11.13
N ASP A 66 -21.49 -2.26 -11.12
CA ASP A 66 -22.49 -2.25 -12.18
C ASP A 66 -21.86 -1.92 -13.52
N LYS A 67 -20.92 -0.98 -13.50
CA LYS A 67 -20.24 -0.56 -14.72
C LYS A 67 -21.24 -0.09 -15.77
N LYS A 68 -22.30 0.57 -15.31
CA LYS A 68 -23.32 1.08 -16.20
C LYS A 68 -23.83 -0.04 -17.13
N GLU A 69 -23.93 -1.24 -16.58
CA GLU A 69 -24.39 -2.39 -17.36
C GLU A 69 -23.71 -2.42 -18.73
N GLU A 70 -22.44 -2.04 -18.75
CA GLU A 70 -21.69 -2.03 -20.01
C GLU A 70 -21.52 -3.45 -20.53
N ASP A 71 -21.86 -3.63 -21.82
CA ASP A 71 -21.74 -4.94 -22.45
C ASP A 71 -20.32 -5.17 -22.96
N LYS A 72 -20.13 -6.27 -23.66
CA LYS A 72 -18.81 -6.60 -24.21
C LYS A 72 -18.91 -6.86 -25.70
N LYS A 73 -17.87 -6.48 -26.43
CA LYS A 73 -17.83 -6.66 -27.87
C LYS A 73 -16.46 -7.14 -28.32
N MET B 1 8.59 9.95 -12.31
CA MET B 1 9.34 9.96 -11.02
C MET B 1 8.41 9.53 -9.89
N LYS B 2 7.13 9.82 -10.04
CA LYS B 2 6.14 9.46 -9.02
C LYS B 2 6.09 7.95 -8.84
N ARG B 3 6.18 7.21 -9.94
CA ARG B 3 6.15 5.75 -9.89
C ARG B 3 7.33 5.22 -9.09
N ALA B 4 8.50 5.79 -9.33
CA ALA B 4 9.70 5.36 -8.62
C ALA B 4 9.56 5.60 -7.13
N ALA B 5 9.00 6.76 -6.77
CA ALA B 5 8.81 7.10 -5.36
C ALA B 5 7.87 6.10 -4.69
N ALA B 6 6.81 5.73 -5.41
CA ALA B 6 5.84 4.78 -4.88
C ALA B 6 6.50 3.43 -4.62
N LYS B 7 7.35 3.01 -5.55
CA LYS B 7 8.05 1.73 -5.40
C LYS B 7 8.97 1.75 -4.20
N HIS B 8 9.69 2.86 -4.01
CA HIS B 8 10.61 2.97 -2.90
C HIS B 8 9.87 2.87 -1.57
N LEU B 9 8.72 3.51 -1.48
CA LEU B 9 7.93 3.48 -0.26
C LEU B 9 7.49 2.06 0.05
N ILE B 10 6.99 1.36 -0.97
CA ILE B 10 6.55 -0.01 -0.78
C ILE B 10 7.72 -0.89 -0.35
N GLU B 11 8.86 -0.71 -1.01
CA GLU B 11 10.04 -1.51 -0.68
C GLU B 11 10.47 -1.24 0.75
N ARG B 12 10.43 0.02 1.16
CA ARG B 12 10.84 0.39 2.50
C ARG B 12 9.94 -0.28 3.54
N TYR B 13 8.64 -0.29 3.27
CA TYR B 13 7.69 -0.91 4.19
C TYR B 13 7.93 -2.42 4.27
N TYR B 14 8.18 -3.02 3.11
CA TYR B 14 8.43 -4.46 3.07
C TYR B 14 9.66 -4.83 3.88
N HIS B 15 10.75 -4.11 3.65
CA HIS B 15 11.98 -4.37 4.37
C HIS B 15 11.81 -4.12 5.86
N GLN B 16 11.13 -3.04 6.19
CA GLN B 16 10.90 -2.71 7.59
C GLN B 16 10.00 -3.74 8.28
N LEU B 17 8.99 -4.21 7.55
CA LEU B 17 8.09 -5.21 8.09
C LEU B 17 8.82 -6.53 8.31
N THR B 18 9.61 -6.93 7.31
CA THR B 18 10.35 -8.19 7.40
C THR B 18 11.50 -8.07 8.40
N GLU B 19 12.00 -6.86 8.57
CA GLU B 19 13.11 -6.62 9.49
C GLU B 19 12.63 -5.93 10.76
N GLY B 20 12.40 -4.62 10.66
CA GLY B 20 11.84 -3.87 11.78
C GLY B 20 12.71 -2.64 11.99
N CYS B 21 12.79 -2.20 13.24
CA CYS B 21 13.60 -1.03 13.58
C CYS B 21 14.94 -1.45 14.15
N GLY B 22 15.10 -2.74 14.42
CA GLY B 22 16.34 -3.26 14.96
C GLY B 22 16.31 -3.29 16.49
N ASN B 23 15.38 -2.53 17.06
CA ASN B 23 15.24 -2.48 18.51
C ASN B 23 14.71 -3.80 19.05
N GLU B 24 15.14 -4.14 20.25
CA GLU B 24 14.72 -5.39 20.87
C GLU B 24 13.21 -5.40 21.07
N ALA B 25 12.67 -4.26 21.47
CA ALA B 25 11.23 -4.14 21.69
C ALA B 25 10.70 -2.87 21.02
N CYS B 26 9.61 -3.03 20.26
CA CYS B 26 9.01 -1.90 19.56
C CYS B 26 7.54 -1.75 19.95
N THR B 27 7.16 -0.54 20.34
CA THR B 27 5.79 -0.27 20.73
C THR B 27 4.98 0.28 19.55
N ASN B 28 4.96 -0.47 18.45
CA ASN B 28 4.22 -0.06 17.27
C ASN B 28 3.66 -1.27 16.54
N GLU B 29 2.35 -1.25 16.29
CA GLU B 29 1.69 -2.36 15.61
C GLU B 29 2.27 -2.53 14.21
N PHE B 30 2.50 -1.43 13.52
CA PHE B 30 3.03 -1.48 12.16
C PHE B 30 4.56 -1.48 12.18
N CYS B 31 5.15 -2.48 12.84
CA CYS B 31 6.59 -2.58 12.91
C CYS B 31 7.01 -3.91 13.53
N ALA B 32 8.10 -4.48 13.03
CA ALA B 32 8.60 -5.74 13.55
C ALA B 32 9.17 -5.54 14.95
N SER B 33 9.68 -6.62 15.53
CA SER B 33 10.26 -6.56 16.87
C SER B 33 9.19 -6.19 17.88
N CYS B 34 7.94 -6.19 17.44
CA CYS B 34 6.83 -5.85 18.31
C CYS B 34 6.06 -7.12 18.71
N PRO B 35 5.96 -7.45 19.99
CA PRO B 35 5.21 -8.68 20.45
C PRO B 35 3.83 -8.79 19.81
N THR B 36 3.18 -7.65 19.59
CA THR B 36 1.84 -7.65 18.99
C THR B 36 1.91 -8.06 17.51
N PHE B 37 3.07 -7.86 16.90
CA PHE B 37 3.29 -8.31 15.53
C PHE B 37 4.10 -9.59 15.40
N LEU B 38 3.63 -10.51 14.57
CA LEU B 38 4.32 -11.78 14.35
C LEU B 38 4.97 -11.80 12.97
N ARG B 39 6.12 -12.45 12.88
CA ARG B 39 6.84 -12.54 11.62
C ARG B 39 5.95 -13.11 10.53
N MET B 40 6.03 -12.52 9.35
CA MET B 40 5.22 -12.95 8.21
C MET B 40 6.11 -13.40 7.06
N ASP B 41 5.56 -14.23 6.18
CA ASP B 41 6.29 -14.73 5.03
C ASP B 41 6.47 -13.62 3.99
N ASN B 42 7.28 -13.89 2.99
CA ASN B 42 7.53 -12.90 1.96
C ASN B 42 6.23 -12.50 1.27
N ASN B 43 5.39 -13.48 0.97
CA ASN B 43 4.13 -13.21 0.32
C ASN B 43 3.21 -12.42 1.25
N ALA B 44 3.13 -12.88 2.50
CA ALA B 44 2.27 -12.21 3.47
C ALA B 44 2.77 -10.81 3.77
N ALA B 45 4.08 -10.67 3.91
CA ALA B 45 4.68 -9.38 4.17
C ALA B 45 4.38 -8.42 3.03
N ALA B 46 4.43 -8.93 1.81
CA ALA B 46 4.17 -8.09 0.64
C ALA B 46 2.76 -7.51 0.70
N ILE B 47 1.79 -8.34 1.07
CA ILE B 47 0.41 -7.87 1.16
C ILE B 47 0.27 -6.82 2.24
N LYS B 48 0.88 -7.07 3.39
CA LYS B 48 0.80 -6.14 4.50
C LYS B 48 1.50 -4.84 4.10
N ALA B 49 2.63 -4.96 3.42
CA ALA B 49 3.38 -3.81 2.98
C ALA B 49 2.53 -2.95 2.05
N LEU B 50 1.80 -3.61 1.15
CA LEU B 50 0.95 -2.87 0.22
C LEU B 50 -0.13 -2.10 0.97
N GLU B 51 -0.75 -2.74 1.96
CA GLU B 51 -1.79 -2.11 2.74
C GLU B 51 -1.26 -0.90 3.48
N LEU B 52 -0.03 -1.02 4.01
CA LEU B 52 0.59 0.08 4.75
C LEU B 52 0.75 1.30 3.85
N TYR B 53 1.17 1.05 2.61
CA TYR B 53 1.34 2.14 1.65
C TYR B 53 0.02 2.85 1.42
N LYS B 54 -1.06 2.08 1.25
CA LYS B 54 -2.37 2.65 1.01
C LYS B 54 -2.75 3.61 2.14
N ILE B 55 -2.55 3.17 3.36
CA ILE B 55 -2.86 4.01 4.53
C ILE B 55 -1.73 4.98 4.81
N ASN B 56 -0.65 4.85 4.06
CA ASN B 56 0.50 5.72 4.23
C ASN B 56 0.99 5.64 5.68
N ALA B 57 1.01 4.43 6.23
CA ALA B 57 1.47 4.26 7.60
C ALA B 57 2.84 4.89 7.79
N LYS B 58 3.03 5.55 8.93
CA LYS B 58 4.30 6.21 9.23
C LYS B 58 5.37 5.18 9.58
N LEU B 59 6.60 5.46 9.17
CA LEU B 59 7.71 4.57 9.45
C LEU B 59 8.13 4.67 10.91
N CYS B 60 8.58 3.54 11.46
CA CYS B 60 9.02 3.50 12.84
C CYS B 60 10.17 4.47 13.06
N ASP B 61 11.15 4.40 12.17
CA ASP B 61 12.31 5.26 12.29
C ASP B 61 11.94 6.72 12.02
N PRO B 62 12.64 7.68 12.62
CA PRO B 62 12.35 9.13 12.40
C PRO B 62 12.26 9.49 10.92
N HIS B 63 11.31 10.35 10.58
CA HIS B 63 11.13 10.75 9.18
C HIS B 63 12.29 11.62 8.70
N PRO B 64 12.63 11.56 7.43
CA PRO B 64 13.75 12.36 6.86
C PRO B 64 13.44 13.86 6.86
ZN ZN C . 9.80 -0.29 15.37
N SER A 1 -26.37 15.80 10.85
CA SER A 1 -26.23 16.21 9.43
C SER A 1 -25.48 15.13 8.66
N ALA A 2 -25.17 15.42 7.40
CA ALA A 2 -24.46 14.46 6.56
C ALA A 2 -23.60 15.19 5.52
N ASP A 3 -22.54 14.54 5.08
CA ASP A 3 -21.66 15.14 4.08
C ASP A 3 -22.20 14.90 2.68
N ILE A 4 -21.45 15.36 1.67
CA ILE A 4 -21.86 15.19 0.28
C ILE A 4 -20.84 14.36 -0.48
N ASP A 5 -21.31 13.28 -1.11
CA ASP A 5 -20.44 12.41 -1.88
C ASP A 5 -20.44 12.81 -3.35
N ALA A 6 -21.05 13.95 -3.64
CA ALA A 6 -21.11 14.44 -5.02
C ALA A 6 -19.71 14.72 -5.55
N SER A 7 -19.50 14.39 -6.83
CA SER A 7 -18.20 14.61 -7.45
C SER A 7 -17.94 16.11 -7.64
N SER A 8 -16.66 16.48 -7.59
CA SER A 8 -16.29 17.88 -7.76
C SER A 8 -16.71 18.39 -9.14
N ALA A 9 -16.54 17.54 -10.15
CA ALA A 9 -16.90 17.91 -11.51
C ALA A 9 -17.31 16.67 -12.31
N MET A 10 -18.18 16.87 -13.29
CA MET A 10 -18.64 15.76 -14.12
C MET A 10 -17.48 15.16 -14.90
N ASP A 11 -16.61 16.03 -15.42
CA ASP A 11 -15.46 15.58 -16.20
C ASP A 11 -14.25 15.38 -15.28
N THR A 12 -13.99 14.13 -14.93
CA THR A 12 -12.86 13.81 -14.05
C THR A 12 -11.54 14.09 -14.77
N SER A 13 -11.61 14.30 -16.07
CA SER A 13 -10.41 14.59 -16.85
C SER A 13 -9.79 15.92 -16.40
N GLU A 14 -10.63 16.89 -16.11
CA GLU A 14 -10.14 18.20 -15.66
C GLU A 14 -9.20 18.05 -14.47
N PRO A 15 -9.68 17.56 -13.36
CA PRO A 15 -8.84 17.38 -12.12
C PRO A 15 -7.70 16.40 -12.34
N ALA A 16 -7.90 15.46 -13.26
CA ALA A 16 -6.88 14.47 -13.57
C ALA A 16 -5.62 15.15 -14.10
N LYS A 17 -5.81 16.22 -14.87
CA LYS A 17 -4.68 16.93 -15.46
C LYS A 17 -3.62 17.21 -14.38
N GLU A 18 -4.04 17.30 -13.13
CA GLU A 18 -3.12 17.56 -12.04
C GLU A 18 -2.26 16.34 -11.77
N GLU A 19 -0.95 16.52 -11.81
CA GLU A 19 -0.02 15.43 -11.57
C GLU A 19 -0.11 14.95 -10.11
N ASP A 20 -0.26 15.90 -9.19
CA ASP A 20 -0.35 15.57 -7.77
C ASP A 20 -1.53 14.65 -7.51
N ASP A 21 -2.62 14.88 -8.22
CA ASP A 21 -3.83 14.07 -8.05
C ASP A 21 -3.56 12.63 -8.48
N TYR A 22 -2.41 12.39 -9.12
CA TYR A 22 -2.06 11.05 -9.55
C TYR A 22 -2.25 10.04 -8.43
N ASP A 23 -2.98 8.98 -8.74
CA ASP A 23 -3.23 7.93 -7.76
C ASP A 23 -2.53 6.63 -8.18
N VAL A 24 -1.72 6.09 -7.27
CA VAL A 24 -1.00 4.86 -7.54
C VAL A 24 -1.98 3.71 -7.82
N MET A 25 -3.07 3.68 -7.04
CA MET A 25 -4.07 2.63 -7.20
C MET A 25 -4.73 2.70 -8.57
N GLN A 26 -4.46 3.79 -9.28
CA GLN A 26 -5.02 3.97 -10.61
C GLN A 26 -4.44 2.95 -11.59
N ASP A 27 -3.21 2.50 -11.31
CA ASP A 27 -2.57 1.52 -12.17
C ASP A 27 -2.24 0.23 -11.39
N PRO A 28 -3.21 -0.65 -11.28
CA PRO A 28 -3.02 -1.96 -10.55
C PRO A 28 -1.83 -2.75 -11.09
N GLU A 29 -1.59 -2.62 -12.39
CA GLU A 29 -0.49 -3.33 -13.01
C GLU A 29 0.84 -2.91 -12.39
N PHE A 30 0.98 -1.61 -12.14
CA PHE A 30 2.20 -1.08 -11.54
C PHE A 30 2.41 -1.68 -10.17
N LEU A 31 1.34 -1.72 -9.38
CA LEU A 31 1.41 -2.28 -8.03
C LEU A 31 1.79 -3.76 -8.09
N GLN A 32 1.21 -4.47 -9.05
CA GLN A 32 1.50 -5.89 -9.19
C GLN A 32 2.97 -6.12 -9.49
N SER A 33 3.53 -5.28 -10.36
CA SER A 33 4.93 -5.40 -10.73
C SER A 33 5.83 -5.20 -9.52
N VAL A 34 5.42 -4.31 -8.63
CA VAL A 34 6.20 -4.02 -7.43
C VAL A 34 6.30 -5.27 -6.56
N LEU A 35 5.18 -5.95 -6.37
CA LEU A 35 5.16 -7.16 -5.57
C LEU A 35 6.05 -8.23 -6.18
N GLU A 36 5.99 -8.35 -7.50
CA GLU A 36 6.80 -9.33 -8.20
C GLU A 36 8.29 -9.02 -8.02
N ASN A 37 8.62 -7.74 -8.06
CA ASN A 37 10.00 -7.31 -7.91
C ASN A 37 10.54 -7.78 -6.57
N LEU A 38 9.70 -7.73 -5.55
CA LEU A 38 10.15 -8.13 -4.22
C LEU A 38 10.63 -9.60 -4.21
N PRO A 39 11.67 -9.89 -3.47
CA PRO A 39 12.22 -11.28 -3.40
C PRO A 39 11.30 -12.24 -2.67
N GLY A 40 11.14 -13.44 -3.21
CA GLY A 40 10.28 -14.44 -2.59
C GLY A 40 8.81 -14.16 -2.89
N VAL A 41 8.56 -13.12 -3.69
CA VAL A 41 7.19 -12.75 -4.03
C VAL A 41 6.92 -13.01 -5.50
N ASP A 42 5.88 -13.76 -5.79
CA ASP A 42 5.53 -14.08 -7.17
C ASP A 42 4.04 -13.81 -7.43
N PRO A 43 3.68 -13.43 -8.64
CA PRO A 43 2.26 -13.17 -9.00
C PRO A 43 1.41 -14.44 -8.99
N ASN A 44 2.08 -15.58 -9.06
CA ASN A 44 1.38 -16.87 -9.06
C ASN A 44 0.93 -17.24 -7.64
N ASN A 45 1.24 -16.39 -6.68
CA ASN A 45 0.88 -16.63 -5.30
C ASN A 45 -0.62 -16.41 -5.10
N GLU A 46 -1.26 -17.32 -4.39
CA GLU A 46 -2.69 -17.22 -4.13
C GLU A 46 -2.99 -16.00 -3.28
N ALA A 47 -2.12 -15.71 -2.32
CA ALA A 47 -2.31 -14.57 -1.44
C ALA A 47 -2.35 -13.27 -2.24
N ILE A 48 -1.42 -13.13 -3.17
CA ILE A 48 -1.37 -11.93 -4.01
C ILE A 48 -2.63 -11.83 -4.87
N ARG A 49 -3.05 -12.94 -5.45
CA ARG A 49 -4.23 -12.93 -6.29
C ARG A 49 -5.46 -12.50 -5.49
N ASN A 50 -5.62 -13.07 -4.31
CA ASN A 50 -6.74 -12.73 -3.45
C ASN A 50 -6.67 -11.27 -3.01
N ALA A 51 -5.45 -10.81 -2.73
CA ALA A 51 -5.25 -9.44 -2.29
C ALA A 51 -5.72 -8.45 -3.36
N MET A 52 -5.40 -8.75 -4.61
CA MET A 52 -5.81 -7.87 -5.71
C MET A 52 -7.33 -7.87 -5.84
N GLY A 53 -7.95 -9.03 -5.66
CA GLY A 53 -9.40 -9.12 -5.75
C GLY A 53 -10.08 -8.29 -4.68
N SER A 54 -9.56 -8.38 -3.45
CA SER A 54 -10.13 -7.62 -2.34
C SER A 54 -9.92 -6.13 -2.54
N LEU A 55 -8.75 -5.77 -3.05
CA LEU A 55 -8.44 -4.35 -3.28
C LEU A 55 -9.40 -3.76 -4.30
N ALA A 56 -9.64 -4.49 -5.38
CA ALA A 56 -10.53 -4.02 -6.42
C ALA A 56 -11.93 -3.82 -5.88
N SER A 57 -12.37 -4.74 -5.02
CA SER A 57 -13.70 -4.64 -4.44
C SER A 57 -13.83 -3.38 -3.59
N GLN A 58 -12.78 -3.08 -2.83
CA GLN A 58 -12.79 -1.89 -1.97
C GLN A 58 -12.91 -0.62 -2.81
N ALA A 59 -12.20 -0.59 -3.92
CA ALA A 59 -12.25 0.57 -4.80
C ALA A 59 -13.66 0.81 -5.33
N THR A 60 -14.34 -0.27 -5.67
CA THR A 60 -15.70 -0.17 -6.19
C THR A 60 -16.69 -0.02 -5.04
N LYS A 61 -17.88 0.50 -5.36
CA LYS A 61 -18.92 0.69 -4.36
C LYS A 61 -19.36 -0.66 -3.78
N ASP A 62 -19.09 -1.72 -4.53
CA ASP A 62 -19.45 -3.06 -4.09
C ASP A 62 -18.78 -3.39 -2.76
N GLY A 63 -17.52 -2.98 -2.62
CA GLY A 63 -16.79 -3.24 -1.39
C GLY A 63 -17.45 -2.58 -0.19
N LYS A 64 -17.92 -1.35 -0.38
CA LYS A 64 -18.57 -0.61 0.70
C LYS A 64 -19.84 -1.32 1.12
N LYS A 65 -20.59 -1.83 0.14
CA LYS A 65 -21.84 -2.53 0.41
C LYS A 65 -21.57 -3.78 1.25
N ASP A 66 -20.48 -4.48 0.93
CA ASP A 66 -20.12 -5.69 1.65
C ASP A 66 -21.30 -6.66 1.71
N LYS A 67 -21.94 -6.86 0.56
CA LYS A 67 -23.08 -7.76 0.48
C LYS A 67 -22.64 -9.19 0.75
N LYS A 68 -23.34 -9.86 1.66
CA LYS A 68 -23.01 -11.25 1.99
C LYS A 68 -23.21 -12.15 0.78
N GLU A 69 -22.21 -12.98 0.48
CA GLU A 69 -22.30 -13.89 -0.65
C GLU A 69 -23.20 -15.07 -0.32
N GLU A 70 -23.96 -15.53 -1.31
CA GLU A 70 -24.85 -16.66 -1.12
C GLU A 70 -24.65 -17.71 -2.20
N ASP A 71 -24.74 -18.98 -1.82
CA ASP A 71 -24.56 -20.07 -2.78
C ASP A 71 -25.91 -20.51 -3.33
N LYS A 72 -26.20 -20.11 -4.56
CA LYS A 72 -27.47 -20.48 -5.20
C LYS A 72 -28.63 -20.30 -4.21
N LYS A 73 -29.39 -21.36 -4.02
CA LYS A 73 -30.53 -21.32 -3.10
C LYS A 73 -30.22 -22.11 -1.83
N MET B 1 7.94 10.50 -11.83
CA MET B 1 8.82 10.20 -10.65
C MET B 1 7.96 9.68 -9.51
N LYS B 2 6.68 10.03 -9.51
CA LYS B 2 5.77 9.58 -8.47
C LYS B 2 5.66 8.07 -8.47
N ARG B 3 5.63 7.47 -9.65
CA ARG B 3 5.53 6.02 -9.76
C ARG B 3 6.72 5.35 -9.11
N ALA B 4 7.91 5.90 -9.35
CA ALA B 4 9.13 5.36 -8.76
C ALA B 4 9.09 5.48 -7.25
N ALA B 5 8.62 6.63 -6.77
CA ALA B 5 8.53 6.86 -5.33
C ALA B 5 7.60 5.85 -4.67
N ALA B 6 6.49 5.54 -5.33
CA ALA B 6 5.53 4.60 -4.79
C ALA B 6 6.19 3.23 -4.59
N LYS B 7 6.95 2.80 -5.59
CA LYS B 7 7.64 1.51 -5.50
C LYS B 7 8.66 1.52 -4.38
N HIS B 8 9.41 2.61 -4.27
CA HIS B 8 10.43 2.73 -3.24
C HIS B 8 9.81 2.64 -1.85
N LEU B 9 8.71 3.36 -1.65
CA LEU B 9 8.04 3.36 -0.36
C LEU B 9 7.54 1.96 0.00
N ILE B 10 6.99 1.27 -0.99
CA ILE B 10 6.50 -0.08 -0.77
C ILE B 10 7.65 -0.99 -0.34
N GLU B 11 8.79 -0.84 -1.00
CA GLU B 11 9.95 -1.65 -0.67
C GLU B 11 10.40 -1.39 0.75
N ARG B 12 10.36 -0.12 1.16
CA ARG B 12 10.77 0.23 2.52
C ARG B 12 9.88 -0.44 3.55
N TYR B 13 8.58 -0.46 3.30
CA TYR B 13 7.65 -1.09 4.22
C TYR B 13 7.87 -2.60 4.27
N TYR B 14 8.09 -3.20 3.11
CA TYR B 14 8.32 -4.64 3.03
C TYR B 14 9.55 -5.04 3.84
N HIS B 15 10.65 -4.34 3.60
CA HIS B 15 11.89 -4.63 4.31
C HIS B 15 11.81 -4.24 5.77
N GLN B 16 11.09 -3.15 6.06
CA GLN B 16 10.93 -2.71 7.44
C GLN B 16 10.12 -3.70 8.26
N LEU B 17 9.10 -4.29 7.65
CA LEU B 17 8.30 -5.30 8.34
C LEU B 17 9.09 -6.58 8.55
N THR B 18 9.84 -6.98 7.53
CA THR B 18 10.63 -8.20 7.61
C THR B 18 11.88 -7.99 8.47
N GLU B 19 12.38 -6.77 8.50
CA GLU B 19 13.65 -6.51 9.19
C GLU B 19 13.29 -5.95 10.56
N GLY B 20 12.55 -4.84 10.57
CA GLY B 20 11.99 -4.36 11.84
C GLY B 20 12.96 -3.27 12.27
N CYS B 21 12.91 -2.90 13.54
CA CYS B 21 13.80 -1.87 14.07
C CYS B 21 14.99 -2.50 14.80
N GLY B 22 14.88 -3.79 15.08
CA GLY B 22 15.95 -4.50 15.76
C GLY B 22 15.79 -4.42 17.27
N ASN B 23 14.98 -3.46 17.72
CA ASN B 23 14.73 -3.28 19.14
C ASN B 23 13.84 -4.39 19.68
N GLU B 24 14.09 -4.80 20.92
CA GLU B 24 13.32 -5.85 21.54
C GLU B 24 11.85 -5.42 21.69
N ALA B 25 11.65 -4.15 22.03
CA ALA B 25 10.31 -3.60 22.21
C ALA B 25 10.06 -2.48 21.20
N CYS B 26 8.87 -2.49 20.60
CA CYS B 26 8.52 -1.47 19.63
C CYS B 26 7.11 -0.96 19.89
N THR B 27 6.97 0.36 19.92
CA THR B 27 5.68 0.98 20.18
C THR B 27 4.90 1.17 18.88
N ASN B 28 5.49 0.77 17.76
CA ASN B 28 4.84 0.91 16.47
C ASN B 28 4.12 -0.39 16.11
N GLU B 29 2.81 -0.33 16.00
CA GLU B 29 2.01 -1.50 15.65
C GLU B 29 2.45 -2.06 14.30
N PHE B 30 2.69 -1.17 13.35
CA PHE B 30 3.11 -1.61 12.02
C PHE B 30 4.62 -1.71 11.95
N CYS B 31 5.21 -2.54 12.81
CA CYS B 31 6.65 -2.73 12.83
C CYS B 31 7.00 -4.10 13.42
N ALA B 32 8.02 -4.74 12.86
CA ALA B 32 8.45 -6.04 13.35
C ALA B 32 9.08 -5.90 14.73
N SER B 33 9.36 -7.04 15.36
CA SER B 33 9.95 -7.06 16.68
C SER B 33 9.01 -6.44 17.70
N CYS B 34 7.72 -6.40 17.35
CA CYS B 34 6.72 -5.83 18.25
C CYS B 34 5.74 -6.90 18.72
N PRO B 35 5.18 -6.75 19.90
CA PRO B 35 4.20 -7.74 20.46
C PRO B 35 2.90 -7.78 19.66
N THR B 36 2.63 -6.73 18.91
CA THR B 36 1.45 -6.67 18.06
C THR B 36 1.71 -7.13 16.63
N PHE B 37 2.83 -7.82 16.43
CA PHE B 37 3.28 -8.15 15.07
C PHE B 37 4.00 -9.42 15.14
N LEU B 38 3.53 -10.35 14.30
CA LEU B 38 4.11 -11.69 14.28
C LEU B 38 4.90 -11.90 13.00
N ARG B 39 5.92 -12.75 13.08
CA ARG B 39 6.76 -13.02 11.92
C ARG B 39 5.90 -13.53 10.77
N MET B 40 6.19 -13.02 9.58
CA MET B 40 5.45 -13.40 8.38
C MET B 40 6.40 -13.78 7.25
N ASP B 41 5.89 -14.52 6.28
CA ASP B 41 6.69 -14.94 5.14
C ASP B 41 6.84 -13.80 4.15
N ASN B 42 7.58 -14.04 3.07
CA ASN B 42 7.76 -13.04 2.04
C ASN B 42 6.43 -12.70 1.38
N ASN B 43 5.63 -13.72 1.10
CA ASN B 43 4.33 -13.50 0.48
C ASN B 43 3.42 -12.68 1.39
N ALA B 44 3.34 -13.10 2.64
CA ALA B 44 2.52 -12.39 3.62
C ALA B 44 3.06 -10.99 3.85
N ALA B 45 4.38 -10.86 3.88
CA ALA B 45 5.02 -9.58 4.12
C ALA B 45 4.68 -8.64 2.98
N ALA B 46 4.64 -9.17 1.76
CA ALA B 46 4.32 -8.36 0.59
C ALA B 46 2.94 -7.73 0.74
N ILE B 47 1.99 -8.52 1.22
CA ILE B 47 0.63 -8.03 1.41
C ILE B 47 0.62 -6.89 2.42
N LYS B 48 1.33 -7.10 3.53
CA LYS B 48 1.39 -6.08 4.55
C LYS B 48 2.02 -4.82 4.01
N ALA B 49 3.06 -4.99 3.19
CA ALA B 49 3.73 -3.84 2.61
C ALA B 49 2.77 -3.05 1.73
N LEU B 50 1.94 -3.77 0.96
CA LEU B 50 0.98 -3.09 0.11
C LEU B 50 -0.02 -2.30 0.94
N GLU B 51 -0.52 -2.93 2.00
CA GLU B 51 -1.50 -2.30 2.87
C GLU B 51 -0.89 -1.11 3.60
N LEU B 52 0.36 -1.26 4.02
CA LEU B 52 1.05 -0.19 4.74
C LEU B 52 1.20 1.04 3.84
N TYR B 53 1.56 0.79 2.60
CA TYR B 53 1.72 1.87 1.63
C TYR B 53 0.40 2.60 1.44
N LYS B 54 -0.68 1.83 1.26
CA LYS B 54 -2.00 2.40 1.04
C LYS B 54 -2.40 3.32 2.19
N ILE B 55 -2.24 2.82 3.41
CA ILE B 55 -2.59 3.61 4.60
C ILE B 55 -1.49 4.62 4.91
N ASN B 56 -0.37 4.49 4.22
CA ASN B 56 0.74 5.41 4.42
C ASN B 56 1.14 5.45 5.89
N ALA B 57 1.06 4.31 6.54
CA ALA B 57 1.41 4.21 7.95
C ALA B 57 2.82 4.74 8.17
N LYS B 58 3.02 5.41 9.30
CA LYS B 58 4.31 5.99 9.63
C LYS B 58 5.33 4.89 9.87
N LEU B 59 6.56 5.14 9.42
CA LEU B 59 7.64 4.17 9.60
C LEU B 59 8.19 4.23 11.01
N CYS B 60 8.72 3.10 11.48
CA CYS B 60 9.28 3.03 12.82
C CYS B 60 10.43 4.00 12.96
N ASP B 61 11.32 4.00 11.97
CA ASP B 61 12.47 4.88 12.01
C ASP B 61 12.03 6.35 11.83
N PRO B 62 12.77 7.30 12.37
CA PRO B 62 12.44 8.76 12.21
C PRO B 62 12.22 9.14 10.74
N HIS B 63 11.20 9.98 10.51
CA HIS B 63 10.89 10.43 9.15
C HIS B 63 10.69 11.94 9.12
N PRO B 64 11.76 12.68 9.24
CA PRO B 64 11.72 14.17 9.22
C PRO B 64 11.63 14.73 7.79
ZN ZN C . 9.92 -0.74 15.34
N SER A 1 -3.87 32.68 7.38
CA SER A 1 -3.97 31.20 7.48
C SER A 1 -5.25 30.73 6.79
N ALA A 2 -5.44 29.41 6.73
CA ALA A 2 -6.62 28.85 6.10
C ALA A 2 -7.88 29.30 6.83
N ASP A 3 -7.81 29.36 8.16
CA ASP A 3 -8.96 29.78 8.96
C ASP A 3 -9.35 31.21 8.62
N ILE A 4 -8.35 32.07 8.44
CA ILE A 4 -8.62 33.47 8.10
C ILE A 4 -9.35 33.58 6.76
N ASP A 5 -8.87 32.84 5.78
CA ASP A 5 -9.48 32.85 4.45
C ASP A 5 -10.93 32.39 4.52
N ALA A 6 -11.17 31.38 5.33
CA ALA A 6 -12.53 30.86 5.49
C ALA A 6 -13.10 30.43 4.14
N SER A 7 -12.28 29.73 3.35
CA SER A 7 -12.72 29.26 2.04
C SER A 7 -12.57 27.75 1.92
N SER A 8 -13.49 27.14 1.20
CA SER A 8 -13.46 25.69 1.01
C SER A 8 -12.20 25.27 0.26
N ALA A 9 -11.64 24.13 0.65
CA ALA A 9 -10.42 23.64 0.01
C ALA A 9 -10.67 23.38 -1.47
N MET A 10 -11.83 22.80 -1.78
CA MET A 10 -12.19 22.50 -3.16
C MET A 10 -12.26 23.79 -3.99
N ASP A 11 -12.81 24.83 -3.39
CA ASP A 11 -12.94 26.12 -4.07
C ASP A 11 -11.56 26.69 -4.40
N THR A 12 -11.47 27.41 -5.51
CA THR A 12 -10.21 28.01 -5.92
C THR A 12 -9.28 26.95 -6.50
N SER A 13 -8.66 27.28 -7.63
CA SER A 13 -7.75 26.35 -8.29
C SER A 13 -8.41 25.00 -8.49
N GLU A 14 -9.68 25.03 -8.90
CA GLU A 14 -10.42 23.79 -9.16
C GLU A 14 -9.74 22.97 -10.25
N PRO A 15 -9.62 23.51 -11.44
CA PRO A 15 -8.97 22.81 -12.58
C PRO A 15 -7.51 22.50 -12.31
N ALA A 16 -6.90 23.27 -11.42
CA ALA A 16 -5.49 23.06 -11.08
C ALA A 16 -5.37 22.17 -9.85
N LYS A 17 -4.54 21.15 -9.97
CA LYS A 17 -4.34 20.21 -8.86
C LYS A 17 -2.85 19.89 -8.68
N GLU A 18 -2.48 19.35 -7.52
CA GLU A 18 -1.09 18.99 -7.26
C GLU A 18 -0.75 17.67 -7.92
N GLU A 19 0.45 17.57 -8.47
CA GLU A 19 0.91 16.35 -9.12
C GLU A 19 1.10 15.23 -8.10
N ASP A 20 1.53 15.61 -6.90
CA ASP A 20 1.78 14.64 -5.85
C ASP A 20 0.48 13.93 -5.45
N ASP A 21 -0.65 14.52 -5.82
CA ASP A 21 -1.94 13.95 -5.48
C ASP A 21 -2.22 12.72 -6.34
N TYR A 22 -1.37 12.50 -7.35
CA TYR A 22 -1.55 11.36 -8.24
C TYR A 22 -1.98 10.13 -7.45
N ASP A 23 -2.95 9.40 -8.01
CA ASP A 23 -3.45 8.20 -7.36
C ASP A 23 -2.63 6.97 -7.78
N VAL A 24 -1.99 6.34 -6.82
CA VAL A 24 -1.17 5.16 -7.10
C VAL A 24 -2.02 4.05 -7.73
N MET A 25 -3.26 3.91 -7.23
CA MET A 25 -4.16 2.88 -7.74
C MET A 25 -4.52 3.16 -9.20
N GLN A 26 -4.03 4.29 -9.72
CA GLN A 26 -4.29 4.66 -11.10
C GLN A 26 -3.60 3.70 -12.06
N ASP A 27 -2.49 3.12 -11.61
CA ASP A 27 -1.73 2.18 -12.44
C ASP A 27 -1.57 0.84 -11.73
N PRO A 28 -2.58 -0.01 -11.81
CA PRO A 28 -2.55 -1.36 -11.17
C PRO A 28 -1.34 -2.16 -11.63
N GLU A 29 -0.95 -1.98 -12.89
CA GLU A 29 0.19 -2.71 -13.44
C GLU A 29 1.47 -2.32 -12.69
N PHE A 30 1.58 -1.05 -12.35
CA PHE A 30 2.76 -0.56 -11.63
C PHE A 30 2.85 -1.24 -10.27
N LEU A 31 1.73 -1.32 -9.57
CA LEU A 31 1.70 -1.96 -8.26
C LEU A 31 2.10 -3.42 -8.36
N GLN A 32 1.63 -4.08 -9.40
CA GLN A 32 1.95 -5.49 -9.61
C GLN A 32 3.45 -5.68 -9.78
N SER A 33 4.07 -4.78 -10.51
CA SER A 33 5.52 -4.86 -10.73
C SER A 33 6.27 -4.78 -9.41
N VAL A 34 5.80 -3.92 -8.52
CA VAL A 34 6.45 -3.75 -7.23
C VAL A 34 6.39 -5.06 -6.44
N LEU A 35 5.22 -5.70 -6.44
CA LEU A 35 5.05 -6.95 -5.72
C LEU A 35 5.99 -8.01 -6.28
N GLU A 36 6.13 -8.03 -7.60
CA GLU A 36 7.01 -8.99 -8.25
C GLU A 36 8.46 -8.75 -7.84
N ASN A 37 8.83 -7.49 -7.73
CA ASN A 37 10.19 -7.12 -7.34
C ASN A 37 10.53 -7.71 -5.97
N LEU A 38 9.56 -7.67 -5.08
CA LEU A 38 9.78 -8.17 -3.74
C LEU A 38 10.23 -9.64 -3.77
N PRO A 39 11.24 -9.99 -3.00
CA PRO A 39 11.78 -11.38 -2.96
C PRO A 39 10.82 -12.35 -2.28
N GLY A 40 10.68 -13.54 -2.87
CA GLY A 40 9.80 -14.55 -2.31
C GLY A 40 8.34 -14.26 -2.66
N VAL A 41 8.12 -13.20 -3.42
CA VAL A 41 6.75 -12.83 -3.81
C VAL A 41 6.57 -13.01 -5.30
N ASP A 42 5.57 -13.81 -5.67
CA ASP A 42 5.30 -14.05 -7.08
C ASP A 42 3.81 -13.97 -7.36
N PRO A 43 3.42 -13.61 -8.56
CA PRO A 43 1.98 -13.51 -8.96
C PRO A 43 1.25 -14.85 -8.80
N ASN A 44 2.00 -15.94 -8.88
CA ASN A 44 1.41 -17.28 -8.77
C ASN A 44 0.96 -17.55 -7.34
N ASN A 45 1.43 -16.73 -6.40
CA ASN A 45 1.06 -16.90 -5.01
C ASN A 45 -0.42 -16.62 -4.81
N GLU A 46 -1.08 -17.50 -4.06
CA GLU A 46 -2.50 -17.34 -3.79
C GLU A 46 -2.76 -16.07 -3.00
N ALA A 47 -1.85 -15.75 -2.08
CA ALA A 47 -2.01 -14.56 -1.25
C ALA A 47 -2.03 -13.30 -2.11
N ILE A 48 -1.12 -13.24 -3.07
CA ILE A 48 -1.06 -12.10 -3.96
C ILE A 48 -2.32 -11.99 -4.81
N ARG A 49 -2.77 -13.13 -5.32
CA ARG A 49 -3.96 -13.14 -6.16
C ARG A 49 -5.17 -12.68 -5.36
N ASN A 50 -5.31 -13.19 -4.14
CA ASN A 50 -6.42 -12.82 -3.28
C ASN A 50 -6.35 -11.33 -2.93
N ALA A 51 -5.14 -10.85 -2.70
CA ALA A 51 -4.95 -9.44 -2.35
C ALA A 51 -5.47 -8.54 -3.45
N MET A 52 -5.15 -8.87 -4.69
CA MET A 52 -5.60 -8.08 -5.83
C MET A 52 -7.11 -8.11 -5.95
N GLY A 53 -7.70 -9.29 -5.69
CA GLY A 53 -9.14 -9.43 -5.78
C GLY A 53 -9.84 -8.54 -4.76
N SER A 54 -9.31 -8.52 -3.53
CA SER A 54 -9.88 -7.71 -2.47
C SER A 54 -9.74 -6.22 -2.80
N LEU A 55 -8.58 -5.86 -3.34
CA LEU A 55 -8.31 -4.47 -3.68
C LEU A 55 -9.29 -3.99 -4.75
N ALA A 56 -9.50 -4.82 -5.76
CA ALA A 56 -10.41 -4.47 -6.84
C ALA A 56 -11.83 -4.30 -6.31
N SER A 57 -12.23 -5.18 -5.41
CA SER A 57 -13.56 -5.12 -4.83
C SER A 57 -14.63 -5.15 -5.92
N GLN A 58 -15.89 -5.08 -5.51
CA GLN A 58 -16.98 -5.10 -6.48
C GLN A 58 -16.95 -3.87 -7.38
N ALA A 59 -16.62 -2.72 -6.79
CA ALA A 59 -16.56 -1.48 -7.55
C ALA A 59 -17.89 -1.21 -8.25
N THR A 60 -18.89 -2.00 -7.92
CA THR A 60 -20.22 -1.84 -8.52
C THR A 60 -20.83 -0.50 -8.11
N LYS A 61 -20.25 0.13 -7.10
CA LYS A 61 -20.75 1.40 -6.62
C LYS A 61 -20.67 2.45 -7.72
N ASP A 62 -19.60 2.39 -8.51
CA ASP A 62 -19.43 3.34 -9.61
C ASP A 62 -19.56 4.78 -9.11
N GLY A 63 -18.96 5.05 -7.96
CA GLY A 63 -19.02 6.38 -7.37
C GLY A 63 -17.87 6.59 -6.39
N LYS A 64 -17.93 7.71 -5.66
CA LYS A 64 -16.88 8.02 -4.69
C LYS A 64 -16.86 6.98 -3.57
N LYS A 65 -15.67 6.72 -3.04
CA LYS A 65 -15.52 5.74 -1.97
C LYS A 65 -16.35 6.16 -0.76
N ASP A 66 -16.30 7.44 -0.43
CA ASP A 66 -17.06 7.94 0.72
C ASP A 66 -18.54 7.70 0.53
N LYS A 67 -19.18 7.11 1.54
CA LYS A 67 -20.61 6.83 1.46
C LYS A 67 -21.41 8.12 1.49
N LYS A 68 -22.26 8.30 0.49
CA LYS A 68 -23.08 9.50 0.40
C LYS A 68 -22.24 10.74 0.63
N GLU A 69 -20.97 10.68 0.23
CA GLU A 69 -20.07 11.81 0.39
C GLU A 69 -20.13 12.35 1.82
N GLU A 70 -20.29 11.45 2.78
CA GLU A 70 -20.38 11.84 4.18
C GLU A 70 -21.43 12.93 4.38
N ASP A 71 -22.53 12.82 3.65
CA ASP A 71 -23.61 13.80 3.75
C ASP A 71 -23.05 15.22 3.72
N LYS A 72 -23.37 16.01 4.74
CA LYS A 72 -22.90 17.38 4.81
C LYS A 72 -21.38 17.41 4.88
N LYS A 73 -20.80 16.50 5.64
CA LYS A 73 -19.35 16.43 5.77
C LYS A 73 -18.73 15.67 4.61
N MET B 1 8.16 10.97 -11.16
CA MET B 1 8.91 10.23 -10.12
C MET B 1 7.96 9.74 -9.03
N LYS B 2 6.70 10.15 -9.15
CA LYS B 2 5.69 9.76 -8.19
C LYS B 2 5.57 8.23 -8.12
N ARG B 3 5.54 7.60 -9.29
CA ARG B 3 5.44 6.14 -9.35
C ARG B 3 6.64 5.49 -8.69
N ALA B 4 7.82 6.04 -8.96
CA ALA B 4 9.05 5.50 -8.38
C ALA B 4 9.04 5.63 -6.86
N ALA B 5 8.54 6.76 -6.38
CA ALA B 5 8.46 7.01 -4.94
C ALA B 5 7.56 5.98 -4.27
N ALA B 6 6.46 5.64 -4.94
CA ALA B 6 5.52 4.66 -4.39
C ALA B 6 6.21 3.32 -4.20
N LYS B 7 7.00 2.93 -5.19
CA LYS B 7 7.72 1.66 -5.12
C LYS B 7 8.67 1.63 -3.92
N HIS B 8 9.40 2.73 -3.75
CA HIS B 8 10.35 2.84 -2.65
C HIS B 8 9.62 2.72 -1.31
N LEU B 9 8.51 3.42 -1.18
CA LEU B 9 7.73 3.39 0.05
C LEU B 9 7.23 1.98 0.32
N ILE B 10 6.71 1.33 -0.71
CA ILE B 10 6.21 -0.03 -0.56
C ILE B 10 7.33 -0.97 -0.16
N GLU B 11 8.48 -0.82 -0.82
CA GLU B 11 9.62 -1.67 -0.52
C GLU B 11 10.07 -1.48 0.91
N ARG B 12 10.06 -0.23 1.37
CA ARG B 12 10.48 0.07 2.74
C ARG B 12 9.55 -0.60 3.74
N TYR B 13 8.26 -0.56 3.46
CA TYR B 13 7.28 -1.18 4.36
C TYR B 13 7.48 -2.68 4.43
N TYR B 14 7.71 -3.29 3.27
CA TYR B 14 7.92 -4.74 3.20
C TYR B 14 9.14 -5.15 4.02
N HIS B 15 10.24 -4.45 3.81
CA HIS B 15 11.47 -4.76 4.54
C HIS B 15 11.36 -4.44 6.02
N GLN B 16 10.61 -3.39 6.35
CA GLN B 16 10.39 -3.02 7.75
C GLN B 16 9.60 -4.10 8.48
N LEU B 17 8.64 -4.68 7.79
CA LEU B 17 7.85 -5.76 8.39
C LEU B 17 8.68 -7.02 8.59
N THR B 18 9.55 -7.31 7.62
CA THR B 18 10.38 -8.50 7.69
C THR B 18 11.68 -8.21 8.44
N GLU B 19 11.95 -6.94 8.70
CA GLU B 19 13.23 -6.54 9.30
C GLU B 19 12.90 -5.83 10.60
N GLY B 20 12.29 -4.65 10.48
CA GLY B 20 11.82 -3.94 11.67
C GLY B 20 12.94 -2.99 12.06
N CYS B 21 13.01 -2.66 13.35
CA CYS B 21 14.04 -1.75 13.85
C CYS B 21 15.19 -2.54 14.47
N GLY B 22 14.95 -3.82 14.72
CA GLY B 22 15.99 -4.67 15.31
C GLY B 22 15.94 -4.62 16.83
N ASN B 23 15.30 -3.59 17.36
CA ASN B 23 15.20 -3.42 18.81
C ASN B 23 14.08 -4.30 19.37
N GLU B 24 14.30 -4.85 20.55
CA GLU B 24 13.31 -5.71 21.19
C GLU B 24 12.03 -4.92 21.45
N ALA B 25 12.18 -3.66 21.83
CA ALA B 25 11.02 -2.81 22.11
C ALA B 25 10.73 -1.90 20.92
N CYS B 26 9.46 -1.81 20.54
CA CYS B 26 9.06 -0.97 19.42
C CYS B 26 7.69 -0.36 19.67
N THR B 27 7.56 0.92 19.37
CA THR B 27 6.29 1.62 19.57
C THR B 27 5.45 1.59 18.29
N ASN B 28 5.96 0.92 17.26
CA ASN B 28 5.25 0.82 16.00
C ASN B 28 4.64 -0.56 15.84
N GLU B 29 3.32 -0.62 15.82
CA GLU B 29 2.61 -1.88 15.69
C GLU B 29 2.99 -2.56 14.37
N PHE B 30 3.15 -1.76 13.32
CA PHE B 30 3.51 -2.31 12.02
C PHE B 30 5.02 -2.29 11.83
N CYS B 31 5.73 -2.98 12.73
CA CYS B 31 7.18 -3.06 12.66
C CYS B 31 7.69 -4.37 13.24
N ALA B 32 8.62 -5.01 12.54
CA ALA B 32 9.18 -6.28 13.00
C ALA B 32 9.82 -6.08 14.38
N SER B 33 9.98 -7.20 15.08
CA SER B 33 10.56 -7.16 16.42
C SER B 33 9.54 -6.65 17.43
N CYS B 34 8.53 -5.94 16.92
CA CYS B 34 7.51 -5.39 17.79
C CYS B 34 6.70 -6.51 18.45
N PRO B 35 6.57 -6.52 19.75
CA PRO B 35 5.80 -7.57 20.48
C PRO B 35 4.41 -7.80 19.89
N THR B 36 3.78 -6.73 19.42
CA THR B 36 2.45 -6.83 18.83
C THR B 36 2.52 -7.39 17.41
N PHE B 37 3.72 -7.35 16.82
CA PHE B 37 3.94 -7.95 15.51
C PHE B 37 4.40 -9.40 15.54
N LEU B 38 3.76 -10.25 14.74
CA LEU B 38 4.11 -11.66 14.68
C LEU B 38 4.81 -11.96 13.36
N ARG B 39 5.76 -12.90 13.39
CA ARG B 39 6.50 -13.27 12.20
C ARG B 39 5.56 -13.84 11.15
N MET B 40 5.86 -13.53 9.89
CA MET B 40 5.04 -13.99 8.78
C MET B 40 5.89 -14.24 7.54
N ASP B 41 5.27 -14.83 6.51
CA ASP B 41 5.98 -15.12 5.28
C ASP B 41 6.06 -13.88 4.40
N ASN B 42 6.86 -13.97 3.35
CA ASN B 42 7.02 -12.84 2.43
C ASN B 42 5.70 -12.49 1.77
N ASN B 43 4.90 -13.51 1.49
CA ASN B 43 3.61 -13.31 0.85
C ASN B 43 2.69 -12.51 1.78
N ALA B 44 2.60 -12.95 3.03
CA ALA B 44 1.77 -12.26 4.00
C ALA B 44 2.31 -10.86 4.26
N ALA B 45 3.63 -10.74 4.34
CA ALA B 45 4.26 -9.45 4.57
C ALA B 45 3.97 -8.49 3.43
N ALA B 46 4.00 -9.02 2.20
CA ALA B 46 3.73 -8.19 1.03
C ALA B 46 2.34 -7.58 1.10
N ILE B 47 1.37 -8.37 1.51
CA ILE B 47 0.00 -7.89 1.62
C ILE B 47 -0.08 -6.75 2.61
N LYS B 48 0.54 -6.94 3.77
CA LYS B 48 0.52 -5.91 4.79
C LYS B 48 1.25 -4.66 4.31
N ALA B 49 2.37 -4.88 3.60
CA ALA B 49 3.15 -3.78 3.08
C ALA B 49 2.31 -2.97 2.10
N LEU B 50 1.55 -3.65 1.25
CA LEU B 50 0.72 -2.97 0.27
C LEU B 50 -0.33 -2.12 0.97
N GLU B 51 -0.96 -2.70 1.99
CA GLU B 51 -2.00 -1.98 2.73
C GLU B 51 -1.40 -0.80 3.48
N LEU B 52 -0.22 -0.99 4.04
CA LEU B 52 0.46 0.07 4.79
C LEU B 52 0.73 1.27 3.89
N TYR B 53 1.16 0.99 2.67
CA TYR B 53 1.43 2.07 1.71
C TYR B 53 0.16 2.85 1.42
N LYS B 54 -0.94 2.13 1.20
CA LYS B 54 -2.22 2.78 0.91
C LYS B 54 -2.61 3.74 2.03
N ILE B 55 -2.47 3.29 3.27
CA ILE B 55 -2.82 4.13 4.42
C ILE B 55 -1.67 5.06 4.76
N ASN B 56 -0.58 4.93 4.04
CA ASN B 56 0.59 5.76 4.28
C ASN B 56 1.06 5.62 5.72
N ALA B 57 1.01 4.39 6.24
CA ALA B 57 1.45 4.12 7.60
C ALA B 57 2.86 4.65 7.81
N LYS B 58 3.10 5.19 9.01
CA LYS B 58 4.41 5.74 9.34
C LYS B 58 5.44 4.62 9.49
N LEU B 59 6.67 4.91 9.08
CA LEU B 59 7.75 3.93 9.17
C LEU B 59 8.48 4.03 10.50
N CYS B 60 9.02 2.92 10.97
CA CYS B 60 9.75 2.91 12.23
C CYS B 60 11.20 3.30 12.01
N ASP B 61 11.40 4.51 11.50
CA ASP B 61 12.76 5.00 11.25
C ASP B 61 12.90 6.44 11.74
N PRO B 62 12.99 6.62 13.04
CA PRO B 62 13.13 7.97 13.65
C PRO B 62 14.54 8.54 13.48
N HIS B 63 14.64 9.86 13.51
CA HIS B 63 15.94 10.53 13.37
C HIS B 63 16.92 9.99 14.42
N PRO B 64 16.61 10.15 15.68
CA PRO B 64 17.48 9.66 16.79
C PRO B 64 17.69 8.16 16.75
ZN ZN C . 10.27 -0.74 15.11
N SER A 1 -21.94 2.36 -11.09
CA SER A 1 -22.90 3.47 -11.25
C SER A 1 -22.27 4.76 -10.72
N ALA A 2 -22.09 4.82 -9.40
CA ALA A 2 -21.49 6.00 -8.78
C ALA A 2 -20.07 6.21 -9.29
N ASP A 3 -19.32 5.12 -9.42
CA ASP A 3 -17.94 5.20 -9.90
C ASP A 3 -17.88 5.75 -11.32
N ILE A 4 -18.76 5.25 -12.19
CA ILE A 4 -18.79 5.71 -13.58
C ILE A 4 -19.41 7.09 -13.68
N ASP A 5 -20.16 7.47 -12.65
CA ASP A 5 -20.81 8.77 -12.63
C ASP A 5 -19.90 9.80 -11.96
N ALA A 6 -18.76 9.34 -11.46
CA ALA A 6 -17.81 10.24 -10.80
C ALA A 6 -18.51 11.03 -9.69
N SER A 7 -19.53 10.42 -9.09
CA SER A 7 -20.26 11.07 -8.01
C SER A 7 -20.71 12.47 -8.43
N SER A 8 -20.90 12.66 -9.73
CA SER A 8 -21.32 13.95 -10.26
C SER A 8 -20.39 15.06 -9.79
N ALA A 9 -19.22 14.67 -9.30
CA ALA A 9 -18.20 15.65 -8.91
C ALA A 9 -16.78 15.15 -9.18
N MET A 10 -15.87 16.09 -9.39
CA MET A 10 -14.48 15.75 -9.67
C MET A 10 -13.54 16.60 -8.81
N ASP A 11 -12.40 16.02 -8.45
CA ASP A 11 -11.42 16.74 -7.62
C ASP A 11 -10.91 17.98 -8.35
N THR A 12 -10.69 17.85 -9.65
CA THR A 12 -10.20 18.98 -10.44
C THR A 12 -10.68 18.86 -11.89
N SER A 13 -10.85 20.00 -12.54
CA SER A 13 -11.31 20.02 -13.93
C SER A 13 -10.15 19.79 -14.88
N GLU A 14 -8.92 19.88 -14.37
CA GLU A 14 -7.73 19.68 -15.20
C GLU A 14 -6.77 18.71 -14.53
N PRO A 15 -7.17 17.47 -14.39
CA PRO A 15 -6.32 16.42 -13.75
C PRO A 15 -5.12 16.06 -14.60
N ALA A 16 -5.29 16.10 -15.91
CA ALA A 16 -4.19 15.78 -16.82
C ALA A 16 -3.04 16.76 -16.65
N LYS A 17 -3.38 18.04 -16.55
CA LYS A 17 -2.36 19.07 -16.37
C LYS A 17 -1.69 18.92 -15.01
N GLU A 18 -2.48 18.61 -13.99
CA GLU A 18 -1.95 18.45 -12.65
C GLU A 18 -1.46 17.03 -12.43
N GLU A 19 -0.15 16.85 -12.54
CA GLU A 19 0.45 15.54 -12.35
C GLU A 19 0.38 15.11 -10.89
N ASP A 20 0.23 16.09 -10.00
CA ASP A 20 0.15 15.81 -8.57
C ASP A 20 -1.06 14.93 -8.26
N ASP A 21 -2.04 14.94 -9.17
CA ASP A 21 -3.24 14.14 -8.96
C ASP A 21 -2.99 12.68 -9.31
N TYR A 22 -1.75 12.37 -9.69
CA TYR A 22 -1.39 11.00 -10.04
C TYR A 22 -1.66 10.06 -8.88
N ASP A 23 -2.40 8.99 -9.15
CA ASP A 23 -2.73 8.00 -8.12
C ASP A 23 -2.12 6.65 -8.47
N VAL A 24 -1.33 6.10 -7.55
CA VAL A 24 -0.69 4.81 -7.77
C VAL A 24 -1.74 3.70 -7.82
N MET A 25 -2.75 3.80 -6.95
CA MET A 25 -3.81 2.81 -6.89
C MET A 25 -4.55 2.73 -8.23
N GLN A 26 -4.68 3.88 -8.89
CA GLN A 26 -5.38 3.93 -10.16
C GLN A 26 -4.53 3.27 -11.26
N ASP A 27 -3.38 2.74 -10.87
CA ASP A 27 -2.49 2.07 -11.81
C ASP A 27 -2.11 0.68 -11.30
N PRO A 28 -3.01 -0.28 -11.42
CA PRO A 28 -2.76 -1.67 -10.97
C PRO A 28 -1.54 -2.29 -11.64
N GLU A 29 -1.28 -1.88 -12.88
CA GLU A 29 -0.14 -2.40 -13.63
C GLU A 29 1.17 -2.07 -12.92
N PHE A 30 1.28 -0.84 -12.44
CA PHE A 30 2.49 -0.42 -11.74
C PHE A 30 2.62 -1.17 -10.42
N LEU A 31 1.50 -1.31 -9.71
CA LEU A 31 1.50 -2.01 -8.44
C LEU A 31 1.89 -3.47 -8.62
N GLN A 32 1.41 -4.06 -9.71
CA GLN A 32 1.71 -5.46 -10.00
C GLN A 32 3.22 -5.65 -10.17
N SER A 33 3.83 -4.72 -10.90
CA SER A 33 5.27 -4.81 -11.14
C SER A 33 6.04 -4.68 -9.83
N VAL A 34 5.55 -3.83 -8.94
CA VAL A 34 6.20 -3.63 -7.65
C VAL A 34 6.16 -4.91 -6.83
N LEU A 35 4.99 -5.55 -6.79
CA LEU A 35 4.82 -6.79 -6.03
C LEU A 35 5.72 -7.88 -6.60
N GLU A 36 5.84 -7.93 -7.92
CA GLU A 36 6.68 -8.93 -8.56
C GLU A 36 8.13 -8.73 -8.16
N ASN A 37 8.56 -7.48 -8.08
CA ASN A 37 9.93 -7.19 -7.70
C ASN A 37 10.23 -7.72 -6.31
N LEU A 38 9.29 -7.56 -5.40
CA LEU A 38 9.49 -8.01 -4.02
C LEU A 38 10.10 -9.42 -4.02
N PRO A 39 11.37 -9.57 -3.67
CA PRO A 39 12.03 -10.91 -3.62
C PRO A 39 11.29 -11.89 -2.71
N GLY A 40 11.20 -13.15 -3.13
CA GLY A 40 10.54 -14.16 -2.33
C GLY A 40 9.02 -14.12 -2.52
N VAL A 41 8.57 -13.22 -3.39
CA VAL A 41 7.14 -13.08 -3.65
C VAL A 41 6.87 -13.22 -5.15
N ASP A 42 5.91 -14.07 -5.50
CA ASP A 42 5.56 -14.28 -6.90
C ASP A 42 4.06 -14.06 -7.12
N PRO A 43 3.68 -13.59 -8.29
CA PRO A 43 2.24 -13.35 -8.63
C PRO A 43 1.43 -14.65 -8.69
N ASN A 44 2.13 -15.76 -8.86
CA ASN A 44 1.47 -17.06 -8.94
C ASN A 44 0.98 -17.50 -7.56
N ASN A 45 1.46 -16.81 -6.52
CA ASN A 45 1.06 -17.14 -5.16
C ASN A 45 -0.43 -16.88 -4.97
N GLU A 46 -1.08 -17.75 -4.22
CA GLU A 46 -2.50 -17.62 -3.95
C GLU A 46 -2.78 -16.36 -3.15
N ALA A 47 -1.88 -16.05 -2.21
CA ALA A 47 -2.06 -14.87 -1.38
C ALA A 47 -2.10 -13.60 -2.22
N ILE A 48 -1.20 -13.52 -3.19
CA ILE A 48 -1.15 -12.35 -4.06
C ILE A 48 -2.42 -12.26 -4.90
N ARG A 49 -2.84 -13.39 -5.44
CA ARG A 49 -4.04 -13.41 -6.26
C ARG A 49 -5.26 -12.99 -5.44
N ASN A 50 -5.38 -13.55 -4.24
CA ASN A 50 -6.50 -13.22 -3.37
C ASN A 50 -6.47 -11.74 -2.98
N ALA A 51 -5.29 -11.23 -2.70
CA ALA A 51 -5.14 -9.83 -2.31
C ALA A 51 -5.62 -8.91 -3.41
N MET A 52 -5.28 -9.23 -4.65
CA MET A 52 -5.70 -8.41 -5.78
C MET A 52 -7.21 -8.44 -5.92
N GLY A 53 -7.81 -9.61 -5.71
CA GLY A 53 -9.25 -9.75 -5.81
C GLY A 53 -9.96 -8.87 -4.79
N SER A 54 -9.46 -8.88 -3.56
CA SER A 54 -10.05 -8.08 -2.50
C SER A 54 -9.90 -6.59 -2.81
N LEU A 55 -8.75 -6.21 -3.34
CA LEU A 55 -8.49 -4.82 -3.66
C LEU A 55 -9.48 -4.33 -4.71
N ALA A 56 -9.70 -5.14 -5.73
CA ALA A 56 -10.63 -4.78 -6.79
C ALA A 56 -12.03 -4.57 -6.24
N SER A 57 -12.43 -5.45 -5.33
CA SER A 57 -13.75 -5.36 -4.72
C SER A 57 -13.85 -4.13 -3.82
N GLN A 58 -15.02 -3.51 -3.79
CA GLN A 58 -15.23 -2.32 -2.96
C GLN A 58 -15.03 -2.65 -1.48
N ALA A 59 -15.54 -3.81 -1.06
CA ALA A 59 -15.42 -4.22 0.33
C ALA A 59 -13.95 -4.46 0.68
N THR A 60 -13.56 -4.07 1.89
CA THR A 60 -12.17 -4.25 2.33
C THR A 60 -11.97 -5.67 2.84
N LYS A 61 -13.07 -6.40 3.03
CA LYS A 61 -12.99 -7.76 3.52
C LYS A 61 -12.81 -8.74 2.36
N ASP A 62 -12.12 -9.85 2.63
CA ASP A 62 -11.88 -10.85 1.62
C ASP A 62 -13.00 -11.88 1.59
N GLY A 63 -13.84 -11.79 0.56
CA GLY A 63 -14.96 -12.72 0.42
C GLY A 63 -14.47 -14.08 -0.06
N LYS A 64 -15.34 -15.08 0.01
CA LYS A 64 -15.00 -16.43 -0.42
C LYS A 64 -16.00 -17.02 -1.41
N LYS A 65 -15.50 -17.77 -2.38
CA LYS A 65 -16.35 -18.30 -3.44
C LYS A 65 -17.36 -19.28 -2.87
N ASP A 66 -18.56 -19.27 -3.43
CA ASP A 66 -19.61 -20.17 -2.96
C ASP A 66 -20.44 -20.67 -4.14
N LYS A 67 -21.54 -21.36 -3.83
CA LYS A 67 -22.41 -21.89 -4.88
C LYS A 67 -22.98 -20.76 -5.73
N LYS A 68 -23.33 -19.65 -5.07
CA LYS A 68 -23.88 -18.50 -5.79
C LYS A 68 -22.92 -17.33 -5.68
N GLU A 69 -22.30 -16.98 -6.81
CA GLU A 69 -21.36 -15.87 -6.84
C GLU A 69 -20.31 -16.02 -5.73
N GLU A 70 -20.10 -14.93 -4.99
CA GLU A 70 -19.12 -14.93 -3.89
C GLU A 70 -19.77 -14.47 -2.60
N ASP A 71 -19.40 -15.10 -1.50
CA ASP A 71 -19.83 -14.62 -0.18
C ASP A 71 -19.08 -13.41 0.37
N LYS A 72 -19.73 -12.26 0.35
CA LYS A 72 -19.12 -11.03 0.85
C LYS A 72 -18.77 -11.17 2.32
N LYS A 73 -19.68 -11.75 3.09
CA LYS A 73 -19.47 -11.94 4.52
C LYS A 73 -18.81 -13.28 4.78
N MET B 1 10.91 10.32 -9.77
CA MET B 1 9.51 10.43 -10.27
C MET B 1 8.55 9.95 -9.18
N LYS B 2 7.29 10.33 -9.31
CA LYS B 2 6.27 9.93 -8.34
C LYS B 2 6.12 8.41 -8.34
N ARG B 3 6.16 7.81 -9.53
CA ARG B 3 6.01 6.36 -9.64
C ARG B 3 7.15 5.66 -8.92
N ALA B 4 8.37 6.18 -9.09
CA ALA B 4 9.53 5.60 -8.43
C ALA B 4 9.40 5.70 -6.91
N ALA B 5 8.90 6.84 -6.44
CA ALA B 5 8.73 7.05 -5.02
C ALA B 5 7.75 6.04 -4.44
N ALA B 6 6.69 5.75 -5.19
CA ALA B 6 5.68 4.79 -4.74
C ALA B 6 6.32 3.42 -4.53
N LYS B 7 7.16 3.01 -5.48
CA LYS B 7 7.82 1.72 -5.38
C LYS B 7 8.75 1.68 -4.17
N HIS B 8 9.50 2.75 -3.97
CA HIS B 8 10.43 2.83 -2.84
C HIS B 8 9.69 2.72 -1.52
N LEU B 9 8.58 3.44 -1.41
CA LEU B 9 7.80 3.42 -0.18
C LEU B 9 7.32 1.99 0.08
N ILE B 10 6.76 1.36 -0.94
CA ILE B 10 6.27 0.00 -0.80
C ILE B 10 7.39 -0.94 -0.38
N GLU B 11 8.53 -0.79 -1.02
CA GLU B 11 9.68 -1.62 -0.71
C GLU B 11 10.12 -1.40 0.73
N ARG B 12 10.08 -0.14 1.16
CA ARG B 12 10.50 0.20 2.53
C ARG B 12 9.60 -0.51 3.54
N TYR B 13 8.30 -0.53 3.27
CA TYR B 13 7.37 -1.19 4.19
C TYR B 13 7.61 -2.69 4.22
N TYR B 14 7.83 -3.27 3.04
CA TYR B 14 8.09 -4.71 2.94
C TYR B 14 9.36 -5.08 3.69
N HIS B 15 10.42 -4.33 3.46
CA HIS B 15 11.69 -4.59 4.11
C HIS B 15 11.54 -4.49 5.62
N GLN B 16 10.86 -3.44 6.08
CA GLN B 16 10.67 -3.26 7.51
C GLN B 16 9.84 -4.38 8.13
N LEU B 17 8.81 -4.83 7.40
CA LEU B 17 8.00 -5.95 7.87
C LEU B 17 8.80 -7.25 7.90
N THR B 18 9.63 -7.44 6.88
CA THR B 18 10.45 -8.64 6.79
C THR B 18 11.68 -8.52 7.67
N GLU B 19 11.93 -7.31 8.18
CA GLU B 19 13.09 -7.07 9.04
C GLU B 19 12.65 -6.38 10.33
N GLY B 20 12.47 -5.06 10.27
CA GLY B 20 11.96 -4.32 11.42
C GLY B 20 12.79 -3.04 11.57
N CYS B 21 12.90 -2.56 12.80
CA CYS B 21 13.67 -1.35 13.06
C CYS B 21 15.07 -1.69 13.57
N GLY B 22 15.26 -2.95 13.94
CA GLY B 22 16.56 -3.39 14.43
C GLY B 22 16.66 -3.22 15.94
N ASN B 23 15.78 -2.39 16.48
CA ASN B 23 15.78 -2.14 17.92
C ASN B 23 15.26 -3.34 18.68
N GLU B 24 15.86 -3.61 19.83
CA GLU B 24 15.46 -4.74 20.65
C GLU B 24 14.01 -4.58 21.10
N ALA B 25 13.64 -3.35 21.44
CA ALA B 25 12.28 -3.06 21.90
C ALA B 25 11.64 -2.01 20.99
N CYS B 26 10.42 -2.28 20.55
CA CYS B 26 9.70 -1.35 19.68
C CYS B 26 8.33 -1.04 20.26
N THR B 27 8.03 0.25 20.41
CA THR B 27 6.75 0.67 20.97
C THR B 27 5.78 1.07 19.86
N ASN B 28 6.14 0.78 18.63
CA ASN B 28 5.29 1.12 17.49
C ASN B 28 4.46 -0.09 17.07
N GLU B 29 3.14 0.06 17.15
CA GLU B 29 2.25 -1.03 16.77
C GLU B 29 2.45 -1.43 15.32
N PHE B 30 2.67 -0.43 14.46
CA PHE B 30 2.88 -0.71 13.05
C PHE B 30 4.36 -0.84 12.73
N CYS B 31 5.03 -1.78 13.38
CA CYS B 31 6.46 -2.00 13.16
C CYS B 31 6.85 -3.41 13.57
N ALA B 32 7.71 -4.03 12.77
CA ALA B 32 8.17 -5.38 13.06
C ALA B 32 9.03 -5.38 14.32
N SER B 33 9.37 -6.58 14.77
CA SER B 33 10.18 -6.73 15.98
C SER B 33 9.43 -6.18 17.19
N CYS B 34 8.11 -6.05 17.05
CA CYS B 34 7.30 -5.54 18.14
C CYS B 34 6.49 -6.67 18.80
N PRO B 35 6.50 -6.79 20.12
CA PRO B 35 5.72 -7.87 20.82
C PRO B 35 4.27 -7.97 20.32
N THR B 36 3.68 -6.83 20.00
CA THR B 36 2.30 -6.81 19.51
C THR B 36 2.24 -7.23 18.04
N PHE B 37 3.38 -7.12 17.36
CA PHE B 37 3.48 -7.61 15.98
C PHE B 37 3.85 -9.09 15.83
N LEU B 38 3.09 -9.79 15.01
CA LEU B 38 3.34 -11.22 14.79
C LEU B 38 4.11 -11.41 13.49
N ARG B 39 5.17 -12.21 13.54
CA ARG B 39 5.97 -12.48 12.37
C ARG B 39 5.11 -13.06 11.25
N MET B 40 5.39 -12.63 10.03
CA MET B 40 4.64 -13.10 8.86
C MET B 40 5.58 -13.54 7.75
N ASP B 41 5.04 -14.32 6.81
CA ASP B 41 5.83 -14.81 5.69
C ASP B 41 6.10 -13.68 4.71
N ASN B 42 6.94 -13.95 3.72
CA ASN B 42 7.26 -12.95 2.71
C ASN B 42 6.02 -12.56 1.93
N ASN B 43 5.21 -13.56 1.57
CA ASN B 43 3.99 -13.30 0.82
C ASN B 43 3.03 -12.46 1.65
N ALA B 44 2.85 -12.86 2.90
CA ALA B 44 1.96 -12.14 3.80
C ALA B 44 2.49 -10.74 4.06
N ALA B 45 3.80 -10.64 4.19
CA ALA B 45 4.43 -9.36 4.49
C ALA B 45 4.20 -8.42 3.30
N ALA B 46 4.28 -8.97 2.10
CA ALA B 46 4.07 -8.16 0.89
C ALA B 46 2.69 -7.54 0.89
N ILE B 47 1.68 -8.32 1.28
CA ILE B 47 0.31 -7.82 1.31
C ILE B 47 0.17 -6.73 2.36
N LYS B 48 0.76 -6.97 3.51
CA LYS B 48 0.70 -5.99 4.59
C LYS B 48 1.38 -4.70 4.15
N ALA B 49 2.49 -4.84 3.45
CA ALA B 49 3.22 -3.67 2.97
C ALA B 49 2.35 -2.85 2.03
N LEU B 50 1.61 -3.54 1.15
CA LEU B 50 0.75 -2.83 0.21
C LEU B 50 -0.34 -2.06 0.96
N GLU B 51 -0.94 -2.72 1.94
CA GLU B 51 -2.00 -2.10 2.72
C GLU B 51 -1.48 -0.87 3.46
N LEU B 52 -0.28 -0.98 4.01
CA LEU B 52 0.32 0.13 4.76
C LEU B 52 0.59 1.35 3.88
N TYR B 53 0.92 1.09 2.61
CA TYR B 53 1.11 2.15 1.64
C TYR B 53 -0.21 2.87 1.40
N LYS B 54 -1.28 2.09 1.29
CA LYS B 54 -2.60 2.66 1.05
C LYS B 54 -2.96 3.65 2.15
N ILE B 55 -2.66 3.29 3.39
CA ILE B 55 -2.96 4.16 4.53
C ILE B 55 -1.76 5.04 4.85
N ASN B 56 -0.66 4.80 4.16
CA ASN B 56 0.56 5.57 4.40
C ASN B 56 0.93 5.55 5.88
N ALA B 57 0.75 4.41 6.52
CA ALA B 57 1.07 4.26 7.94
C ALA B 57 2.52 4.63 8.18
N LYS B 58 2.77 5.28 9.32
CA LYS B 58 4.12 5.70 9.67
C LYS B 58 4.96 4.50 10.09
N LEU B 59 6.24 4.55 9.76
CA LEU B 59 7.14 3.45 10.10
C LEU B 59 7.90 3.75 11.40
N CYS B 60 7.80 2.83 12.35
CA CYS B 60 8.47 2.99 13.64
C CYS B 60 8.40 4.45 14.09
N ASP B 61 7.30 4.80 14.74
CA ASP B 61 7.10 6.17 15.20
C ASP B 61 8.11 6.51 16.30
N PRO B 62 8.52 7.75 16.40
CA PRO B 62 9.49 8.20 17.45
C PRO B 62 8.89 8.14 18.85
N HIS B 63 9.75 7.95 19.85
CA HIS B 63 9.31 7.88 21.23
C HIS B 63 10.19 8.75 22.12
N PRO B 64 10.02 10.04 22.05
CA PRO B 64 10.81 11.01 22.86
C PRO B 64 10.27 11.15 24.27
ZN ZN C . 10.11 -0.29 15.29
N SER A 1 -15.20 -12.89 -19.81
CA SER A 1 -14.71 -12.36 -18.50
C SER A 1 -13.23 -12.00 -18.62
N ALA A 2 -12.54 -12.67 -19.56
CA ALA A 2 -11.12 -12.41 -19.76
C ALA A 2 -10.89 -10.96 -20.18
N ASP A 3 -11.76 -10.47 -21.06
CA ASP A 3 -11.65 -9.09 -21.54
C ASP A 3 -12.41 -8.14 -20.63
N ILE A 4 -11.68 -7.39 -19.82
CA ILE A 4 -12.29 -6.44 -18.90
C ILE A 4 -11.90 -5.01 -19.26
N ASP A 5 -12.89 -4.17 -19.48
CA ASP A 5 -12.64 -2.77 -19.84
C ASP A 5 -12.39 -1.94 -18.58
N ALA A 6 -12.15 -0.64 -18.78
CA ALA A 6 -11.91 0.25 -17.66
C ALA A 6 -13.11 0.29 -16.72
N SER A 7 -12.83 0.35 -15.41
CA SER A 7 -13.90 0.38 -14.42
C SER A 7 -13.49 1.22 -13.23
N SER A 8 -14.45 1.93 -12.64
CA SER A 8 -14.17 2.76 -11.48
C SER A 8 -15.39 2.85 -10.58
N ALA A 9 -15.16 2.89 -9.28
CA ALA A 9 -16.25 2.97 -8.31
C ALA A 9 -17.05 4.26 -8.50
N MET A 10 -16.34 5.36 -8.74
CA MET A 10 -16.98 6.65 -8.95
C MET A 10 -16.53 7.29 -10.26
N ASP A 11 -17.43 7.98 -10.92
CA ASP A 11 -17.11 8.64 -12.18
C ASP A 11 -16.11 9.76 -11.96
N THR A 12 -15.26 9.99 -12.96
CA THR A 12 -14.25 11.04 -12.87
C THR A 12 -14.46 12.07 -13.98
N SER A 13 -14.51 13.34 -13.59
CA SER A 13 -14.70 14.42 -14.55
C SER A 13 -14.06 15.72 -14.05
N GLU A 14 -13.57 16.53 -14.98
CA GLU A 14 -12.93 17.79 -14.62
C GLU A 14 -11.87 17.56 -13.55
N PRO A 15 -10.90 16.73 -13.84
CA PRO A 15 -9.79 16.41 -12.90
C PRO A 15 -8.85 17.60 -12.69
N ALA A 16 -8.24 17.66 -11.51
CA ALA A 16 -7.32 18.75 -11.20
C ALA A 16 -6.11 18.71 -12.13
N LYS A 17 -5.69 19.88 -12.60
CA LYS A 17 -4.54 19.97 -13.50
C LYS A 17 -3.27 19.52 -12.79
N GLU A 18 -3.31 19.54 -11.46
CA GLU A 18 -2.16 19.14 -10.67
C GLU A 18 -1.89 17.65 -10.81
N GLU A 19 -0.62 17.28 -10.82
CA GLU A 19 -0.24 15.88 -10.96
C GLU A 19 -0.61 15.10 -9.70
N ASP A 20 -0.99 15.82 -8.65
CA ASP A 20 -1.38 15.19 -7.40
C ASP A 20 -2.56 14.26 -7.61
N ASP A 21 -3.30 14.48 -8.69
CA ASP A 21 -4.47 13.67 -9.00
C ASP A 21 -4.04 12.23 -9.32
N TYR A 22 -2.75 12.05 -9.58
CA TYR A 22 -2.23 10.71 -9.90
C TYR A 22 -2.56 9.74 -8.77
N ASP A 23 -3.16 8.61 -9.15
CA ASP A 23 -3.53 7.59 -8.18
C ASP A 23 -2.75 6.29 -8.43
N VAL A 24 -2.09 5.80 -7.39
CA VAL A 24 -1.31 4.58 -7.50
C VAL A 24 -2.23 3.37 -7.67
N MET A 25 -3.35 3.38 -6.95
CA MET A 25 -4.31 2.29 -7.02
C MET A 25 -4.85 2.15 -8.44
N GLN A 26 -5.00 3.26 -9.13
CA GLN A 26 -5.51 3.25 -10.49
C GLN A 26 -4.48 2.64 -11.44
N ASP A 27 -3.33 2.25 -10.89
CA ASP A 27 -2.28 1.64 -11.70
C ASP A 27 -1.88 0.29 -11.10
N PRO A 28 -2.76 -0.68 -11.18
CA PRO A 28 -2.50 -2.04 -10.62
C PRO A 28 -1.33 -2.73 -11.33
N GLU A 29 -1.12 -2.39 -12.59
CA GLU A 29 -0.02 -2.99 -13.35
C GLU A 29 1.31 -2.64 -12.70
N PHE A 30 1.47 -1.37 -12.35
CA PHE A 30 2.70 -0.91 -11.72
C PHE A 30 2.88 -1.57 -10.36
N LEU A 31 1.79 -1.63 -9.60
CA LEU A 31 1.84 -2.24 -8.27
C LEU A 31 2.21 -3.71 -8.36
N GLN A 32 1.67 -4.39 -9.37
CA GLN A 32 1.97 -5.80 -9.56
C GLN A 32 3.46 -6.01 -9.80
N SER A 33 4.04 -5.14 -10.61
CA SER A 33 5.47 -5.24 -10.92
C SER A 33 6.29 -5.10 -9.65
N VAL A 34 5.92 -4.13 -8.81
CA VAL A 34 6.65 -3.91 -7.56
C VAL A 34 6.55 -5.14 -6.66
N LEU A 35 5.37 -5.70 -6.55
CA LEU A 35 5.18 -6.88 -5.72
C LEU A 35 6.03 -8.04 -6.23
N GLU A 36 6.07 -8.20 -7.54
CA GLU A 36 6.86 -9.25 -8.15
C GLU A 36 8.35 -9.03 -7.88
N ASN A 37 8.75 -7.77 -7.89
CA ASN A 37 10.14 -7.42 -7.65
C ASN A 37 10.59 -7.94 -6.29
N LEU A 38 9.70 -7.84 -5.31
CA LEU A 38 10.04 -8.28 -3.97
C LEU A 38 10.46 -9.76 -3.96
N PRO A 39 11.41 -10.12 -3.13
CA PRO A 39 11.90 -11.53 -3.06
C PRO A 39 10.86 -12.48 -2.46
N GLY A 40 10.70 -13.64 -3.09
CA GLY A 40 9.73 -14.62 -2.61
C GLY A 40 8.32 -14.22 -2.97
N VAL A 41 8.17 -13.15 -3.75
CA VAL A 41 6.85 -12.68 -4.15
C VAL A 41 6.65 -12.88 -5.64
N ASP A 42 5.58 -13.58 -6.01
CA ASP A 42 5.28 -13.82 -7.41
C ASP A 42 3.80 -13.60 -7.70
N PRO A 43 3.46 -13.18 -8.89
CA PRO A 43 2.04 -12.95 -9.29
C PRO A 43 1.24 -14.25 -9.32
N ASN A 44 1.94 -15.38 -9.38
CA ASN A 44 1.28 -16.67 -9.42
C ASN A 44 0.83 -17.09 -8.02
N ASN A 45 1.26 -16.35 -7.00
CA ASN A 45 0.89 -16.65 -5.64
C ASN A 45 -0.57 -16.32 -5.39
N GLU A 46 -1.25 -17.21 -4.67
CA GLU A 46 -2.66 -17.01 -4.36
C GLU A 46 -2.85 -15.80 -3.44
N ALA A 47 -1.91 -15.61 -2.52
CA ALA A 47 -2.00 -14.50 -1.58
C ALA A 47 -2.01 -13.17 -2.32
N ILE A 48 -1.11 -13.03 -3.27
CA ILE A 48 -1.03 -11.80 -4.07
C ILE A 48 -2.31 -11.62 -4.89
N ARG A 49 -2.78 -12.69 -5.51
CA ARG A 49 -3.98 -12.63 -6.32
C ARG A 49 -5.19 -12.26 -5.47
N ASN A 50 -5.27 -12.86 -4.28
CA ASN A 50 -6.39 -12.58 -3.38
C ASN A 50 -6.37 -11.12 -2.94
N ALA A 51 -5.18 -10.58 -2.70
CA ALA A 51 -5.05 -9.20 -2.26
C ALA A 51 -5.61 -8.25 -3.31
N MET A 52 -5.32 -8.53 -4.57
CA MET A 52 -5.80 -7.70 -5.67
C MET A 52 -7.32 -7.75 -5.75
N GLY A 53 -7.88 -8.93 -5.53
CA GLY A 53 -9.32 -9.10 -5.60
C GLY A 53 -10.02 -8.27 -4.52
N SER A 54 -9.47 -8.31 -3.31
CA SER A 54 -10.04 -7.55 -2.20
C SER A 54 -9.86 -6.06 -2.41
N LEU A 55 -8.71 -5.70 -2.98
CA LEU A 55 -8.43 -4.29 -3.21
C LEU A 55 -9.50 -3.67 -4.09
N ALA A 56 -9.88 -4.37 -5.16
CA ALA A 56 -10.89 -3.87 -6.07
C ALA A 56 -12.26 -4.35 -5.63
N SER A 57 -12.29 -5.24 -4.64
CA SER A 57 -13.55 -5.77 -4.13
C SER A 57 -14.41 -6.28 -5.28
N GLN A 58 -13.80 -7.02 -6.20
CA GLN A 58 -14.53 -7.55 -7.36
C GLN A 58 -15.64 -8.48 -6.89
N ALA A 59 -15.33 -9.32 -5.91
CA ALA A 59 -16.33 -10.26 -5.38
C ALA A 59 -16.00 -10.61 -3.93
N THR A 60 -17.05 -10.82 -3.14
CA THR A 60 -16.88 -11.17 -1.73
C THR A 60 -17.30 -12.60 -1.47
N LYS A 61 -17.91 -13.23 -2.48
CA LYS A 61 -18.35 -14.61 -2.35
C LYS A 61 -17.18 -15.53 -2.07
N ASP A 62 -16.09 -15.33 -2.82
CA ASP A 62 -14.91 -16.17 -2.65
C ASP A 62 -14.06 -15.66 -1.49
N GLY A 63 -12.97 -16.38 -1.20
CA GLY A 63 -12.09 -15.99 -0.12
C GLY A 63 -11.02 -17.05 0.12
N LYS A 64 -10.21 -16.86 1.16
CA LYS A 64 -9.16 -17.81 1.49
C LYS A 64 -8.41 -18.23 0.23
N LYS A 65 -8.44 -19.53 -0.06
CA LYS A 65 -7.76 -20.06 -1.24
C LYS A 65 -8.48 -19.63 -2.51
N ASP A 66 -7.71 -19.36 -3.56
CA ASP A 66 -8.29 -18.94 -4.83
C ASP A 66 -8.66 -20.15 -5.69
N LYS A 67 -9.95 -20.39 -5.84
CA LYS A 67 -10.42 -21.51 -6.63
C LYS A 67 -9.97 -21.38 -8.08
N LYS A 68 -9.97 -20.15 -8.59
CA LYS A 68 -9.57 -19.90 -9.96
C LYS A 68 -8.09 -20.24 -10.15
N GLU A 69 -7.80 -20.92 -11.25
CA GLU A 69 -6.43 -21.31 -11.54
C GLU A 69 -5.82 -22.04 -10.36
N GLU A 70 -6.66 -22.72 -9.58
CA GLU A 70 -6.19 -23.45 -8.42
C GLU A 70 -5.43 -24.70 -8.86
N ASP A 71 -4.26 -24.92 -8.25
CA ASP A 71 -3.45 -26.09 -8.58
C ASP A 71 -3.86 -27.29 -7.73
N LYS A 72 -4.60 -28.22 -8.34
CA LYS A 72 -5.04 -29.40 -7.62
C LYS A 72 -3.84 -30.23 -7.16
N LYS A 73 -2.82 -30.32 -8.02
CA LYS A 73 -1.63 -31.09 -7.69
C LYS A 73 -0.77 -30.32 -6.69
N MET B 1 9.96 10.61 -10.22
CA MET B 1 8.56 10.34 -10.64
C MET B 1 7.78 9.76 -9.46
N LYS B 2 6.48 9.97 -9.46
CA LYS B 2 5.63 9.47 -8.38
C LYS B 2 5.65 7.94 -8.37
N ARG B 3 5.66 7.34 -9.55
CA ARG B 3 5.68 5.88 -9.65
C ARG B 3 6.92 5.32 -8.98
N ALA B 4 8.07 5.96 -9.20
CA ALA B 4 9.31 5.51 -8.60
C ALA B 4 9.25 5.64 -7.09
N ALA B 5 8.69 6.76 -6.62
CA ALA B 5 8.57 7.01 -5.18
C ALA B 5 7.67 5.95 -4.53
N ALA B 6 6.59 5.61 -5.23
CA ALA B 6 5.65 4.63 -4.71
C ALA B 6 6.34 3.28 -4.53
N LYS B 7 7.17 2.91 -5.50
CA LYS B 7 7.90 1.65 -5.44
C LYS B 7 8.85 1.64 -4.24
N HIS B 8 9.55 2.74 -4.05
CA HIS B 8 10.51 2.84 -2.95
C HIS B 8 9.79 2.68 -1.61
N LEU B 9 8.63 3.32 -1.47
CA LEU B 9 7.88 3.24 -0.23
C LEU B 9 7.45 1.80 0.05
N ILE B 10 6.93 1.14 -0.98
CA ILE B 10 6.50 -0.25 -0.84
C ILE B 10 7.67 -1.13 -0.47
N GLU B 11 8.80 -0.93 -1.15
CA GLU B 11 9.99 -1.72 -0.89
C GLU B 11 10.45 -1.53 0.55
N ARG B 12 10.44 -0.29 1.02
CA ARG B 12 10.86 0.01 2.38
C ARG B 12 9.93 -0.67 3.39
N TYR B 13 8.64 -0.63 3.13
CA TYR B 13 7.67 -1.25 4.02
C TYR B 13 7.86 -2.75 4.09
N TYR B 14 8.12 -3.36 2.94
CA TYR B 14 8.33 -4.80 2.87
C TYR B 14 9.52 -5.21 3.72
N HIS B 15 10.63 -4.51 3.56
CA HIS B 15 11.83 -4.81 4.33
C HIS B 15 11.59 -4.62 5.81
N GLN B 16 10.89 -3.54 6.16
CA GLN B 16 10.59 -3.25 7.56
C GLN B 16 9.74 -4.35 8.19
N LEU B 17 8.80 -4.89 7.42
CA LEU B 17 7.96 -5.97 7.90
C LEU B 17 8.78 -7.24 8.15
N THR B 18 9.73 -7.50 7.26
CA THR B 18 10.56 -8.69 7.37
C THR B 18 11.80 -8.41 8.22
N GLU B 19 12.03 -7.13 8.54
CA GLU B 19 13.18 -6.74 9.34
C GLU B 19 12.74 -5.96 10.57
N GLY B 20 12.29 -4.73 10.35
CA GLY B 20 11.70 -3.95 11.45
C GLY B 20 12.62 -2.75 11.63
N CYS B 21 12.82 -2.38 12.90
CA CYS B 21 13.70 -1.24 13.20
C CYS B 21 15.08 -1.73 13.64
N GLY B 22 15.20 -3.03 13.88
CA GLY B 22 16.47 -3.60 14.29
C GLY B 22 16.57 -3.65 15.81
N ASN B 23 15.73 -2.88 16.48
CA ASN B 23 15.74 -2.83 17.94
C ASN B 23 15.26 -4.16 18.52
N GLU B 24 15.86 -4.55 19.63
CA GLU B 24 15.48 -5.81 20.27
C GLU B 24 14.03 -5.77 20.72
N ALA B 25 13.59 -4.61 21.22
CA ALA B 25 12.21 -4.46 21.67
C ALA B 25 11.62 -3.17 21.11
N CYS B 26 10.45 -3.29 20.48
CA CYS B 26 9.78 -2.14 19.90
C CYS B 26 8.30 -2.17 20.27
N THR B 27 7.77 -1.04 20.72
CA THR B 27 6.36 -0.96 21.08
C THR B 27 5.58 -0.23 19.99
N ASN B 28 5.30 -0.94 18.90
CA ASN B 28 4.55 -0.36 17.79
C ASN B 28 3.70 -1.43 17.11
N GLU B 29 2.44 -1.10 16.87
CA GLU B 29 1.52 -2.03 16.23
C GLU B 29 1.97 -2.35 14.80
N PHE B 30 2.46 -1.33 14.10
CA PHE B 30 2.93 -1.50 12.73
C PHE B 30 4.45 -1.48 12.67
N CYS B 31 5.09 -2.47 13.30
CA CYS B 31 6.54 -2.55 13.30
C CYS B 31 7.00 -3.91 13.82
N ALA B 32 8.01 -4.47 13.18
CA ALA B 32 8.55 -5.76 13.60
C ALA B 32 9.26 -5.62 14.93
N SER B 33 9.77 -6.73 15.45
CA SER B 33 10.48 -6.73 16.73
C SER B 33 9.54 -6.31 17.84
N CYS B 34 8.24 -6.34 17.56
CA CYS B 34 7.25 -5.96 18.57
C CYS B 34 6.58 -7.20 19.17
N PRO B 35 6.20 -7.14 20.42
CA PRO B 35 5.54 -8.27 21.12
C PRO B 35 4.15 -8.57 20.55
N THR B 36 3.58 -7.61 19.84
CA THR B 36 2.26 -7.77 19.25
C THR B 36 2.37 -8.08 17.77
N PHE B 37 3.60 -8.16 17.27
CA PHE B 37 3.82 -8.45 15.85
C PHE B 37 4.30 -9.88 15.67
N LEU B 38 3.61 -10.62 14.80
CA LEU B 38 3.98 -12.00 14.53
C LEU B 38 4.67 -12.10 13.18
N ARG B 39 5.80 -12.80 13.16
CA ARG B 39 6.56 -12.96 11.93
C ARG B 39 5.64 -13.39 10.80
N MET B 40 5.87 -12.82 9.63
CA MET B 40 5.07 -13.12 8.44
C MET B 40 5.94 -13.53 7.27
N ASP B 41 5.36 -14.30 6.35
CA ASP B 41 6.08 -14.76 5.18
C ASP B 41 6.24 -13.62 4.18
N ASN B 42 6.99 -13.87 3.12
CA ASN B 42 7.20 -12.85 2.10
C ASN B 42 5.88 -12.46 1.45
N ASN B 43 5.05 -13.44 1.15
CA ASN B 43 3.75 -13.17 0.55
C ASN B 43 2.86 -12.39 1.52
N ALA B 44 2.82 -12.85 2.76
CA ALA B 44 2.01 -12.20 3.79
C ALA B 44 2.53 -10.80 4.04
N ALA B 45 3.84 -10.64 4.00
CA ALA B 45 4.47 -9.37 4.34
C ALA B 45 4.14 -8.41 3.20
N ALA B 46 4.12 -8.93 1.97
CA ALA B 46 3.83 -8.10 0.81
C ALA B 46 2.44 -7.47 0.93
N ILE B 47 1.48 -8.26 1.40
CA ILE B 47 0.12 -7.76 1.58
C ILE B 47 0.10 -6.65 2.62
N LYS B 48 0.77 -6.88 3.74
CA LYS B 48 0.81 -5.87 4.80
C LYS B 48 1.52 -4.63 4.31
N ALA B 49 2.59 -4.82 3.55
CA ALA B 49 3.36 -3.71 3.02
C ALA B 49 2.49 -2.88 2.09
N LEU B 50 1.66 -3.55 1.28
CA LEU B 50 0.80 -2.84 0.35
C LEU B 50 -0.19 -1.95 1.12
N GLU B 51 -0.76 -2.49 2.19
CA GLU B 51 -1.72 -1.74 3.00
C GLU B 51 -1.03 -0.53 3.64
N LEU B 52 0.21 -0.72 4.09
CA LEU B 52 0.96 0.36 4.72
C LEU B 52 1.16 1.51 3.74
N TYR B 53 1.46 1.16 2.49
CA TYR B 53 1.66 2.17 1.46
C TYR B 53 0.36 2.93 1.21
N LYS B 54 -0.74 2.19 1.07
CA LYS B 54 -2.04 2.80 0.83
C LYS B 54 -2.43 3.74 1.97
N ILE B 55 -2.28 3.25 3.20
CA ILE B 55 -2.62 4.04 4.37
C ILE B 55 -1.50 5.01 4.70
N ASN B 56 -0.38 4.85 4.03
CA ASN B 56 0.77 5.72 4.25
C ASN B 56 1.14 5.73 5.73
N ALA B 57 1.05 4.58 6.37
CA ALA B 57 1.38 4.46 7.78
C ALA B 57 2.78 4.98 8.04
N LYS B 58 2.97 5.63 9.19
CA LYS B 58 4.27 6.19 9.54
C LYS B 58 5.26 5.07 9.86
N LEU B 59 6.52 5.30 9.49
CA LEU B 59 7.56 4.30 9.74
C LEU B 59 8.07 4.41 11.17
N CYS B 60 8.61 3.31 11.68
CA CYS B 60 9.13 3.29 13.04
C CYS B 60 10.23 4.33 13.21
N ASP B 61 11.17 4.34 12.27
CA ASP B 61 12.28 5.28 12.33
C ASP B 61 11.78 6.72 12.11
N PRO B 62 12.42 7.69 12.72
CA PRO B 62 12.05 9.12 12.57
C PRO B 62 12.35 9.67 11.18
N HIS B 63 11.63 10.70 10.78
CA HIS B 63 11.83 11.30 9.47
C HIS B 63 11.86 10.23 8.38
N PRO B 64 10.76 9.55 8.18
CA PRO B 64 10.65 8.48 7.15
C PRO B 64 11.26 8.90 5.82
ZN ZN C . 10.15 -0.44 15.58
N SER A 1 16.23 42.10 -16.11
CA SER A 1 16.26 41.07 -17.19
C SER A 1 15.03 40.19 -17.09
N ALA A 2 13.98 40.57 -17.84
CA ALA A 2 12.74 39.81 -17.82
C ALA A 2 12.28 39.55 -16.39
N ASP A 3 12.38 40.58 -15.55
CA ASP A 3 11.98 40.45 -14.16
C ASP A 3 10.48 40.18 -14.06
N ILE A 4 9.78 40.38 -15.17
CA ILE A 4 8.33 40.14 -15.21
C ILE A 4 8.03 38.67 -14.90
N ASP A 5 8.82 37.78 -15.48
CA ASP A 5 8.62 36.35 -15.26
C ASP A 5 9.26 35.91 -13.96
N ALA A 6 8.42 35.59 -12.96
CA ALA A 6 8.92 35.16 -11.66
C ALA A 6 7.93 34.22 -11.00
N SER A 7 8.42 33.43 -10.04
CA SER A 7 7.57 32.48 -9.34
C SER A 7 6.45 33.21 -8.61
N SER A 8 6.80 34.35 -8.01
CA SER A 8 5.80 35.14 -7.27
C SER A 8 5.33 34.39 -6.03
N ALA A 9 5.06 35.13 -4.97
CA ALA A 9 4.60 34.53 -3.72
C ALA A 9 3.23 33.87 -3.92
N MET A 10 2.59 34.19 -5.03
CA MET A 10 1.28 33.63 -5.33
C MET A 10 1.36 32.11 -5.39
N ASP A 11 2.46 31.60 -5.91
CA ASP A 11 2.64 30.16 -6.04
C ASP A 11 2.60 29.49 -4.67
N THR A 12 2.66 30.30 -3.62
CA THR A 12 2.62 29.78 -2.26
C THR A 12 1.32 29.01 -2.01
N SER A 13 0.21 29.58 -2.46
CA SER A 13 -1.08 28.94 -2.28
C SER A 13 -1.21 27.70 -3.17
N GLU A 14 -2.12 26.80 -2.81
CA GLU A 14 -2.32 25.57 -3.58
C GLU A 14 -0.98 24.95 -3.92
N PRO A 15 -0.29 24.44 -2.93
CA PRO A 15 1.05 23.80 -3.12
C PRO A 15 0.99 22.61 -4.07
N ALA A 16 2.03 22.46 -4.89
CA ALA A 16 2.09 21.36 -5.84
C ALA A 16 0.73 21.11 -6.47
N LYS A 17 0.02 20.13 -5.93
CA LYS A 17 -1.31 19.79 -6.43
C LYS A 17 -1.25 19.49 -7.93
N GLU A 18 -2.42 19.26 -8.54
CA GLU A 18 -2.48 18.97 -9.96
C GLU A 18 -1.78 17.66 -10.27
N GLU A 19 -0.45 17.67 -10.25
CA GLU A 19 0.32 16.47 -10.54
C GLU A 19 0.13 15.44 -9.43
N ASP A 20 -0.14 15.91 -8.22
CA ASP A 20 -0.35 15.01 -7.09
C ASP A 20 -1.64 14.23 -7.25
N ASP A 21 -2.42 14.59 -8.27
CA ASP A 21 -3.69 13.92 -8.53
C ASP A 21 -3.43 12.45 -8.88
N TYR A 22 -2.32 12.18 -9.56
CA TYR A 22 -1.99 10.81 -9.95
C TYR A 22 -2.36 9.84 -8.83
N ASP A 23 -3.08 8.77 -9.19
CA ASP A 23 -3.49 7.77 -8.22
C ASP A 23 -2.70 6.47 -8.42
N VAL A 24 -2.08 6.00 -7.34
CA VAL A 24 -1.30 4.77 -7.40
C VAL A 24 -2.22 3.57 -7.69
N MET A 25 -3.39 3.57 -7.08
CA MET A 25 -4.35 2.49 -7.27
C MET A 25 -4.75 2.39 -8.73
N GLN A 26 -4.83 3.52 -9.40
CA GLN A 26 -5.20 3.56 -10.81
C GLN A 26 -4.08 2.99 -11.66
N ASP A 27 -3.00 2.56 -11.01
CA ASP A 27 -1.86 1.99 -11.72
C ASP A 27 -1.51 0.62 -11.14
N PRO A 28 -2.40 -0.34 -11.30
CA PRO A 28 -2.18 -1.72 -10.79
C PRO A 28 -1.01 -2.41 -11.47
N GLU A 29 -0.75 -2.04 -12.71
CA GLU A 29 0.35 -2.65 -13.45
C GLU A 29 1.68 -2.37 -12.74
N PHE A 30 1.87 -1.12 -12.33
CA PHE A 30 3.08 -0.73 -11.64
C PHE A 30 3.16 -1.42 -10.28
N LEU A 31 2.02 -1.47 -9.58
CA LEU A 31 1.98 -2.10 -8.27
C LEU A 31 2.34 -3.58 -8.37
N GLN A 32 1.85 -4.23 -9.42
CA GLN A 32 2.14 -5.65 -9.61
C GLN A 32 3.63 -5.87 -9.77
N SER A 33 4.28 -4.99 -10.53
CA SER A 33 5.72 -5.09 -10.75
C SER A 33 6.48 -4.95 -9.44
N VAL A 34 6.02 -4.02 -8.60
CA VAL A 34 6.67 -3.79 -7.32
C VAL A 34 6.58 -5.03 -6.44
N LEU A 35 5.40 -5.62 -6.38
CA LEU A 35 5.20 -6.81 -5.57
C LEU A 35 6.07 -7.95 -6.07
N GLU A 36 6.14 -8.09 -7.39
CA GLU A 36 6.94 -9.14 -8.00
C GLU A 36 8.42 -8.92 -7.71
N ASN A 37 8.83 -7.65 -7.74
CA ASN A 37 10.22 -7.30 -7.50
C ASN A 37 10.65 -7.77 -6.13
N LEU A 38 9.75 -7.65 -5.16
CA LEU A 38 10.07 -8.06 -3.80
C LEU A 38 10.51 -9.53 -3.75
N PRO A 39 11.48 -9.85 -2.93
CA PRO A 39 11.99 -11.25 -2.82
C PRO A 39 10.98 -12.19 -2.16
N GLY A 40 10.83 -13.37 -2.73
CA GLY A 40 9.90 -14.35 -2.19
C GLY A 40 8.47 -14.01 -2.57
N VAL A 41 8.30 -12.97 -3.39
CA VAL A 41 6.97 -12.56 -3.81
C VAL A 41 6.78 -12.83 -5.28
N ASP A 42 5.73 -13.58 -5.61
CA ASP A 42 5.44 -13.91 -7.00
C ASP A 42 3.97 -13.68 -7.33
N PRO A 43 3.65 -13.33 -8.55
CA PRO A 43 2.24 -13.10 -8.99
C PRO A 43 1.43 -14.39 -8.99
N ASN A 44 2.12 -15.53 -8.97
CA ASN A 44 1.45 -16.81 -8.98
C ASN A 44 0.97 -17.18 -7.57
N ASN A 45 1.39 -16.40 -6.58
CA ASN A 45 1.01 -16.64 -5.20
C ASN A 45 -0.49 -16.42 -5.03
N GLU A 46 -1.13 -17.31 -4.30
CA GLU A 46 -2.56 -17.22 -4.05
C GLU A 46 -2.87 -15.99 -3.22
N ALA A 47 -2.00 -15.68 -2.27
CA ALA A 47 -2.21 -14.53 -1.40
C ALA A 47 -2.29 -13.23 -2.23
N ILE A 48 -1.37 -13.08 -3.17
CA ILE A 48 -1.36 -11.90 -4.02
C ILE A 48 -2.62 -11.84 -4.87
N ARG A 49 -3.00 -12.97 -5.44
CA ARG A 49 -4.18 -13.02 -6.28
C ARG A 49 -5.43 -12.66 -5.47
N ASN A 50 -5.56 -13.26 -4.30
CA ASN A 50 -6.72 -12.99 -3.45
C ASN A 50 -6.72 -11.54 -3.00
N ALA A 51 -5.55 -11.00 -2.67
CA ALA A 51 -5.45 -9.62 -2.23
C ALA A 51 -5.92 -8.66 -3.31
N MET A 52 -5.52 -8.93 -4.55
CA MET A 52 -5.92 -8.08 -5.67
C MET A 52 -7.43 -8.13 -5.86
N GLY A 53 -8.00 -9.31 -5.70
CA GLY A 53 -9.44 -9.47 -5.87
C GLY A 53 -10.21 -8.63 -4.84
N SER A 54 -9.73 -8.66 -3.59
CA SER A 54 -10.37 -7.90 -2.53
C SER A 54 -10.26 -6.41 -2.80
N LEU A 55 -9.09 -5.98 -3.24
CA LEU A 55 -8.87 -4.58 -3.53
C LEU A 55 -9.80 -4.11 -4.65
N ALA A 56 -9.92 -4.92 -5.68
CA ALA A 56 -10.77 -4.59 -6.82
C ALA A 56 -12.22 -4.43 -6.36
N SER A 57 -12.66 -5.32 -5.48
CA SER A 57 -14.03 -5.27 -4.97
C SER A 57 -14.28 -3.97 -4.24
N GLN A 58 -13.29 -3.54 -3.46
CA GLN A 58 -13.41 -2.29 -2.70
C GLN A 58 -13.58 -1.11 -3.64
N ALA A 59 -12.84 -1.12 -4.74
CA ALA A 59 -12.92 -0.03 -5.71
C ALA A 59 -14.30 0.02 -6.35
N THR A 60 -14.77 1.22 -6.63
CA THR A 60 -16.09 1.39 -7.25
C THR A 60 -16.08 0.86 -8.68
N LYS A 61 -14.95 1.02 -9.35
CA LYS A 61 -14.81 0.57 -10.74
C LYS A 61 -13.50 -0.21 -10.91
N ASP A 62 -13.57 -1.29 -11.68
CA ASP A 62 -12.38 -2.11 -11.92
C ASP A 62 -12.10 -2.20 -13.42
N GLY A 63 -13.13 -1.94 -14.23
CA GLY A 63 -12.98 -2.00 -15.67
C GLY A 63 -13.05 -3.44 -16.17
N LYS A 64 -12.69 -3.66 -17.43
CA LYS A 64 -12.72 -4.99 -18.01
C LYS A 64 -11.36 -5.36 -18.59
N LYS A 65 -10.97 -6.61 -18.43
CA LYS A 65 -9.69 -7.07 -18.94
C LYS A 65 -9.65 -6.96 -20.47
N ASP A 66 -10.80 -7.14 -21.10
CA ASP A 66 -10.88 -7.05 -22.55
C ASP A 66 -10.57 -5.63 -23.02
N LYS A 67 -11.10 -4.64 -22.30
CA LYS A 67 -10.88 -3.24 -22.64
C LYS A 67 -9.41 -2.88 -22.54
N LYS A 68 -8.75 -3.40 -21.50
CA LYS A 68 -7.34 -3.13 -21.29
C LYS A 68 -6.51 -3.72 -22.43
N GLU A 69 -6.87 -4.93 -22.85
CA GLU A 69 -6.15 -5.60 -23.93
C GLU A 69 -6.25 -4.80 -25.21
N GLU A 70 -7.43 -4.25 -25.48
CA GLU A 70 -7.66 -3.46 -26.68
C GLU A 70 -7.35 -4.28 -27.92
N ASP A 71 -6.39 -3.81 -28.72
CA ASP A 71 -6.00 -4.51 -29.94
C ASP A 71 -4.70 -5.28 -29.73
N LYS A 72 -4.26 -5.37 -28.48
CA LYS A 72 -3.03 -6.08 -28.17
C LYS A 72 -3.24 -7.59 -28.26
N LYS A 73 -2.19 -8.31 -28.65
CA LYS A 73 -2.28 -9.75 -28.78
C LYS A 73 -2.23 -10.41 -27.40
N MET B 1 7.96 9.65 -12.34
CA MET B 1 8.80 9.58 -11.11
C MET B 1 7.90 9.31 -9.90
N LYS B 2 6.61 9.60 -10.04
CA LYS B 2 5.66 9.40 -8.95
C LYS B 2 5.57 7.91 -8.61
N ARG B 3 5.53 7.08 -9.65
CA ARG B 3 5.44 5.63 -9.45
C ARG B 3 6.69 5.11 -8.74
N ALA B 4 7.84 5.64 -9.12
CA ALA B 4 9.11 5.24 -8.51
C ALA B 4 9.09 5.53 -7.02
N ALA B 5 8.55 6.69 -6.65
CA ALA B 5 8.49 7.08 -5.25
C ALA B 5 7.63 6.11 -4.46
N ALA B 6 6.52 5.68 -5.07
CA ALA B 6 5.62 4.73 -4.42
C ALA B 6 6.33 3.42 -4.13
N LYS B 7 7.17 2.99 -5.08
CA LYS B 7 7.92 1.76 -4.91
C LYS B 7 8.82 1.83 -3.69
N HIS B 8 9.51 2.95 -3.52
CA HIS B 8 10.41 3.13 -2.40
C HIS B 8 9.63 3.04 -1.08
N LEU B 9 8.45 3.65 -1.05
CA LEU B 9 7.63 3.64 0.15
C LEU B 9 7.21 2.22 0.50
N ILE B 10 6.67 1.52 -0.49
CA ILE B 10 6.24 0.14 -0.29
C ILE B 10 7.43 -0.72 0.11
N GLU B 11 8.56 -0.53 -0.54
CA GLU B 11 9.76 -1.29 -0.24
C GLU B 11 10.18 -1.07 1.21
N ARG B 12 10.08 0.17 1.66
CA ARG B 12 10.46 0.50 3.03
C ARG B 12 9.58 -0.25 4.02
N TYR B 13 8.29 -0.33 3.72
CA TYR B 13 7.35 -1.03 4.59
C TYR B 13 7.65 -2.53 4.60
N TYR B 14 7.98 -3.06 3.43
CA TYR B 14 8.29 -4.48 3.31
C TYR B 14 9.49 -4.84 4.17
N HIS B 15 10.55 -4.05 4.07
CA HIS B 15 11.75 -4.29 4.86
C HIS B 15 11.44 -4.17 6.35
N GLN B 16 10.63 -3.18 6.69
CA GLN B 16 10.27 -2.98 8.09
C GLN B 16 9.52 -4.19 8.65
N LEU B 17 8.64 -4.75 7.85
CA LEU B 17 7.88 -5.93 8.26
C LEU B 17 8.76 -7.17 8.28
N THR B 18 9.65 -7.28 7.30
CA THR B 18 10.54 -8.42 7.19
C THR B 18 11.79 -8.22 8.06
N GLU B 19 11.91 -7.05 8.68
CA GLU B 19 13.07 -6.78 9.52
C GLU B 19 12.66 -5.89 10.68
N GLY B 20 12.24 -4.68 10.39
CA GLY B 20 11.73 -3.79 11.42
C GLY B 20 12.90 -2.97 11.93
N CYS B 21 13.04 -2.89 13.24
CA CYS B 21 14.13 -2.13 13.84
C CYS B 21 15.22 -3.05 14.38
N GLY B 22 14.87 -4.33 14.49
CA GLY B 22 15.83 -5.32 14.98
C GLY B 22 15.84 -5.37 16.50
N ASN B 23 15.30 -4.32 17.12
CA ASN B 23 15.25 -4.24 18.58
C ASN B 23 13.97 -4.85 19.12
N GLU B 24 14.10 -5.54 20.26
CA GLU B 24 12.95 -6.20 20.86
C GLU B 24 11.87 -5.19 21.23
N ALA B 25 12.30 -4.03 21.72
CA ALA B 25 11.35 -2.99 22.11
C ALA B 25 11.02 -2.10 20.91
N CYS B 26 9.74 -1.94 20.64
CA CYS B 26 9.30 -1.11 19.52
C CYS B 26 7.95 -0.47 19.82
N THR B 27 7.81 0.80 19.47
CA THR B 27 6.56 1.51 19.71
C THR B 27 5.69 1.52 18.45
N ASN B 28 6.12 0.78 17.43
CA ASN B 28 5.38 0.70 16.18
C ASN B 28 4.68 -0.65 16.07
N GLU B 29 3.35 -0.63 16.08
CA GLU B 29 2.59 -1.85 15.99
C GLU B 29 2.88 -2.58 14.68
N PHE B 30 3.02 -1.81 13.60
CA PHE B 30 3.30 -2.40 12.30
C PHE B 30 4.81 -2.44 12.04
N CYS B 31 5.54 -3.12 12.92
CA CYS B 31 6.99 -3.24 12.78
C CYS B 31 7.50 -4.55 13.36
N ALA B 32 8.38 -5.22 12.63
CA ALA B 32 8.94 -6.48 13.10
C ALA B 32 9.57 -6.28 14.47
N SER B 33 9.83 -7.39 15.14
CA SER B 33 10.47 -7.35 16.44
C SER B 33 9.57 -6.71 17.47
N CYS B 34 8.42 -6.23 17.03
CA CYS B 34 7.55 -5.49 17.96
C CYS B 34 6.72 -6.55 18.63
N PRO B 35 6.64 -6.60 19.95
CA PRO B 35 5.84 -7.64 20.67
C PRO B 35 4.41 -7.75 20.14
N THR B 36 3.90 -6.67 19.57
CA THR B 36 2.55 -6.65 19.03
C THR B 36 2.53 -7.11 17.57
N PHE B 37 3.67 -7.63 17.11
CA PHE B 37 3.82 -7.91 15.67
C PHE B 37 4.47 -9.29 15.61
N LEU B 38 3.92 -10.16 14.78
CA LEU B 38 4.45 -11.52 14.62
C LEU B 38 5.10 -11.68 13.26
N ARG B 39 6.12 -12.53 13.20
CA ARG B 39 6.83 -12.76 11.95
C ARG B 39 5.85 -13.12 10.84
N MET B 40 6.12 -12.61 9.64
CA MET B 40 5.26 -12.87 8.50
C MET B 40 6.06 -13.41 7.32
N ASP B 41 5.37 -14.07 6.39
CA ASP B 41 6.02 -14.64 5.22
C ASP B 41 6.30 -13.53 4.21
N ASN B 42 7.06 -13.87 3.18
CA ASN B 42 7.39 -12.92 2.13
C ASN B 42 6.12 -12.44 1.42
N ASN B 43 5.21 -13.36 1.19
CA ASN B 43 3.95 -13.02 0.52
C ASN B 43 3.04 -12.26 1.47
N ALA B 44 2.95 -12.73 2.71
CA ALA B 44 2.10 -12.07 3.71
C ALA B 44 2.58 -10.65 3.95
N ALA B 45 3.90 -10.50 4.09
CA ALA B 45 4.49 -9.18 4.32
C ALA B 45 4.16 -8.25 3.15
N ALA B 46 4.18 -8.78 1.94
CA ALA B 46 3.90 -7.98 0.76
C ALA B 46 2.49 -7.39 0.83
N ILE B 47 1.54 -8.20 1.29
CA ILE B 47 0.15 -7.75 1.40
C ILE B 47 0.03 -6.62 2.41
N LYS B 48 0.66 -6.81 3.56
CA LYS B 48 0.62 -5.79 4.60
C LYS B 48 1.29 -4.52 4.10
N ALA B 49 2.38 -4.68 3.37
CA ALA B 49 3.11 -3.54 2.84
C ALA B 49 2.20 -2.73 1.92
N LEU B 50 1.42 -3.42 1.09
CA LEU B 50 0.53 -2.73 0.18
C LEU B 50 -0.53 -1.95 0.96
N GLU B 51 -1.12 -2.60 1.95
CA GLU B 51 -2.15 -1.98 2.77
C GLU B 51 -1.58 -0.83 3.58
N LEU B 52 -0.36 -1.00 4.07
CA LEU B 52 0.28 0.02 4.92
C LEU B 52 0.53 1.26 4.08
N TYR B 53 0.93 1.04 2.83
CA TYR B 53 1.19 2.15 1.92
C TYR B 53 -0.08 2.97 1.73
N LYS B 54 -1.20 2.28 1.53
CA LYS B 54 -2.48 2.96 1.32
C LYS B 54 -2.77 3.90 2.48
N ILE B 55 -2.62 3.40 3.69
CA ILE B 55 -2.87 4.21 4.89
C ILE B 55 -1.67 5.08 5.21
N ASN B 56 -0.61 4.92 4.43
CA ASN B 56 0.60 5.70 4.64
C ASN B 56 1.10 5.53 6.08
N ALA B 57 1.03 4.29 6.58
CA ALA B 57 1.48 4.02 7.93
C ALA B 57 2.90 4.56 8.15
N LYS B 58 3.14 5.12 9.32
CA LYS B 58 4.44 5.68 9.65
C LYS B 58 5.48 4.58 9.82
N LEU B 59 6.70 4.86 9.40
CA LEU B 59 7.80 3.90 9.51
C LEU B 59 8.41 3.95 10.91
N CYS B 60 9.01 2.83 11.31
CA CYS B 60 9.64 2.75 12.62
C CYS B 60 10.74 3.79 12.74
N ASP B 61 11.58 3.87 11.72
CA ASP B 61 12.68 4.82 11.73
C ASP B 61 12.14 6.26 11.62
N PRO B 62 12.83 7.22 12.21
CA PRO B 62 12.40 8.65 12.15
C PRO B 62 12.55 9.24 10.75
N HIS B 63 11.72 10.22 10.43
CA HIS B 63 11.76 10.87 9.12
C HIS B 63 11.70 12.38 9.27
N PRO B 64 12.78 12.99 9.67
CA PRO B 64 12.86 14.47 9.85
C PRO B 64 12.39 15.22 8.62
ZN ZN C . 10.38 -0.99 15.14
N SER A 1 18.22 38.94 11.07
CA SER A 1 16.99 39.61 11.61
C SER A 1 16.18 40.18 10.46
N ALA A 2 16.84 40.96 9.61
CA ALA A 2 16.17 41.57 8.46
C ALA A 2 15.30 42.73 8.91
N ASP A 3 14.31 42.44 9.76
CA ASP A 3 13.42 43.48 10.25
C ASP A 3 12.86 44.31 9.10
N ILE A 4 12.42 43.63 8.03
CA ILE A 4 11.87 44.31 6.87
C ILE A 4 10.51 43.74 6.50
N ASP A 5 9.71 44.53 5.80
CA ASP A 5 8.38 44.08 5.39
C ASP A 5 8.45 43.40 4.02
N ALA A 6 8.34 42.07 4.02
CA ALA A 6 8.39 41.32 2.77
C ALA A 6 7.19 41.65 1.90
N SER A 7 7.39 41.66 0.59
CA SER A 7 6.30 41.97 -0.34
C SER A 7 6.46 41.17 -1.63
N SER A 8 5.35 40.67 -2.15
CA SER A 8 5.37 39.89 -3.38
C SER A 8 4.06 40.04 -4.14
N ALA A 9 4.14 40.00 -5.46
CA ALA A 9 2.95 40.14 -6.30
C ALA A 9 1.97 38.99 -6.03
N MET A 10 0.68 39.30 -6.08
CA MET A 10 -0.35 38.29 -5.84
C MET A 10 -0.87 37.74 -7.16
N ASP A 11 -0.86 36.42 -7.29
CA ASP A 11 -1.34 35.76 -8.50
C ASP A 11 -2.81 35.41 -8.38
N THR A 12 -3.65 36.14 -9.11
CA THR A 12 -5.09 35.88 -9.08
C THR A 12 -5.41 34.53 -9.69
N SER A 13 -4.57 34.07 -10.62
CA SER A 13 -4.77 32.79 -11.26
C SER A 13 -4.48 31.66 -10.29
N GLU A 14 -4.99 30.46 -10.61
CA GLU A 14 -4.77 29.29 -9.76
C GLU A 14 -4.33 28.09 -10.59
N PRO A 15 -3.10 28.10 -11.05
CA PRO A 15 -2.55 26.98 -11.88
C PRO A 15 -2.66 25.64 -11.17
N ALA A 16 -2.97 24.59 -11.94
CA ALA A 16 -3.11 23.25 -11.39
C ALA A 16 -2.14 22.29 -12.07
N LYS A 17 -1.38 21.56 -11.27
CA LYS A 17 -0.41 20.61 -11.79
C LYS A 17 -1.14 19.55 -12.62
N GLU A 18 -2.28 19.09 -12.11
CA GLU A 18 -3.04 18.05 -12.79
C GLU A 18 -2.34 16.69 -12.65
N GLU A 19 -1.01 16.71 -12.69
CA GLU A 19 -0.23 15.50 -12.56
C GLU A 19 -0.41 14.89 -11.18
N ASP A 20 -0.68 15.74 -10.20
CA ASP A 20 -0.86 15.28 -8.83
C ASP A 20 -2.04 14.32 -8.74
N ASP A 21 -2.95 14.40 -9.69
CA ASP A 21 -4.12 13.53 -9.72
C ASP A 21 -3.69 12.07 -9.92
N TYR A 22 -2.45 11.88 -10.33
CA TYR A 22 -1.93 10.53 -10.56
C TYR A 22 -2.14 9.67 -9.32
N ASP A 23 -2.73 8.50 -9.51
CA ASP A 23 -2.99 7.58 -8.41
C ASP A 23 -2.29 6.25 -8.65
N VAL A 24 -1.43 5.86 -7.71
CA VAL A 24 -0.71 4.60 -7.83
C VAL A 24 -1.67 3.41 -7.81
N MET A 25 -2.68 3.50 -6.95
CA MET A 25 -3.67 2.44 -6.83
C MET A 25 -4.40 2.23 -8.16
N GLN A 26 -4.62 3.31 -8.88
CA GLN A 26 -5.31 3.24 -10.17
C GLN A 26 -4.42 2.60 -11.22
N ASP A 27 -3.26 2.10 -10.79
CA ASP A 27 -2.32 1.46 -11.70
C ASP A 27 -1.87 0.11 -11.15
N PRO A 28 -2.72 -0.88 -11.22
CA PRO A 28 -2.40 -2.25 -10.72
C PRO A 28 -1.15 -2.83 -11.38
N GLU A 29 -0.94 -2.49 -12.64
CA GLU A 29 0.22 -3.00 -13.36
C GLU A 29 1.51 -2.55 -12.68
N PHE A 30 1.58 -1.29 -12.30
CA PHE A 30 2.76 -0.76 -11.64
C PHE A 30 2.97 -1.46 -10.30
N LEU A 31 1.90 -1.58 -9.53
CA LEU A 31 1.97 -2.22 -8.23
C LEU A 31 2.36 -3.69 -8.37
N GLN A 32 1.81 -4.35 -9.39
CA GLN A 32 2.12 -5.76 -9.61
C GLN A 32 3.61 -5.95 -9.87
N SER A 33 4.19 -5.06 -10.66
CA SER A 33 5.61 -5.15 -10.96
C SER A 33 6.44 -5.05 -9.69
N VAL A 34 6.06 -4.11 -8.82
CA VAL A 34 6.79 -3.92 -7.57
C VAL A 34 6.66 -5.17 -6.69
N LEU A 35 5.45 -5.70 -6.59
CA LEU A 35 5.21 -6.88 -5.78
C LEU A 35 6.01 -8.07 -6.32
N GLU A 36 6.09 -8.16 -7.64
CA GLU A 36 6.84 -9.25 -8.27
C GLU A 36 8.32 -9.15 -7.91
N ASN A 37 8.84 -7.93 -7.87
CA ASN A 37 10.24 -7.72 -7.55
C ASN A 37 10.54 -8.23 -6.14
N LEU A 38 9.64 -7.97 -5.20
CA LEU A 38 9.84 -8.41 -3.84
C LEU A 38 10.27 -9.88 -3.81
N PRO A 39 11.49 -10.16 -3.44
CA PRO A 39 12.00 -11.56 -3.36
C PRO A 39 11.12 -12.44 -2.49
N GLY A 40 10.86 -13.66 -2.95
CA GLY A 40 10.04 -14.60 -2.20
C GLY A 40 8.55 -14.33 -2.42
N VAL A 41 8.26 -13.32 -3.23
CA VAL A 41 6.87 -12.97 -3.51
C VAL A 41 6.62 -13.04 -5.01
N ASP A 42 5.61 -13.81 -5.40
CA ASP A 42 5.27 -13.94 -6.81
C ASP A 42 3.77 -13.71 -7.04
N PRO A 43 3.42 -13.19 -8.18
CA PRO A 43 1.98 -12.93 -8.54
C PRO A 43 1.18 -14.22 -8.67
N ASN A 44 1.88 -15.32 -8.90
CA ASN A 44 1.22 -16.62 -9.06
C ASN A 44 0.69 -17.10 -7.71
N ASN A 45 1.16 -16.49 -6.63
CA ASN A 45 0.73 -16.87 -5.29
C ASN A 45 -0.75 -16.54 -5.11
N GLU A 46 -1.45 -17.44 -4.43
CA GLU A 46 -2.88 -17.24 -4.18
C GLU A 46 -3.10 -16.03 -3.28
N ALA A 47 -2.14 -15.76 -2.40
CA ALA A 47 -2.25 -14.63 -1.48
C ALA A 47 -2.32 -13.33 -2.26
N ILE A 48 -1.48 -13.21 -3.30
CA ILE A 48 -1.47 -12.01 -4.12
C ILE A 48 -2.77 -11.87 -4.88
N ARG A 49 -3.24 -12.98 -5.45
CA ARG A 49 -4.48 -12.96 -6.20
C ARG A 49 -5.66 -12.54 -5.32
N ASN A 50 -5.73 -13.11 -4.12
CA ASN A 50 -6.79 -12.79 -3.19
C ASN A 50 -6.72 -11.32 -2.78
N ALA A 51 -5.51 -10.85 -2.51
CA ALA A 51 -5.32 -9.47 -2.10
C ALA A 51 -5.79 -8.51 -3.19
N MET A 52 -5.45 -8.82 -4.43
CA MET A 52 -5.83 -7.98 -5.55
C MET A 52 -7.36 -7.96 -5.70
N GLY A 53 -7.99 -9.11 -5.49
CA GLY A 53 -9.43 -9.21 -5.60
C GLY A 53 -10.12 -8.32 -4.58
N SER A 54 -9.63 -8.35 -3.35
CA SER A 54 -10.20 -7.53 -2.28
C SER A 54 -9.97 -6.05 -2.55
N LEU A 55 -8.81 -5.73 -3.12
CA LEU A 55 -8.48 -4.35 -3.41
C LEU A 55 -9.52 -3.75 -4.34
N ALA A 56 -9.90 -4.50 -5.37
CA ALA A 56 -10.89 -4.03 -6.33
C ALA A 56 -12.29 -4.47 -5.89
N SER A 57 -12.34 -5.29 -4.84
CA SER A 57 -13.62 -5.79 -4.34
C SER A 57 -14.44 -6.39 -5.47
N GLN A 58 -13.77 -7.15 -6.35
CA GLN A 58 -14.47 -7.78 -7.46
C GLN A 58 -14.63 -9.27 -7.20
N ALA A 59 -15.73 -9.63 -6.55
CA ALA A 59 -16.00 -11.04 -6.24
C ALA A 59 -16.18 -11.83 -7.54
N THR A 60 -15.61 -13.04 -7.57
CA THR A 60 -15.72 -13.89 -8.74
C THR A 60 -16.12 -15.31 -8.34
N LYS A 61 -16.60 -16.08 -9.31
CA LYS A 61 -17.02 -17.44 -9.05
C LYS A 61 -15.98 -18.44 -9.56
N ASP A 62 -15.75 -19.50 -8.78
CA ASP A 62 -14.78 -20.52 -9.16
C ASP A 62 -15.19 -21.21 -10.46
N GLY A 63 -14.21 -21.52 -11.29
CA GLY A 63 -14.48 -22.19 -12.56
C GLY A 63 -14.90 -21.18 -13.63
N LYS A 64 -16.02 -20.50 -13.39
CA LYS A 64 -16.51 -19.50 -14.34
C LYS A 64 -15.49 -18.39 -14.52
N LYS A 65 -14.91 -17.93 -13.41
CA LYS A 65 -13.92 -16.87 -13.45
C LYS A 65 -14.32 -15.80 -14.46
N ASP A 66 -13.42 -15.48 -15.38
CA ASP A 66 -13.69 -14.47 -16.40
C ASP A 66 -13.93 -15.13 -17.76
N LYS A 67 -14.19 -16.43 -17.75
CA LYS A 67 -14.43 -17.17 -18.99
C LYS A 67 -15.74 -16.73 -19.62
N LYS A 68 -15.72 -16.50 -20.93
CA LYS A 68 -16.92 -16.08 -21.64
C LYS A 68 -17.98 -17.17 -21.62
N GLU A 69 -17.53 -18.41 -21.78
CA GLU A 69 -18.44 -19.55 -21.78
C GLU A 69 -19.55 -19.34 -22.82
N GLU A 70 -20.32 -20.39 -23.07
CA GLU A 70 -21.41 -20.31 -24.04
C GLU A 70 -20.89 -19.80 -25.39
N ASP A 71 -19.72 -20.27 -25.79
CA ASP A 71 -19.13 -19.86 -27.04
C ASP A 71 -19.62 -20.75 -28.19
N LYS A 72 -20.52 -21.68 -27.86
CA LYS A 72 -21.05 -22.59 -28.87
C LYS A 72 -21.95 -21.84 -29.84
N LYS A 73 -21.92 -22.26 -31.10
CA LYS A 73 -22.74 -21.62 -32.13
C LYS A 73 -23.98 -22.46 -32.43
N MET B 1 8.77 10.44 -11.94
CA MET B 1 9.53 10.38 -10.65
C MET B 1 8.58 9.97 -9.53
N LYS B 2 7.32 10.35 -9.66
CA LYS B 2 6.32 10.01 -8.65
C LYS B 2 6.15 8.50 -8.55
N ARG B 3 6.20 7.83 -9.69
CA ARG B 3 6.04 6.37 -9.71
C ARG B 3 7.17 5.71 -8.93
N ALA B 4 8.39 6.21 -9.12
CA ALA B 4 9.54 5.65 -8.41
C ALA B 4 9.38 5.82 -6.91
N ALA B 5 8.86 6.97 -6.50
CA ALA B 5 8.65 7.26 -5.09
C ALA B 5 7.68 6.24 -4.49
N ALA B 6 6.64 5.90 -5.24
CA ALA B 6 5.65 4.95 -4.77
C ALA B 6 6.29 3.60 -4.50
N LYS B 7 7.16 3.17 -5.41
CA LYS B 7 7.85 1.90 -5.25
C LYS B 7 8.77 1.93 -4.03
N HIS B 8 9.47 3.04 -3.86
CA HIS B 8 10.38 3.18 -2.73
C HIS B 8 9.64 3.06 -1.42
N LEU B 9 8.48 3.70 -1.32
CA LEU B 9 7.70 3.65 -0.10
C LEU B 9 7.27 2.22 0.20
N ILE B 10 6.80 1.52 -0.82
CA ILE B 10 6.36 0.14 -0.66
C ILE B 10 7.54 -0.73 -0.22
N GLU B 11 8.69 -0.52 -0.86
CA GLU B 11 9.88 -1.29 -0.54
C GLU B 11 10.30 -1.03 0.89
N ARG B 12 10.24 0.23 1.32
CA ARG B 12 10.62 0.58 2.68
C ARG B 12 9.73 -0.11 3.70
N TYR B 13 8.42 -0.12 3.43
CA TYR B 13 7.47 -0.76 4.33
C TYR B 13 7.72 -2.26 4.38
N TYR B 14 7.94 -2.86 3.22
CA TYR B 14 8.19 -4.29 3.14
C TYR B 14 9.48 -4.65 3.87
N HIS B 15 10.54 -3.91 3.58
CA HIS B 15 11.84 -4.15 4.20
C HIS B 15 11.75 -4.01 5.72
N GLN B 16 11.12 -2.94 6.18
CA GLN B 16 10.97 -2.71 7.60
C GLN B 16 10.04 -3.73 8.26
N LEU B 17 9.01 -4.13 7.54
CA LEU B 17 8.09 -5.13 8.06
C LEU B 17 8.77 -6.48 8.18
N THR B 18 9.51 -6.87 7.15
CA THR B 18 10.21 -8.14 7.16
C THR B 18 11.40 -8.11 8.10
N GLU B 19 11.96 -6.92 8.30
CA GLU B 19 13.11 -6.76 9.18
C GLU B 19 12.68 -6.16 10.51
N GLY B 20 12.48 -4.84 10.52
CA GLY B 20 11.97 -4.16 11.71
C GLY B 20 12.77 -2.88 11.91
N CYS B 21 12.82 -2.41 13.15
CA CYS B 21 13.55 -1.19 13.46
C CYS B 21 14.93 -1.51 14.01
N GLY B 22 15.14 -2.78 14.36
CA GLY B 22 16.43 -3.21 14.88
C GLY B 22 16.49 -3.04 16.39
N ASN B 23 15.60 -2.21 16.92
CA ASN B 23 15.56 -1.97 18.36
C ASN B 23 15.01 -3.18 19.10
N GLU B 24 15.58 -3.45 20.27
CA GLU B 24 15.15 -4.59 21.07
C GLU B 24 13.69 -4.41 21.49
N ALA B 25 13.33 -3.18 21.84
CA ALA B 25 11.96 -2.88 22.27
C ALA B 25 11.26 -1.99 21.24
N CYS B 26 10.02 -2.34 20.91
CA CYS B 26 9.26 -1.57 19.94
C CYS B 26 7.82 -1.40 20.41
N THR B 27 7.35 -0.15 20.44
CA THR B 27 5.99 0.14 20.88
C THR B 27 5.09 0.43 19.69
N ASN B 28 5.60 0.19 18.48
CA ASN B 28 4.83 0.43 17.27
C ASN B 28 4.13 -0.84 16.82
N GLU B 29 2.81 -0.82 16.84
CA GLU B 29 2.04 -2.00 16.43
C GLU B 29 2.35 -2.36 14.99
N PHE B 30 2.55 -1.34 14.16
CA PHE B 30 2.86 -1.59 12.75
C PHE B 30 4.36 -1.59 12.52
N CYS B 31 5.08 -2.49 13.20
CA CYS B 31 6.52 -2.57 13.06
C CYS B 31 7.01 -3.97 13.45
N ALA B 32 7.99 -4.47 12.71
CA ALA B 32 8.55 -5.79 13.00
C ALA B 32 9.39 -5.74 14.26
N SER B 33 9.83 -6.91 14.71
CA SER B 33 10.65 -7.01 15.92
C SER B 33 9.87 -6.54 17.13
N CYS B 34 8.54 -6.47 16.98
CA CYS B 34 7.69 -6.03 18.07
C CYS B 34 6.96 -7.22 18.70
N PRO B 35 6.96 -7.34 20.01
CA PRO B 35 6.27 -8.46 20.72
C PRO B 35 4.86 -8.70 20.19
N THR B 36 4.16 -7.62 19.85
CA THR B 36 2.80 -7.73 19.33
C THR B 36 2.81 -8.12 17.85
N PHE B 37 3.95 -7.89 17.20
CA PHE B 37 4.12 -8.39 15.83
C PHE B 37 4.67 -9.80 15.66
N LEU B 38 4.02 -10.59 14.83
CA LEU B 38 4.44 -11.97 14.60
C LEU B 38 5.08 -12.09 13.21
N ARG B 39 6.07 -12.96 13.10
CA ARG B 39 6.75 -13.17 11.83
C ARG B 39 5.78 -13.66 10.76
N MET B 40 5.92 -13.15 9.56
CA MET B 40 5.05 -13.53 8.45
C MET B 40 5.87 -13.91 7.22
N ASP B 41 5.23 -14.57 6.26
CA ASP B 41 5.90 -14.99 5.04
C ASP B 41 6.21 -13.76 4.19
N ASN B 42 7.06 -13.96 3.19
CA ASN B 42 7.40 -12.87 2.27
C ASN B 42 6.17 -12.41 1.50
N ASN B 43 5.35 -13.37 1.08
CA ASN B 43 4.14 -13.03 0.34
C ASN B 43 3.15 -12.32 1.25
N ALA B 44 2.95 -12.85 2.45
CA ALA B 44 2.03 -12.25 3.40
C ALA B 44 2.52 -10.86 3.80
N ALA B 45 3.83 -10.74 3.99
CA ALA B 45 4.43 -9.47 4.35
C ALA B 45 4.19 -8.43 3.26
N ALA B 46 4.27 -8.89 2.00
CA ALA B 46 4.08 -7.99 0.87
C ALA B 46 2.68 -7.38 0.91
N ILE B 47 1.70 -8.20 1.25
CA ILE B 47 0.31 -7.72 1.33
C ILE B 47 0.19 -6.64 2.38
N LYS B 48 0.78 -6.88 3.54
CA LYS B 48 0.73 -5.91 4.62
C LYS B 48 1.42 -4.62 4.20
N ALA B 49 2.54 -4.76 3.48
CA ALA B 49 3.28 -3.59 3.02
C ALA B 49 2.41 -2.76 2.09
N LEU B 50 1.64 -3.43 1.22
CA LEU B 50 0.78 -2.72 0.30
C LEU B 50 -0.28 -1.92 1.06
N GLU B 51 -0.86 -2.53 2.07
CA GLU B 51 -1.88 -1.87 2.87
C GLU B 51 -1.29 -0.67 3.61
N LEU B 52 -0.06 -0.82 4.10
CA LEU B 52 0.61 0.25 4.83
C LEU B 52 0.77 1.47 3.93
N TYR B 53 1.10 1.23 2.67
CA TYR B 53 1.26 2.30 1.71
C TYR B 53 -0.06 3.03 1.50
N LYS B 54 -1.13 2.26 1.33
CA LYS B 54 -2.46 2.83 1.11
C LYS B 54 -2.86 3.73 2.27
N ILE B 55 -2.66 3.24 3.49
CA ILE B 55 -2.99 4.00 4.69
C ILE B 55 -1.88 4.99 5.02
N ASN B 56 -0.75 4.83 4.35
CA ASN B 56 0.39 5.70 4.58
C ASN B 56 0.78 5.68 6.06
N ALA B 57 0.69 4.50 6.67
CA ALA B 57 1.04 4.38 8.08
C ALA B 57 2.45 4.89 8.33
N LYS B 58 2.63 5.58 9.46
CA LYS B 58 3.93 6.13 9.80
C LYS B 58 4.92 5.02 10.13
N LEU B 59 6.15 5.19 9.67
CA LEU B 59 7.20 4.21 9.93
C LEU B 59 7.76 4.35 11.33
N CYS B 60 8.23 3.25 11.88
CA CYS B 60 8.79 3.25 13.23
C CYS B 60 10.02 4.16 13.30
N ASP B 61 10.93 3.98 12.35
CA ASP B 61 12.15 4.78 12.31
C ASP B 61 12.36 5.38 10.92
N PRO B 62 11.65 6.44 10.59
CA PRO B 62 11.76 7.12 9.27
C PRO B 62 13.04 7.94 9.15
N HIS B 63 13.55 8.07 7.93
CA HIS B 63 14.76 8.84 7.70
C HIS B 63 15.84 8.46 8.72
N PRO B 64 16.23 7.21 8.73
CA PRO B 64 17.27 6.70 9.67
C PRO B 64 18.44 7.66 9.81
ZN ZN C . 9.82 -0.59 15.53
N SER A 1 -1.59 25.51 -23.47
CA SER A 1 -0.90 26.00 -22.24
C SER A 1 0.23 26.94 -22.64
N ALA A 2 0.76 26.74 -23.84
CA ALA A 2 1.85 27.58 -24.33
C ALA A 2 1.39 29.04 -24.45
N ASP A 3 0.16 29.23 -24.90
CA ASP A 3 -0.38 30.58 -25.06
C ASP A 3 -1.09 31.02 -23.78
N ILE A 4 -0.45 31.90 -23.03
CA ILE A 4 -1.03 32.40 -21.79
C ILE A 4 -2.27 33.25 -22.08
N ASP A 5 -2.28 33.89 -23.24
CA ASP A 5 -3.41 34.73 -23.63
C ASP A 5 -4.66 33.89 -23.83
N ALA A 6 -5.73 34.27 -23.12
CA ALA A 6 -6.98 33.55 -23.23
C ALA A 6 -6.87 32.16 -22.61
N SER A 7 -5.92 32.01 -21.68
CA SER A 7 -5.71 30.73 -21.01
C SER A 7 -5.44 30.94 -19.53
N SER A 8 -6.29 30.36 -18.69
CA SER A 8 -6.14 30.48 -17.24
C SER A 8 -4.87 29.78 -16.77
N ALA A 9 -4.43 28.80 -17.56
CA ALA A 9 -3.22 28.04 -17.23
C ALA A 9 -3.42 27.27 -15.93
N MET A 10 -4.67 27.19 -15.48
CA MET A 10 -4.98 26.47 -14.25
C MET A 10 -5.20 24.99 -14.54
N ASP A 11 -5.29 24.65 -15.82
CA ASP A 11 -5.49 23.25 -16.22
C ASP A 11 -6.72 22.67 -15.50
N THR A 12 -7.75 23.50 -15.34
CA THR A 12 -8.97 23.05 -14.67
C THR A 12 -9.64 21.94 -15.47
N SER A 13 -9.68 22.11 -16.79
CA SER A 13 -10.30 21.12 -17.66
C SER A 13 -9.30 20.05 -18.07
N GLU A 14 -8.05 20.22 -17.62
CA GLU A 14 -7.00 19.27 -17.95
C GLU A 14 -6.16 18.94 -16.71
N PRO A 15 -6.78 18.44 -15.69
CA PRO A 15 -6.09 18.07 -14.42
C PRO A 15 -5.07 16.96 -14.60
N ALA A 16 -5.19 16.25 -15.72
CA ALA A 16 -4.27 15.15 -16.03
C ALA A 16 -2.84 15.67 -16.06
N LYS A 17 -2.67 16.89 -16.54
CA LYS A 17 -1.34 17.48 -16.62
C LYS A 17 -0.71 17.60 -15.23
N GLU A 18 -1.53 17.93 -14.24
CA GLU A 18 -1.05 18.08 -12.88
C GLU A 18 -0.42 16.77 -12.40
N GLU A 19 0.76 16.88 -11.81
CA GLU A 19 1.48 15.70 -11.30
C GLU A 19 0.72 15.08 -10.13
N ASP A 20 0.14 15.92 -9.29
CA ASP A 20 -0.59 15.44 -8.12
C ASP A 20 -1.77 14.58 -8.54
N ASP A 21 -2.22 14.77 -9.77
CA ASP A 21 -3.34 14.01 -10.30
C ASP A 21 -3.01 12.52 -10.35
N TYR A 22 -1.76 12.21 -10.71
CA TYR A 22 -1.33 10.83 -10.80
C TYR A 22 -1.61 10.10 -9.49
N ASP A 23 -2.26 8.95 -9.59
CA ASP A 23 -2.61 8.15 -8.42
C ASP A 23 -2.10 6.72 -8.58
N VAL A 24 -1.21 6.29 -7.68
CA VAL A 24 -0.66 4.95 -7.74
C VAL A 24 -1.77 3.90 -7.59
N MET A 25 -2.70 4.17 -6.68
CA MET A 25 -3.81 3.24 -6.46
C MET A 25 -4.61 3.02 -7.74
N GLN A 26 -4.55 4.00 -8.64
CA GLN A 26 -5.28 3.92 -9.91
C GLN A 26 -4.43 3.23 -10.96
N ASP A 27 -3.32 2.62 -10.53
CA ASP A 27 -2.42 1.94 -11.45
C ASP A 27 -2.12 0.52 -10.96
N PRO A 28 -3.05 -0.38 -11.12
CA PRO A 28 -2.89 -1.81 -10.68
C PRO A 28 -1.65 -2.45 -11.30
N GLU A 29 -1.38 -2.11 -12.55
CA GLU A 29 -0.24 -2.67 -13.26
C GLU A 29 1.06 -2.29 -12.55
N PHE A 30 1.15 -1.05 -12.11
CA PHE A 30 2.34 -0.58 -11.43
C PHE A 30 2.52 -1.31 -10.11
N LEU A 31 1.42 -1.46 -9.37
CA LEU A 31 1.47 -2.15 -8.08
C LEU A 31 1.88 -3.60 -8.27
N GLN A 32 1.36 -4.22 -9.32
CA GLN A 32 1.67 -5.62 -9.60
C GLN A 32 3.16 -5.79 -9.86
N SER A 33 3.73 -4.84 -10.60
CA SER A 33 5.17 -4.90 -10.92
C SER A 33 5.99 -4.85 -9.64
N VAL A 34 5.55 -4.03 -8.70
CA VAL A 34 6.26 -3.88 -7.43
C VAL A 34 6.28 -5.21 -6.68
N LEU A 35 5.13 -5.88 -6.65
CA LEU A 35 5.02 -7.16 -5.96
C LEU A 35 5.97 -8.18 -6.58
N GLU A 36 6.05 -8.17 -7.91
CA GLU A 36 6.92 -9.09 -8.62
C GLU A 36 8.39 -8.83 -8.26
N ASN A 37 8.73 -7.55 -8.11
CA ASN A 37 10.10 -7.18 -7.77
C ASN A 37 10.49 -7.80 -6.44
N LEU A 38 9.56 -7.82 -5.50
CA LEU A 38 9.85 -8.37 -4.19
C LEU A 38 10.23 -9.86 -4.29
N PRO A 39 11.23 -10.29 -3.55
CA PRO A 39 11.68 -11.71 -3.58
C PRO A 39 10.69 -12.66 -2.92
N GLY A 40 10.45 -13.80 -3.55
CA GLY A 40 9.54 -14.79 -3.01
C GLY A 40 8.09 -14.41 -3.29
N VAL A 41 7.90 -13.29 -4.00
CA VAL A 41 6.56 -12.84 -4.32
C VAL A 41 6.28 -13.01 -5.80
N ASP A 42 5.20 -13.73 -6.11
CA ASP A 42 4.85 -13.95 -7.50
C ASP A 42 3.33 -13.99 -7.67
N PRO A 43 2.83 -13.66 -8.84
CA PRO A 43 1.36 -13.68 -9.13
C PRO A 43 0.76 -15.07 -8.93
N ASN A 44 1.60 -16.10 -9.00
CA ASN A 44 1.13 -17.47 -8.84
C ASN A 44 0.69 -17.72 -7.40
N ASN A 45 1.14 -16.87 -6.49
CA ASN A 45 0.78 -17.00 -5.09
C ASN A 45 -0.71 -16.73 -4.90
N GLU A 46 -1.40 -17.66 -4.25
CA GLU A 46 -2.82 -17.51 -4.00
C GLU A 46 -3.09 -16.28 -3.13
N ALA A 47 -2.15 -16.00 -2.22
CA ALA A 47 -2.30 -14.86 -1.34
C ALA A 47 -2.34 -13.55 -2.14
N ILE A 48 -1.44 -13.45 -3.11
CA ILE A 48 -1.37 -12.25 -3.94
C ILE A 48 -2.66 -12.09 -4.74
N ARG A 49 -3.11 -13.18 -5.32
CA ARG A 49 -4.34 -13.15 -6.12
C ARG A 49 -5.52 -12.70 -5.26
N ASN A 50 -5.64 -13.29 -4.07
CA ASN A 50 -6.73 -12.95 -3.18
C ASN A 50 -6.67 -11.48 -2.78
N ALA A 51 -5.46 -11.00 -2.52
CA ALA A 51 -5.27 -9.61 -2.12
C ALA A 51 -5.73 -8.67 -3.23
N MET A 52 -5.37 -9.01 -4.47
CA MET A 52 -5.75 -8.18 -5.61
C MET A 52 -7.27 -8.16 -5.79
N GLY A 53 -7.89 -9.31 -5.58
CA GLY A 53 -9.34 -9.41 -5.73
C GLY A 53 -10.04 -8.51 -4.72
N SER A 54 -9.59 -8.54 -3.48
CA SER A 54 -10.18 -7.71 -2.44
C SER A 54 -9.96 -6.23 -2.74
N LEU A 55 -8.76 -5.89 -3.18
CA LEU A 55 -8.45 -4.51 -3.48
C LEU A 55 -9.35 -4.00 -4.61
N ALA A 56 -9.49 -4.80 -5.65
CA ALA A 56 -10.32 -4.41 -6.78
C ALA A 56 -11.78 -4.37 -6.39
N SER A 57 -12.21 -5.36 -5.60
CA SER A 57 -13.59 -5.44 -5.16
C SER A 57 -14.54 -5.09 -6.29
N GLN A 58 -14.10 -5.36 -7.52
CA GLN A 58 -14.92 -5.07 -8.69
C GLN A 58 -16.19 -5.91 -8.69
N ALA A 59 -16.05 -7.18 -8.33
CA ALA A 59 -17.19 -8.08 -8.29
C ALA A 59 -18.22 -7.60 -7.28
N THR A 60 -17.75 -7.16 -6.12
CA THR A 60 -18.64 -6.67 -5.08
C THR A 60 -18.00 -5.50 -4.33
N LYS A 61 -18.48 -4.30 -4.57
CA LYS A 61 -17.96 -3.11 -3.91
C LYS A 61 -18.10 -3.22 -2.40
N ASP A 62 -19.14 -3.93 -1.96
CA ASP A 62 -19.39 -4.10 -0.54
C ASP A 62 -18.25 -4.88 0.11
N GLY A 63 -17.72 -5.86 -0.60
CA GLY A 63 -16.63 -6.68 -0.09
C GLY A 63 -16.74 -8.11 -0.57
N LYS A 64 -15.74 -8.93 -0.26
CA LYS A 64 -15.74 -10.32 -0.67
C LYS A 64 -16.91 -11.07 -0.05
N LYS A 65 -17.17 -10.79 1.22
CA LYS A 65 -18.30 -11.41 1.92
C LYS A 65 -18.95 -10.44 2.89
N ASP A 66 -18.55 -9.17 2.82
CA ASP A 66 -19.06 -8.17 3.76
C ASP A 66 -20.31 -7.55 3.15
N LYS A 67 -21.43 -8.26 3.26
CA LYS A 67 -22.69 -7.77 2.71
C LYS A 67 -23.12 -6.49 3.41
N LYS A 68 -22.90 -6.44 4.72
CA LYS A 68 -23.26 -5.27 5.52
C LYS A 68 -22.41 -5.17 6.77
N GLU A 69 -22.39 -3.99 7.37
CA GLU A 69 -21.60 -3.78 8.58
C GLU A 69 -22.26 -2.73 9.48
N GLU A 70 -21.88 -2.71 10.75
CA GLU A 70 -22.44 -1.77 11.70
C GLU A 70 -21.34 -0.90 12.29
N ASP A 71 -21.65 0.38 12.52
CA ASP A 71 -20.68 1.31 13.08
C ASP A 71 -20.77 1.33 14.60
N LYS A 72 -21.61 0.46 15.15
CA LYS A 72 -21.79 0.39 16.59
C LYS A 72 -20.56 -0.25 17.25
N LYS A 73 -20.24 0.22 18.45
CA LYS A 73 -19.10 -0.32 19.19
C LYS A 73 -19.33 -0.23 20.69
N MET B 1 7.92 11.87 -10.17
CA MET B 1 8.85 11.17 -9.23
C MET B 1 8.03 10.35 -8.22
N LYS B 2 6.73 10.57 -8.22
CA LYS B 2 5.85 9.84 -7.31
C LYS B 2 5.89 8.35 -7.61
N ARG B 3 5.98 8.00 -8.88
CA ARG B 3 6.01 6.59 -9.27
C ARG B 3 7.21 5.90 -8.62
N ALA B 4 8.37 6.52 -8.70
CA ALA B 4 9.57 5.95 -8.10
C ALA B 4 9.43 5.89 -6.58
N ALA B 5 8.88 6.95 -6.01
CA ALA B 5 8.68 7.01 -4.57
C ALA B 5 7.73 5.92 -4.11
N ALA B 6 6.69 5.68 -4.89
CA ALA B 6 5.70 4.66 -4.55
C ALA B 6 6.36 3.29 -4.42
N LYS B 7 7.23 2.98 -5.38
CA LYS B 7 7.93 1.69 -5.37
C LYS B 7 8.87 1.62 -4.16
N HIS B 8 9.59 2.71 -3.91
CA HIS B 8 10.52 2.76 -2.80
C HIS B 8 9.79 2.62 -1.46
N LEU B 9 8.66 3.29 -1.33
CA LEU B 9 7.87 3.22 -0.10
C LEU B 9 7.41 1.79 0.16
N ILE B 10 6.91 1.13 -0.88
CA ILE B 10 6.46 -0.25 -0.75
C ILE B 10 7.61 -1.15 -0.35
N GLU B 11 8.75 -0.97 -1.01
CA GLU B 11 9.93 -1.77 -0.71
C GLU B 11 10.38 -1.55 0.73
N ARG B 12 10.39 -0.29 1.15
CA ARG B 12 10.80 0.04 2.51
C ARG B 12 9.86 -0.59 3.53
N TYR B 13 8.56 -0.54 3.25
CA TYR B 13 7.57 -1.11 4.15
C TYR B 13 7.76 -2.62 4.27
N TYR B 14 8.00 -3.27 3.14
CA TYR B 14 8.21 -4.71 3.13
C TYR B 14 9.43 -5.10 3.93
N HIS B 15 10.54 -4.41 3.66
CA HIS B 15 11.79 -4.69 4.37
C HIS B 15 11.67 -4.34 5.85
N GLN B 16 10.98 -3.25 6.13
CA GLN B 16 10.79 -2.82 7.51
C GLN B 16 10.00 -3.86 8.28
N LEU B 17 8.98 -4.42 7.65
CA LEU B 17 8.16 -5.43 8.29
C LEU B 17 8.91 -6.75 8.45
N THR B 18 9.62 -7.14 7.40
CA THR B 18 10.38 -8.38 7.43
C THR B 18 11.60 -8.25 8.34
N GLU B 19 12.13 -7.03 8.44
CA GLU B 19 13.30 -6.80 9.27
C GLU B 19 12.89 -6.18 10.60
N GLY B 20 12.67 -4.87 10.61
CA GLY B 20 12.29 -4.16 11.82
C GLY B 20 13.16 -2.94 12.05
N CYS B 21 13.12 -2.41 13.27
CA CYS B 21 13.92 -1.24 13.61
C CYS B 21 15.18 -1.66 14.36
N GLY B 22 15.25 -2.92 14.75
CA GLY B 22 16.41 -3.43 15.47
C GLY B 22 16.16 -3.42 16.97
N ASN B 23 15.17 -2.64 17.40
CA ASN B 23 14.85 -2.54 18.82
C ASN B 23 14.29 -3.87 19.32
N GLU B 24 14.71 -4.25 20.52
CA GLU B 24 14.26 -5.50 21.12
C GLU B 24 12.75 -5.48 21.35
N ALA B 25 12.25 -4.33 21.79
CA ALA B 25 10.83 -4.18 22.05
C ALA B 25 10.30 -2.91 21.40
N CYS B 26 9.95 -3.02 20.11
CA CYS B 26 9.43 -1.87 19.39
C CYS B 26 8.11 -1.41 19.99
N THR B 27 7.95 -0.10 20.11
CA THR B 27 6.73 0.47 20.69
C THR B 27 5.76 0.90 19.58
N ASN B 28 6.09 0.57 18.34
CA ASN B 28 5.25 0.92 17.22
C ASN B 28 4.46 -0.29 16.73
N GLU B 29 3.14 -0.16 16.70
CA GLU B 29 2.29 -1.26 16.27
C GLU B 29 2.59 -1.64 14.82
N PHE B 30 2.82 -0.63 13.99
CA PHE B 30 3.11 -0.88 12.59
C PHE B 30 4.62 -1.00 12.37
N CYS B 31 5.23 -1.97 13.04
CA CYS B 31 6.66 -2.19 12.90
C CYS B 31 7.05 -3.57 13.43
N ALA B 32 8.03 -4.20 12.79
CA ALA B 32 8.49 -5.51 13.20
C ALA B 32 9.16 -5.43 14.57
N SER B 33 9.55 -6.57 15.10
CA SER B 33 10.21 -6.64 16.40
C SER B 33 9.25 -6.19 17.48
N CYS B 34 7.96 -6.16 17.15
CA CYS B 34 6.95 -5.73 18.11
C CYS B 34 6.22 -6.96 18.70
N PRO B 35 6.10 -7.06 20.00
CA PRO B 35 5.40 -8.21 20.65
C PRO B 35 4.06 -8.52 20.00
N THR B 36 3.35 -7.48 19.58
CA THR B 36 2.02 -7.67 19.01
C THR B 36 2.12 -8.15 17.56
N PHE B 37 3.31 -8.05 16.99
CA PHE B 37 3.72 -8.35 15.59
C PHE B 37 4.40 -9.72 15.54
N LEU B 38 3.85 -10.62 14.74
CA LEU B 38 4.40 -11.96 14.61
C LEU B 38 5.06 -12.13 13.24
N ARG B 39 6.20 -12.81 13.21
CA ARG B 39 6.92 -13.05 11.97
C ARG B 39 5.98 -13.63 10.92
N MET B 40 6.08 -13.11 9.71
CA MET B 40 5.24 -13.57 8.61
C MET B 40 6.08 -13.92 7.38
N ASP B 41 5.48 -14.66 6.45
CA ASP B 41 6.17 -15.06 5.23
C ASP B 41 6.40 -13.83 4.36
N ASN B 42 7.22 -14.00 3.33
CA ASN B 42 7.48 -12.93 2.39
C ASN B 42 6.19 -12.53 1.67
N ASN B 43 5.43 -13.52 1.23
CA ASN B 43 4.17 -13.24 0.55
C ASN B 43 3.20 -12.51 1.46
N ALA B 44 3.04 -13.02 2.68
CA ALA B 44 2.14 -12.40 3.64
C ALA B 44 2.63 -11.01 4.01
N ALA B 45 3.95 -10.86 4.12
CA ALA B 45 4.54 -9.60 4.55
C ALA B 45 4.31 -8.59 3.42
N ALA B 46 4.41 -9.07 2.19
CA ALA B 46 4.22 -8.19 1.04
C ALA B 46 2.82 -7.59 1.05
N ILE B 47 1.82 -8.40 1.39
CA ILE B 47 0.44 -7.93 1.42
C ILE B 47 0.30 -6.81 2.44
N LYS B 48 0.85 -7.02 3.62
CA LYS B 48 0.78 -6.01 4.67
C LYS B 48 1.47 -4.73 4.21
N ALA B 49 2.60 -4.90 3.53
CA ALA B 49 3.36 -3.76 3.04
C ALA B 49 2.51 -2.95 2.06
N LEU B 50 1.78 -3.66 1.20
CA LEU B 50 0.95 -2.97 0.22
C LEU B 50 -0.16 -2.18 0.92
N GLU B 51 -0.77 -2.79 1.92
CA GLU B 51 -1.84 -2.14 2.66
C GLU B 51 -1.32 -0.91 3.39
N LEU B 52 -0.12 -1.03 3.96
CA LEU B 52 0.49 0.09 4.69
C LEU B 52 0.69 1.27 3.76
N TYR B 53 1.11 0.98 2.54
CA TYR B 53 1.32 2.03 1.54
C TYR B 53 0.02 2.75 1.27
N LYS B 54 -1.07 2.00 1.18
CA LYS B 54 -2.38 2.58 0.91
C LYS B 54 -2.72 3.61 1.99
N ILE B 55 -2.48 3.26 3.24
CA ILE B 55 -2.76 4.16 4.35
C ILE B 55 -1.59 5.07 4.63
N ASN B 56 -0.51 4.87 3.87
CA ASN B 56 0.69 5.67 4.05
C ASN B 56 1.13 5.67 5.52
N ALA B 57 1.03 4.50 6.15
CA ALA B 57 1.43 4.39 7.55
C ALA B 57 2.84 4.92 7.75
N LYS B 58 3.03 5.64 8.84
CA LYS B 58 4.34 6.22 9.16
C LYS B 58 5.33 5.13 9.55
N LEU B 59 6.58 5.32 9.15
CA LEU B 59 7.64 4.36 9.48
C LEU B 59 8.10 4.52 10.92
N CYS B 60 8.63 3.45 11.48
CA CYS B 60 9.11 3.48 12.85
C CYS B 60 10.20 4.53 13.00
N ASP B 61 11.12 4.55 12.04
CA ASP B 61 12.22 5.49 12.08
C ASP B 61 11.70 6.93 12.01
N PRO B 62 12.39 7.86 12.64
CA PRO B 62 11.99 9.30 12.62
C PRO B 62 12.19 9.96 11.26
N HIS B 63 11.53 11.10 11.05
CA HIS B 63 11.64 11.81 9.79
C HIS B 63 11.31 10.88 8.63
N PRO B 64 10.14 10.31 8.63
CA PRO B 64 9.68 9.37 7.56
C PRO B 64 9.43 10.08 6.24
ZN ZN C . 10.05 -0.31 15.31
N SER A 1 -20.42 24.53 7.40
CA SER A 1 -21.04 25.71 8.08
C SER A 1 -20.02 26.32 9.04
N ALA A 2 -19.54 25.52 9.98
CA ALA A 2 -18.56 26.00 10.96
C ALA A 2 -19.02 27.31 11.59
N ASP A 3 -20.32 27.58 11.49
CA ASP A 3 -20.89 28.80 12.06
C ASP A 3 -20.06 30.01 11.63
N ILE A 4 -19.65 30.01 10.37
CA ILE A 4 -18.85 31.12 9.85
C ILE A 4 -19.24 31.41 8.40
N ASP A 5 -19.32 32.69 8.06
CA ASP A 5 -19.68 33.08 6.70
C ASP A 5 -18.43 33.25 5.85
N ALA A 6 -18.14 32.27 5.01
CA ALA A 6 -16.96 32.32 4.15
C ALA A 6 -17.18 31.48 2.89
N SER A 7 -16.49 31.85 1.81
CA SER A 7 -16.61 31.12 0.56
C SER A 7 -15.32 31.23 -0.25
N SER A 8 -15.15 30.31 -1.20
CA SER A 8 -13.96 30.30 -2.03
C SER A 8 -13.95 31.51 -2.96
N ALA A 9 -12.78 32.11 -3.14
CA ALA A 9 -12.66 33.28 -4.00
C ALA A 9 -12.99 32.91 -5.44
N MET A 10 -13.75 33.77 -6.12
CA MET A 10 -14.13 33.53 -7.50
C MET A 10 -14.60 32.09 -7.67
N ASP A 11 -15.16 31.52 -6.61
CA ASP A 11 -15.64 30.15 -6.66
C ASP A 11 -14.64 29.25 -7.40
N THR A 12 -15.10 28.62 -8.48
CA THR A 12 -14.24 27.75 -9.27
C THR A 12 -14.17 28.24 -10.71
N SER A 13 -12.94 28.38 -11.22
CA SER A 13 -12.74 28.84 -12.59
C SER A 13 -11.40 28.35 -13.13
N GLU A 14 -11.25 28.38 -14.45
CA GLU A 14 -10.01 27.94 -15.07
C GLU A 14 -9.60 26.57 -14.55
N PRO A 15 -10.36 25.55 -14.88
CA PRO A 15 -10.08 24.15 -14.41
C PRO A 15 -8.67 23.70 -14.79
N ALA A 16 -8.03 22.96 -13.89
CA ALA A 16 -6.68 22.48 -14.14
C ALA A 16 -6.44 21.17 -13.38
N LYS A 17 -5.52 20.34 -13.90
CA LYS A 17 -5.21 19.07 -13.26
C LYS A 17 -3.84 19.14 -12.57
N GLU A 18 -3.52 18.12 -11.78
CA GLU A 18 -2.24 18.09 -11.07
C GLU A 18 -1.82 16.65 -10.80
N GLU A 19 -0.52 16.45 -10.66
CA GLU A 19 0.00 15.11 -10.40
C GLU A 19 -0.38 14.65 -8.99
N ASP A 20 -0.74 15.60 -8.15
CA ASP A 20 -1.12 15.28 -6.78
C ASP A 20 -2.35 14.38 -6.76
N ASP A 21 -3.16 14.46 -7.82
CA ASP A 21 -4.36 13.65 -7.90
C ASP A 21 -4.03 12.23 -8.36
N TYR A 22 -2.75 11.99 -8.63
CA TYR A 22 -2.29 10.67 -9.07
C TYR A 22 -2.52 9.64 -7.97
N ASP A 23 -3.13 8.51 -8.35
CA ASP A 23 -3.40 7.43 -7.40
C ASP A 23 -2.77 6.14 -7.88
N VAL A 24 -1.84 5.62 -7.10
CA VAL A 24 -1.16 4.37 -7.44
C VAL A 24 -2.17 3.22 -7.52
N MET A 25 -3.18 3.28 -6.66
CA MET A 25 -4.20 2.25 -6.62
C MET A 25 -4.90 2.13 -7.97
N GLN A 26 -5.06 3.27 -8.65
CA GLN A 26 -5.71 3.28 -9.95
C GLN A 26 -4.82 2.61 -11.01
N ASP A 27 -3.67 2.10 -10.57
CA ASP A 27 -2.75 1.41 -11.47
C ASP A 27 -2.33 0.06 -10.90
N PRO A 28 -3.22 -0.90 -10.94
CA PRO A 28 -2.93 -2.28 -10.41
C PRO A 28 -1.72 -2.92 -11.08
N GLU A 29 -1.52 -2.60 -12.35
CA GLU A 29 -0.39 -3.15 -13.10
C GLU A 29 0.92 -2.75 -12.44
N PHE A 30 1.03 -1.47 -12.09
CA PHE A 30 2.25 -0.98 -11.45
C PHE A 30 2.45 -1.67 -10.11
N LEU A 31 1.38 -1.77 -9.33
CA LEU A 31 1.46 -2.41 -8.02
C LEU A 31 1.87 -3.87 -8.15
N GLN A 32 1.34 -4.53 -9.17
CA GLN A 32 1.66 -5.94 -9.39
C GLN A 32 3.16 -6.10 -9.67
N SER A 33 3.70 -5.18 -10.46
CA SER A 33 5.12 -5.23 -10.79
C SER A 33 5.98 -5.07 -9.55
N VAL A 34 5.56 -4.16 -8.67
CA VAL A 34 6.30 -3.92 -7.44
C VAL A 34 6.29 -5.16 -6.55
N LEU A 35 5.13 -5.80 -6.44
CA LEU A 35 5.01 -6.99 -5.62
C LEU A 35 5.89 -8.11 -6.16
N GLU A 36 5.91 -8.25 -7.49
CA GLU A 36 6.72 -9.27 -8.13
C GLU A 36 8.20 -9.00 -7.90
N ASN A 37 8.57 -7.72 -7.94
CA ASN A 37 9.95 -7.33 -7.74
C ASN A 37 10.44 -7.77 -6.37
N LEU A 38 9.56 -7.71 -5.38
CA LEU A 38 9.93 -8.10 -4.02
C LEU A 38 10.38 -9.56 -3.98
N PRO A 39 11.40 -9.88 -3.21
CA PRO A 39 11.91 -11.29 -3.11
C PRO A 39 10.93 -12.20 -2.39
N GLY A 40 10.75 -13.40 -2.93
CA GLY A 40 9.86 -14.38 -2.33
C GLY A 40 8.41 -14.08 -2.70
N VAL A 41 8.21 -13.03 -3.50
CA VAL A 41 6.86 -12.64 -3.90
C VAL A 41 6.66 -12.90 -5.39
N ASP A 42 5.62 -13.65 -5.73
CA ASP A 42 5.33 -13.95 -7.13
C ASP A 42 3.84 -13.77 -7.43
N PRO A 43 3.50 -13.40 -8.64
CA PRO A 43 2.07 -13.19 -9.05
C PRO A 43 1.28 -14.50 -9.01
N ASN A 44 1.98 -15.62 -9.10
CA ASN A 44 1.34 -16.93 -9.07
C ASN A 44 0.85 -17.26 -7.67
N ASN A 45 1.32 -16.52 -6.68
CA ASN A 45 0.92 -16.73 -5.31
C ASN A 45 -0.58 -16.47 -5.14
N GLU A 46 -1.25 -17.36 -4.44
CA GLU A 46 -2.67 -17.21 -4.21
C GLU A 46 -2.95 -15.97 -3.38
N ALA A 47 -2.08 -15.67 -2.42
CA ALA A 47 -2.27 -14.52 -1.56
C ALA A 47 -2.26 -13.23 -2.39
N ILE A 48 -1.31 -13.13 -3.31
CA ILE A 48 -1.23 -11.96 -4.17
C ILE A 48 -2.45 -11.85 -5.07
N ARG A 49 -2.84 -12.98 -5.64
CA ARG A 49 -4.01 -13.01 -6.52
C ARG A 49 -5.27 -12.57 -5.77
N ASN A 50 -5.46 -13.15 -4.59
CA ASN A 50 -6.63 -12.82 -3.78
C ASN A 50 -6.59 -11.35 -3.35
N ALA A 51 -5.41 -10.88 -2.99
CA ALA A 51 -5.25 -9.49 -2.56
C ALA A 51 -5.63 -8.53 -3.67
N MET A 52 -5.20 -8.83 -4.89
CA MET A 52 -5.52 -7.98 -6.02
C MET A 52 -7.01 -7.96 -6.29
N GLY A 53 -7.65 -9.12 -6.16
CA GLY A 53 -9.08 -9.22 -6.38
C GLY A 53 -9.86 -8.38 -5.37
N SER A 54 -9.46 -8.47 -4.11
CA SER A 54 -10.12 -7.72 -3.04
C SER A 54 -9.90 -6.22 -3.24
N LEU A 55 -8.68 -5.85 -3.60
CA LEU A 55 -8.35 -4.44 -3.80
C LEU A 55 -9.16 -3.88 -4.97
N ALA A 56 -9.24 -4.64 -6.05
CA ALA A 56 -9.97 -4.20 -7.23
C ALA A 56 -11.45 -4.01 -6.90
N SER A 57 -11.99 -4.91 -6.10
CA SER A 57 -13.40 -4.83 -5.72
C SER A 57 -13.67 -3.55 -4.94
N GLN A 58 -14.81 -2.92 -5.25
CA GLN A 58 -15.20 -1.68 -4.59
C GLN A 58 -16.23 -1.96 -3.49
N ALA A 59 -16.50 -3.24 -3.25
CA ALA A 59 -17.48 -3.62 -2.24
C ALA A 59 -17.08 -3.07 -0.87
N THR A 60 -18.07 -2.67 -0.09
CA THR A 60 -17.82 -2.12 1.24
C THR A 60 -18.72 -2.80 2.27
N LYS A 61 -18.40 -2.58 3.55
CA LYS A 61 -19.17 -3.18 4.62
C LYS A 61 -20.63 -2.73 4.55
N ASP A 62 -20.87 -1.62 3.86
CA ASP A 62 -22.22 -1.10 3.71
C ASP A 62 -23.11 -2.13 3.02
N GLY A 63 -22.52 -2.88 2.09
CA GLY A 63 -23.27 -3.88 1.35
C GLY A 63 -23.88 -4.92 2.28
N LYS A 64 -23.37 -4.97 3.51
CA LYS A 64 -23.88 -5.92 4.50
C LYS A 64 -25.41 -6.03 4.42
N LYS A 65 -25.94 -7.09 5.01
CA LYS A 65 -27.38 -7.30 5.00
C LYS A 65 -27.91 -7.36 3.57
N ASP A 66 -27.04 -7.75 2.64
CA ASP A 66 -27.43 -7.85 1.24
C ASP A 66 -28.15 -6.58 0.79
N LYS A 67 -27.70 -5.44 1.30
CA LYS A 67 -28.31 -4.17 0.95
C LYS A 67 -29.82 -4.23 1.12
N LYS A 68 -30.28 -4.94 2.14
CA LYS A 68 -31.72 -5.06 2.39
C LYS A 68 -32.25 -3.81 3.09
N GLU A 69 -33.41 -3.36 2.63
CA GLU A 69 -34.04 -2.17 3.22
C GLU A 69 -34.84 -2.55 4.45
N GLU A 70 -34.91 -1.64 5.41
CA GLU A 70 -35.65 -1.88 6.64
C GLU A 70 -37.14 -2.08 6.33
N ASP A 71 -37.64 -1.28 5.39
CA ASP A 71 -39.05 -1.38 5.01
C ASP A 71 -39.23 -2.35 3.86
N LYS A 72 -39.80 -3.52 4.18
CA LYS A 72 -40.02 -4.54 3.17
C LYS A 72 -40.97 -4.04 2.09
N LYS A 73 -42.00 -3.31 2.51
CA LYS A 73 -42.99 -2.76 1.58
C LYS A 73 -42.58 -1.36 1.14
N MET B 1 10.27 9.63 -10.43
CA MET B 1 8.86 9.99 -10.76
C MET B 1 7.96 9.59 -9.61
N LYS B 2 6.67 9.94 -9.73
CA LYS B 2 5.71 9.61 -8.69
C LYS B 2 5.59 8.09 -8.52
N ARG B 3 5.59 7.38 -9.64
CA ARG B 3 5.49 5.92 -9.60
C ARG B 3 6.68 5.32 -8.88
N ALA B 4 7.87 5.86 -9.15
CA ALA B 4 9.08 5.37 -8.51
C ALA B 4 9.01 5.56 -7.00
N ALA B 5 8.48 6.70 -6.59
CA ALA B 5 8.35 7.01 -5.16
C ALA B 5 7.46 5.97 -4.48
N ALA B 6 6.38 5.59 -5.15
CA ALA B 6 5.46 4.61 -4.59
C ALA B 6 6.17 3.28 -4.37
N LYS B 7 6.97 2.87 -5.35
CA LYS B 7 7.71 1.62 -5.25
C LYS B 7 8.70 1.67 -4.08
N HIS B 8 9.39 2.80 -3.95
CA HIS B 8 10.36 2.97 -2.88
C HIS B 8 9.70 2.80 -1.51
N LEU B 9 8.57 3.46 -1.33
CA LEU B 9 7.86 3.38 -0.06
C LEU B 9 7.42 1.94 0.22
N ILE B 10 6.90 1.29 -0.82
CA ILE B 10 6.46 -0.10 -0.67
C ILE B 10 7.65 -0.99 -0.32
N GLU B 11 8.75 -0.79 -1.02
CA GLU B 11 9.95 -1.58 -0.77
C GLU B 11 10.44 -1.37 0.65
N ARG B 12 10.45 -0.12 1.10
CA ARG B 12 10.89 0.19 2.45
C ARG B 12 9.98 -0.46 3.50
N TYR B 13 8.68 -0.42 3.24
CA TYR B 13 7.72 -1.00 4.17
C TYR B 13 7.89 -2.52 4.26
N TYR B 14 8.12 -3.15 3.11
CA TYR B 14 8.31 -4.59 3.06
C TYR B 14 9.54 -5.00 3.87
N HIS B 15 10.66 -4.32 3.61
CA HIS B 15 11.89 -4.63 4.32
C HIS B 15 11.74 -4.33 5.80
N GLN B 16 11.11 -3.20 6.12
CA GLN B 16 10.92 -2.81 7.50
C GLN B 16 10.01 -3.80 8.23
N LEU B 17 8.94 -4.22 7.56
CA LEU B 17 8.00 -5.15 8.16
C LEU B 17 8.66 -6.52 8.30
N THR B 18 9.39 -6.95 7.28
CA THR B 18 10.04 -8.25 7.31
C THR B 18 11.21 -8.24 8.27
N GLU B 19 11.83 -7.08 8.45
CA GLU B 19 12.96 -6.96 9.36
C GLU B 19 12.55 -6.25 10.65
N GLY B 20 12.39 -4.93 10.57
CA GLY B 20 11.93 -4.17 11.73
C GLY B 20 12.75 -2.89 11.83
N CYS B 21 12.85 -2.36 13.04
CA CYS B 21 13.61 -1.13 13.26
C CYS B 21 15.00 -1.46 13.80
N GLY B 22 15.20 -2.70 14.21
CA GLY B 22 16.49 -3.14 14.73
C GLY B 22 16.58 -2.92 16.24
N ASN B 23 15.69 -2.07 16.76
CA ASN B 23 15.68 -1.78 18.19
C ASN B 23 15.16 -2.98 18.97
N GLU B 24 15.79 -3.26 20.10
CA GLU B 24 15.39 -4.37 20.94
C GLU B 24 13.98 -4.16 21.47
N ALA B 25 13.67 -2.91 21.84
CA ALA B 25 12.35 -2.58 22.36
C ALA B 25 11.64 -1.61 21.42
N CYS B 26 10.43 -1.98 21.02
CA CYS B 26 9.64 -1.13 20.12
C CYS B 26 8.17 -1.19 20.50
N THR B 27 7.56 0.00 20.65
CA THR B 27 6.15 0.08 21.01
C THR B 27 5.33 0.67 19.86
N ASN B 28 5.22 -0.10 18.78
CA ASN B 28 4.47 0.34 17.62
C ASN B 28 3.81 -0.85 16.93
N GLU B 29 2.49 -0.76 16.74
CA GLU B 29 1.75 -1.84 16.10
C GLU B 29 2.23 -2.02 14.67
N PHE B 30 2.51 -0.91 13.99
CA PHE B 30 2.96 -0.99 12.61
C PHE B 30 4.48 -1.02 12.54
N CYS B 31 5.08 -2.05 13.15
CA CYS B 31 6.53 -2.17 13.15
C CYS B 31 6.93 -3.60 13.52
N ALA B 32 7.90 -4.15 12.79
CA ALA B 32 8.37 -5.49 13.07
C ALA B 32 9.20 -5.52 14.33
N SER B 33 9.57 -6.73 14.75
CA SER B 33 10.37 -6.92 15.95
C SER B 33 9.59 -6.43 17.17
N CYS B 34 8.27 -6.31 17.02
CA CYS B 34 7.44 -5.85 18.13
C CYS B 34 6.74 -7.02 18.82
N PRO B 35 6.46 -6.92 20.10
CA PRO B 35 5.74 -8.01 20.85
C PRO B 35 4.45 -8.43 20.16
N THR B 36 3.79 -7.49 19.50
CA THR B 36 2.52 -7.77 18.81
C THR B 36 2.76 -8.15 17.35
N PHE B 37 4.02 -8.41 17.01
CA PHE B 37 4.38 -8.60 15.60
C PHE B 37 4.80 -10.07 15.50
N LEU B 38 4.17 -10.79 14.58
CA LEU B 38 4.48 -12.20 14.39
C LEU B 38 5.12 -12.41 13.03
N ARG B 39 6.15 -13.26 12.99
CA ARG B 39 6.84 -13.53 11.73
C ARG B 39 5.86 -13.96 10.66
N MET B 40 5.93 -13.31 9.51
CA MET B 40 5.03 -13.61 8.40
C MET B 40 5.84 -14.07 7.18
N ASP B 41 5.12 -14.61 6.20
CA ASP B 41 5.75 -15.10 4.98
C ASP B 41 6.09 -13.91 4.06
N ASN B 42 6.86 -14.19 3.02
CA ASN B 42 7.21 -13.17 2.05
C ASN B 42 5.97 -12.65 1.33
N ASN B 43 5.07 -13.57 0.98
CA ASN B 43 3.85 -13.18 0.29
C ASN B 43 2.94 -12.39 1.22
N ALA B 44 2.81 -12.90 2.45
CA ALA B 44 1.98 -12.23 3.44
C ALA B 44 2.54 -10.85 3.75
N ALA B 45 3.87 -10.78 3.85
CA ALA B 45 4.53 -9.52 4.15
C ALA B 45 4.26 -8.52 3.02
N ALA B 46 4.26 -9.00 1.79
CA ALA B 46 4.01 -8.13 0.65
C ALA B 46 2.64 -7.47 0.75
N ILE B 47 1.64 -8.24 1.18
CA ILE B 47 0.30 -7.72 1.31
C ILE B 47 0.25 -6.66 2.41
N LYS B 48 0.90 -6.95 3.53
CA LYS B 48 0.93 -6.01 4.64
C LYS B 48 1.64 -4.73 4.22
N ALA B 49 2.72 -4.89 3.46
CA ALA B 49 3.47 -3.74 2.99
C ALA B 49 2.59 -2.87 2.08
N LEU B 50 1.81 -3.52 1.22
CA LEU B 50 0.95 -2.76 0.31
C LEU B 50 -0.09 -1.98 1.10
N GLU B 51 -0.67 -2.62 2.11
CA GLU B 51 -1.68 -1.98 2.94
C GLU B 51 -1.08 -0.79 3.68
N LEU B 52 0.15 -0.96 4.16
CA LEU B 52 0.83 0.12 4.87
C LEU B 52 1.07 1.30 3.95
N TYR B 53 1.36 1.03 2.69
CA TYR B 53 1.60 2.09 1.73
C TYR B 53 0.37 2.97 1.59
N LYS B 54 -0.79 2.36 1.40
CA LYS B 54 -2.02 3.11 1.23
C LYS B 54 -2.43 3.79 2.55
N ILE B 55 -2.08 3.15 3.66
CA ILE B 55 -2.43 3.68 4.98
C ILE B 55 -1.44 4.76 5.39
N ASN B 56 -0.35 4.88 4.63
CA ASN B 56 0.67 5.86 4.92
C ASN B 56 1.18 5.68 6.34
N ALA B 57 1.32 4.42 6.76
CA ALA B 57 1.81 4.13 8.11
C ALA B 57 3.14 4.82 8.34
N LYS B 58 3.31 5.35 9.55
CA LYS B 58 4.53 6.05 9.90
C LYS B 58 5.69 5.07 10.05
N LEU B 59 6.87 5.50 9.63
CA LEU B 59 8.06 4.67 9.72
C LEU B 59 8.64 4.70 11.12
N CYS B 60 9.37 3.64 11.47
CA CYS B 60 9.98 3.53 12.78
C CYS B 60 11.50 3.42 12.67
N ASP B 61 12.15 4.54 12.42
CA ASP B 61 13.60 4.58 12.30
C ASP B 61 14.17 5.73 13.11
N PRO B 62 14.26 5.56 14.41
CA PRO B 62 14.81 6.61 15.33
C PRO B 62 16.24 7.01 14.97
N HIS B 63 16.57 8.27 15.17
CA HIS B 63 17.90 8.75 14.83
C HIS B 63 18.96 8.14 15.77
N PRO B 64 20.17 7.92 15.28
CA PRO B 64 21.26 7.34 16.10
C PRO B 64 21.25 7.87 17.53
ZN ZN C . 10.06 -0.17 15.57
N SER A 1 -16.00 37.55 23.00
CA SER A 1 -14.85 36.68 22.64
C SER A 1 -14.89 35.41 23.47
N ALA A 2 -14.09 34.43 23.08
CA ALA A 2 -14.04 33.16 23.81
C ALA A 2 -12.64 32.55 23.71
N ASP A 3 -12.30 31.74 24.71
CA ASP A 3 -10.99 31.10 24.72
C ASP A 3 -11.04 29.76 23.99
N ILE A 4 -10.47 29.74 22.78
CA ILE A 4 -10.46 28.52 21.98
C ILE A 4 -9.05 28.23 21.47
N ASP A 5 -8.79 26.96 21.14
CA ASP A 5 -7.47 26.58 20.64
C ASP A 5 -7.41 26.73 19.12
N ALA A 6 -6.72 27.77 18.66
CA ALA A 6 -6.59 28.02 17.24
C ALA A 6 -5.83 26.88 16.56
N SER A 7 -6.25 26.53 15.34
CA SER A 7 -5.60 25.45 14.61
C SER A 7 -4.15 25.80 14.33
N SER A 8 -3.28 24.80 14.44
CA SER A 8 -1.86 25.00 14.19
C SER A 8 -1.59 25.21 12.70
N ALA A 9 -0.44 25.79 12.38
CA ALA A 9 -0.08 26.04 11.00
C ALA A 9 0.01 24.73 10.21
N MET A 10 0.57 23.71 10.85
CA MET A 10 0.72 22.40 10.21
C MET A 10 -0.13 21.36 10.93
N ASP A 11 -1.07 20.76 10.20
CA ASP A 11 -1.94 19.75 10.77
C ASP A 11 -1.13 18.50 11.13
N THR A 12 -1.47 17.91 12.28
CA THR A 12 -0.78 16.72 12.73
C THR A 12 -1.00 15.56 11.76
N SER A 13 -2.24 15.40 11.32
CA SER A 13 -2.57 14.34 10.37
C SER A 13 -1.92 14.59 9.02
N GLU A 14 -1.55 13.52 8.33
CA GLU A 14 -0.92 13.64 7.01
C GLU A 14 -1.64 12.77 5.99
N PRO A 15 -2.87 13.12 5.65
CA PRO A 15 -3.68 12.36 4.68
C PRO A 15 -3.19 12.52 3.24
N ALA A 16 -2.35 13.53 3.03
CA ALA A 16 -1.80 13.79 1.70
C ALA A 16 -1.01 12.60 1.20
N LYS A 17 -1.16 12.29 -0.08
CA LYS A 17 -0.45 11.16 -0.67
C LYS A 17 0.73 11.64 -1.51
N GLU A 18 0.95 12.95 -1.49
CA GLU A 18 2.06 13.55 -2.23
C GLU A 18 1.91 13.25 -3.73
N GLU A 19 0.68 13.36 -4.24
CA GLU A 19 0.43 13.10 -5.65
C GLU A 19 -0.32 14.28 -6.28
N ASP A 20 0.23 14.79 -7.37
CA ASP A 20 -0.39 15.92 -8.05
C ASP A 20 -1.34 15.43 -9.14
N ASP A 21 -0.81 14.67 -10.09
CA ASP A 21 -1.62 14.14 -11.18
C ASP A 21 -1.21 12.70 -11.51
N TYR A 22 -1.28 11.83 -10.51
CA TYR A 22 -0.93 10.43 -10.72
C TYR A 22 -1.54 9.56 -9.62
N ASP A 23 -2.18 8.47 -10.03
CA ASP A 23 -2.80 7.56 -9.07
C ASP A 23 -2.15 6.17 -9.16
N VAL A 24 -1.40 5.82 -8.13
CA VAL A 24 -0.71 4.53 -8.09
C VAL A 24 -1.73 3.38 -8.12
N MET A 25 -2.81 3.53 -7.37
CA MET A 25 -3.84 2.50 -7.32
C MET A 25 -4.44 2.29 -8.72
N GLN A 26 -4.56 3.36 -9.48
CA GLN A 26 -5.13 3.27 -10.83
C GLN A 26 -4.15 2.55 -11.75
N ASP A 27 -3.06 2.05 -11.19
CA ASP A 27 -2.07 1.33 -11.98
C ASP A 27 -1.73 -0.01 -11.33
N PRO A 28 -2.62 -0.97 -11.46
CA PRO A 28 -2.43 -2.33 -10.86
C PRO A 28 -1.13 -2.99 -11.35
N GLU A 29 -0.78 -2.74 -12.60
CA GLU A 29 0.44 -3.32 -13.16
C GLU A 29 1.67 -2.82 -12.41
N PHE A 30 1.67 -1.53 -12.09
CA PHE A 30 2.79 -0.94 -11.37
C PHE A 30 2.95 -1.59 -10.00
N LEU A 31 1.83 -1.70 -9.28
CA LEU A 31 1.85 -2.30 -7.95
C LEU A 31 2.25 -3.76 -8.03
N GLN A 32 1.75 -4.45 -9.05
CA GLN A 32 2.06 -5.86 -9.23
C GLN A 32 3.55 -6.04 -9.48
N SER A 33 4.13 -5.15 -10.29
CA SER A 33 5.55 -5.24 -10.60
C SER A 33 6.39 -5.12 -9.34
N VAL A 34 6.01 -4.19 -8.48
CA VAL A 34 6.74 -3.97 -7.23
C VAL A 34 6.65 -5.22 -6.35
N LEU A 35 5.45 -5.77 -6.24
CA LEU A 35 5.25 -6.96 -5.42
C LEU A 35 6.07 -8.13 -5.96
N GLU A 36 6.06 -8.27 -7.28
CA GLU A 36 6.81 -9.35 -7.91
C GLU A 36 8.31 -9.17 -7.70
N ASN A 37 8.75 -7.92 -7.73
CA ASN A 37 10.16 -7.61 -7.55
C ASN A 37 10.61 -8.11 -6.19
N LEU A 38 9.75 -7.99 -5.18
CA LEU A 38 10.10 -8.42 -3.84
C LEU A 38 10.47 -9.91 -3.83
N PRO A 39 11.44 -10.30 -3.03
CA PRO A 39 11.88 -11.73 -2.96
C PRO A 39 10.84 -12.63 -2.30
N GLY A 40 10.61 -13.79 -2.90
CA GLY A 40 9.65 -14.75 -2.36
C GLY A 40 8.22 -14.33 -2.70
N VAL A 41 8.08 -13.24 -3.46
CA VAL A 41 6.76 -12.77 -3.83
C VAL A 41 6.53 -12.96 -5.32
N ASP A 42 5.45 -13.65 -5.67
CA ASP A 42 5.14 -13.90 -7.06
C ASP A 42 3.66 -13.63 -7.34
N PRO A 43 3.33 -13.18 -8.53
CA PRO A 43 1.91 -12.91 -8.93
C PRO A 43 1.06 -14.18 -9.00
N ASN A 44 1.74 -15.32 -9.13
CA ASN A 44 1.04 -16.60 -9.22
C ASN A 44 0.62 -17.08 -7.82
N ASN A 45 1.03 -16.34 -6.80
CA ASN A 45 0.68 -16.70 -5.43
C ASN A 45 -0.80 -16.47 -5.18
N GLU A 46 -1.42 -17.40 -4.47
CA GLU A 46 -2.84 -17.30 -4.16
C GLU A 46 -3.10 -16.07 -3.30
N ALA A 47 -2.20 -15.79 -2.37
CA ALA A 47 -2.37 -14.64 -1.48
C ALA A 47 -2.43 -13.35 -2.27
N ILE A 48 -1.54 -13.19 -3.24
CA ILE A 48 -1.51 -12.00 -4.08
C ILE A 48 -2.77 -11.93 -4.94
N ARG A 49 -3.15 -13.07 -5.50
CA ARG A 49 -4.33 -13.12 -6.36
C ARG A 49 -5.58 -12.73 -5.58
N ASN A 50 -5.74 -13.30 -4.39
CA ASN A 50 -6.89 -13.01 -3.55
C ASN A 50 -6.88 -11.54 -3.11
N ALA A 51 -5.69 -11.05 -2.77
CA ALA A 51 -5.55 -9.66 -2.33
C ALA A 51 -6.01 -8.70 -3.42
N MET A 52 -5.61 -8.99 -4.66
CA MET A 52 -5.99 -8.14 -5.78
C MET A 52 -7.50 -8.13 -5.97
N GLY A 53 -8.12 -9.30 -5.80
CA GLY A 53 -9.56 -9.41 -5.96
C GLY A 53 -10.29 -8.56 -4.92
N SER A 54 -9.81 -8.62 -3.68
CA SER A 54 -10.43 -7.86 -2.61
C SER A 54 -10.28 -6.36 -2.86
N LEU A 55 -9.13 -5.96 -3.37
CA LEU A 55 -8.88 -4.55 -3.66
C LEU A 55 -9.84 -4.05 -4.72
N ALA A 56 -10.02 -4.83 -5.77
CA ALA A 56 -10.91 -4.44 -6.86
C ALA A 56 -12.34 -4.28 -6.35
N SER A 57 -12.75 -5.17 -5.48
CA SER A 57 -14.09 -5.12 -4.92
C SER A 57 -14.30 -3.84 -4.12
N GLN A 58 -13.27 -3.43 -3.38
CA GLN A 58 -13.35 -2.22 -2.59
C GLN A 58 -13.52 -0.99 -3.47
N ALA A 59 -12.79 -0.98 -4.58
CA ALA A 59 -12.87 0.14 -5.52
C ALA A 59 -14.28 0.26 -6.09
N THR A 60 -14.88 -0.89 -6.41
CA THR A 60 -16.23 -0.90 -6.97
C THR A 60 -17.26 -0.77 -5.86
N LYS A 61 -18.47 -0.34 -6.22
CA LYS A 61 -19.54 -0.18 -5.24
C LYS A 61 -19.91 -1.53 -4.63
N ASP A 62 -19.95 -2.56 -5.47
CA ASP A 62 -20.31 -3.90 -5.01
C ASP A 62 -19.60 -4.96 -5.85
N GLY A 63 -18.48 -5.47 -5.33
CA GLY A 63 -17.73 -6.50 -6.04
C GLY A 63 -18.56 -7.76 -6.24
N LYS A 64 -19.32 -8.12 -5.21
CA LYS A 64 -20.17 -9.31 -5.28
C LYS A 64 -21.33 -9.08 -6.24
N LYS A 65 -21.74 -10.14 -6.93
CA LYS A 65 -22.84 -10.05 -7.88
C LYS A 65 -23.90 -11.11 -7.58
N ASP A 66 -25.15 -10.78 -7.88
CA ASP A 66 -26.24 -11.72 -7.64
C ASP A 66 -26.04 -13.00 -8.44
N LYS A 67 -26.35 -14.14 -7.83
CA LYS A 67 -26.19 -15.42 -8.49
C LYS A 67 -27.10 -15.51 -9.71
N LYS A 68 -28.31 -14.97 -9.58
CA LYS A 68 -29.26 -15.00 -10.69
C LYS A 68 -29.61 -16.43 -11.06
N GLU A 69 -28.76 -17.05 -11.87
CA GLU A 69 -29.00 -18.42 -12.31
C GLU A 69 -28.71 -19.38 -11.16
N GLU A 70 -29.66 -20.28 -10.90
CA GLU A 70 -29.49 -21.27 -9.84
C GLU A 70 -28.52 -22.36 -10.26
N ASP A 71 -27.76 -22.88 -9.30
CA ASP A 71 -26.79 -23.92 -9.59
C ASP A 71 -27.43 -25.30 -9.45
N LYS A 72 -28.74 -25.32 -9.23
CA LYS A 72 -29.46 -26.58 -9.09
C LYS A 72 -29.56 -27.30 -10.43
N LYS A 73 -29.50 -28.62 -10.39
CA LYS A 73 -29.58 -29.43 -11.60
C LYS A 73 -31.02 -29.86 -11.86
N MET B 1 10.47 10.62 -9.23
CA MET B 1 9.09 10.77 -9.75
C MET B 1 8.11 10.19 -8.74
N LYS B 2 6.82 10.43 -8.97
CA LYS B 2 5.78 9.92 -8.06
C LYS B 2 5.81 8.41 -8.01
N ARG B 3 6.00 7.78 -9.17
CA ARG B 3 6.04 6.32 -9.24
C ARG B 3 7.22 5.79 -8.43
N ALA B 4 8.36 6.46 -8.56
CA ALA B 4 9.56 6.03 -7.83
C ALA B 4 9.32 6.10 -6.33
N ALA B 5 8.66 7.16 -5.88
CA ALA B 5 8.36 7.33 -4.47
C ALA B 5 7.46 6.20 -3.98
N ALA B 6 6.48 5.82 -4.80
CA ALA B 6 5.56 4.76 -4.45
C ALA B 6 6.31 3.45 -4.25
N LYS B 7 7.26 3.17 -5.13
CA LYS B 7 8.04 1.95 -5.05
C LYS B 7 8.90 1.95 -3.78
N HIS B 8 9.53 3.08 -3.50
CA HIS B 8 10.38 3.19 -2.33
C HIS B 8 9.59 2.96 -1.05
N LEU B 9 8.40 3.55 -0.98
CA LEU B 9 7.56 3.40 0.20
C LEU B 9 7.17 1.93 0.38
N ILE B 10 6.79 1.28 -0.70
CA ILE B 10 6.39 -0.12 -0.64
C ILE B 10 7.56 -0.98 -0.17
N GLU B 11 8.73 -0.74 -0.73
CA GLU B 11 9.92 -1.50 -0.37
C GLU B 11 10.26 -1.27 1.10
N ARG B 12 10.17 -0.02 1.55
CA ARG B 12 10.47 0.31 2.93
C ARG B 12 9.52 -0.38 3.89
N TYR B 13 8.23 -0.36 3.57
CA TYR B 13 7.23 -0.99 4.42
C TYR B 13 7.45 -2.50 4.45
N TYR B 14 7.70 -3.08 3.29
CA TYR B 14 7.92 -4.51 3.18
C TYR B 14 9.15 -4.93 3.98
N HIS B 15 10.25 -4.21 3.75
CA HIS B 15 11.50 -4.52 4.44
C HIS B 15 11.41 -4.24 5.94
N GLN B 16 10.67 -3.19 6.30
CA GLN B 16 10.48 -2.86 7.71
C GLN B 16 9.73 -3.96 8.44
N LEU B 17 8.75 -4.55 7.78
CA LEU B 17 7.99 -5.64 8.38
C LEU B 17 8.83 -6.91 8.45
N THR B 18 9.61 -7.16 7.41
CA THR B 18 10.45 -8.35 7.36
C THR B 18 11.74 -8.15 8.13
N GLU B 19 12.08 -6.89 8.44
CA GLU B 19 13.36 -6.59 9.06
C GLU B 19 13.05 -6.02 10.44
N GLY B 20 12.37 -4.87 10.48
CA GLY B 20 11.91 -4.32 11.74
C GLY B 20 12.85 -3.17 12.08
N CYS B 21 12.80 -2.71 13.32
CA CYS B 21 13.65 -1.61 13.76
C CYS B 21 14.88 -2.14 14.51
N GLY B 22 14.83 -3.41 14.88
CA GLY B 22 15.94 -4.03 15.59
C GLY B 22 15.79 -3.84 17.09
N ASN B 23 14.96 -2.88 17.49
CA ASN B 23 14.74 -2.61 18.90
C ASN B 23 13.95 -3.74 19.55
N GLU B 24 14.35 -4.12 20.75
CA GLU B 24 13.67 -5.18 21.47
C GLU B 24 12.22 -4.79 21.77
N ALA B 25 12.02 -3.53 22.14
CA ALA B 25 10.68 -3.04 22.45
C ALA B 25 10.33 -1.84 21.57
N CYS B 26 9.20 -1.94 20.88
CA CYS B 26 8.76 -0.86 20.01
C CYS B 26 7.24 -0.83 19.92
N THR B 27 6.66 0.35 20.10
CA THR B 27 5.21 0.49 20.04
C THR B 27 4.76 0.70 18.59
N ASN B 28 4.93 -0.32 17.76
CA ASN B 28 4.53 -0.22 16.36
C ASN B 28 3.94 -1.54 15.90
N GLU B 29 2.65 -1.53 15.59
CA GLU B 29 1.97 -2.75 15.14
C GLU B 29 2.42 -3.13 13.75
N PHE B 30 3.12 -2.22 13.09
CA PHE B 30 3.62 -2.49 11.74
C PHE B 30 5.14 -2.40 11.68
N CYS B 31 5.82 -3.23 12.47
CA CYS B 31 7.26 -3.24 12.47
C CYS B 31 7.79 -4.54 13.07
N ALA B 32 8.84 -5.09 12.47
CA ALA B 32 9.42 -6.33 12.96
C ALA B 32 10.29 -6.06 14.17
N SER B 33 10.64 -7.13 14.89
CA SER B 33 11.48 -7.02 16.07
C SER B 33 10.67 -6.48 17.24
N CYS B 34 9.35 -6.48 17.10
CA CYS B 34 8.48 -5.98 18.16
C CYS B 34 7.42 -7.03 18.52
N PRO B 35 7.02 -7.11 19.78
CA PRO B 35 5.98 -8.09 20.24
C PRO B 35 4.60 -7.77 19.67
N THR B 36 4.41 -6.52 19.25
CA THR B 36 3.12 -6.11 18.70
C THR B 36 2.90 -6.72 17.32
N PHE B 37 3.99 -7.11 16.67
CA PHE B 37 3.91 -7.71 15.34
C PHE B 37 4.77 -8.96 15.26
N LEU B 38 4.20 -10.04 14.73
CA LEU B 38 4.92 -11.29 14.60
C LEU B 38 5.46 -11.47 13.19
N ARG B 39 6.59 -12.14 13.06
CA ARG B 39 7.20 -12.37 11.77
C ARG B 39 6.21 -13.07 10.83
N MET B 40 6.15 -12.60 9.60
CA MET B 40 5.25 -13.17 8.61
C MET B 40 6.02 -13.59 7.35
N ASP B 41 5.33 -14.28 6.45
CA ASP B 41 5.95 -14.74 5.21
C ASP B 41 6.13 -13.57 4.25
N ASN B 42 6.91 -13.79 3.21
CA ASN B 42 7.13 -12.76 2.21
C ASN B 42 5.82 -12.39 1.51
N ASN B 43 5.02 -13.40 1.21
CA ASN B 43 3.74 -13.17 0.55
C ASN B 43 2.83 -12.34 1.46
N ALA B 44 2.73 -12.75 2.72
CA ALA B 44 1.88 -12.04 3.67
C ALA B 44 2.42 -10.63 3.90
N ALA B 45 3.74 -10.52 3.99
CA ALA B 45 4.37 -9.23 4.20
C ALA B 45 4.07 -8.30 3.03
N ALA B 46 4.07 -8.85 1.82
CA ALA B 46 3.81 -8.06 0.64
C ALA B 46 2.42 -7.42 0.71
N ILE B 47 1.45 -8.20 1.17
CA ILE B 47 0.08 -7.71 1.28
C ILE B 47 0.02 -6.57 2.30
N LYS B 48 0.67 -6.77 3.43
CA LYS B 48 0.67 -5.74 4.46
C LYS B 48 1.35 -4.48 3.94
N ALA B 49 2.42 -4.66 3.19
CA ALA B 49 3.13 -3.52 2.63
C ALA B 49 2.22 -2.72 1.72
N LEU B 50 1.43 -3.43 0.91
CA LEU B 50 0.52 -2.75 0.00
C LEU B 50 -0.50 -1.90 0.77
N GLU B 51 -1.07 -2.49 1.82
CA GLU B 51 -2.06 -1.80 2.64
C GLU B 51 -1.42 -0.64 3.40
N LEU B 52 -0.20 -0.86 3.90
CA LEU B 52 0.51 0.17 4.65
C LEU B 52 0.79 1.37 3.75
N TYR B 53 1.15 1.09 2.51
CA TYR B 53 1.42 2.15 1.55
C TYR B 53 0.16 2.98 1.32
N LYS B 54 -0.96 2.29 1.11
CA LYS B 54 -2.23 2.98 0.86
C LYS B 54 -2.57 3.92 2.01
N ILE B 55 -2.47 3.41 3.22
CA ILE B 55 -2.76 4.22 4.41
C ILE B 55 -1.58 5.10 4.76
N ASN B 56 -0.45 4.83 4.14
CA ASN B 56 0.77 5.59 4.42
C ASN B 56 1.10 5.57 5.91
N ALA B 57 0.87 4.43 6.54
CA ALA B 57 1.14 4.29 7.96
C ALA B 57 2.61 4.60 8.24
N LYS B 58 2.85 5.27 9.36
CA LYS B 58 4.21 5.65 9.75
C LYS B 58 4.96 4.44 10.29
N LEU B 59 6.26 4.40 10.05
CA LEU B 59 7.09 3.29 10.51
C LEU B 59 7.80 3.64 11.81
N CYS B 60 7.60 2.81 12.84
CA CYS B 60 8.23 3.03 14.13
C CYS B 60 8.21 4.50 14.48
N ASP B 61 7.03 5.11 14.45
CA ASP B 61 6.90 6.54 14.77
C ASP B 61 6.07 6.74 16.04
N PRO B 62 6.53 7.57 16.95
CA PRO B 62 5.78 7.84 18.22
C PRO B 62 4.51 8.64 17.99
N HIS B 63 3.51 8.39 18.84
CA HIS B 63 2.24 9.10 18.71
C HIS B 63 1.74 9.57 20.08
N PRO B 64 1.03 10.68 20.13
CA PRO B 64 0.49 11.23 21.41
C PRO B 64 -0.61 10.33 21.99
ZN ZN C . 9.67 -0.75 15.50
N SER A 1 15.38 36.94 9.57
CA SER A 1 15.14 36.00 8.43
C SER A 1 16.12 34.84 8.52
N ALA A 2 16.99 34.88 9.52
CA ALA A 2 17.98 33.82 9.69
C ALA A 2 17.29 32.48 9.94
N ASP A 3 16.22 32.50 10.72
CA ASP A 3 15.49 31.28 11.01
C ASP A 3 16.42 30.18 11.50
N ILE A 4 17.32 30.53 12.43
CA ILE A 4 18.27 29.56 12.97
C ILE A 4 17.52 28.43 13.65
N ASP A 5 16.53 28.77 14.46
CA ASP A 5 15.76 27.76 15.19
C ASP A 5 15.05 26.84 14.21
N ALA A 6 14.53 27.40 13.13
CA ALA A 6 13.82 26.61 12.13
C ALA A 6 12.76 25.72 12.79
N SER A 7 12.07 26.28 13.77
CA SER A 7 11.03 25.53 14.47
C SER A 7 9.82 25.32 13.57
N SER A 8 8.97 24.38 13.94
CA SER A 8 7.77 24.09 13.15
C SER A 8 6.84 25.29 13.12
N ALA A 9 6.19 25.51 11.98
CA ALA A 9 5.27 26.63 11.83
C ALA A 9 4.09 26.48 12.78
N MET A 10 3.64 27.60 13.34
CA MET A 10 2.52 27.58 14.27
C MET A 10 1.26 27.06 13.56
N ASP A 11 1.04 27.52 12.34
CA ASP A 11 -0.13 27.11 11.58
C ASP A 11 0.13 25.77 10.89
N THR A 12 -0.87 25.29 10.15
CA THR A 12 -0.73 24.02 9.45
C THR A 12 0.14 24.18 8.22
N SER A 13 0.57 23.05 7.65
CA SER A 13 1.42 23.08 6.46
C SER A 13 0.62 23.55 5.25
N GLU A 14 1.34 23.98 4.21
CA GLU A 14 0.68 24.45 3.00
C GLU A 14 1.34 23.83 1.76
N PRO A 15 1.22 22.54 1.61
CA PRO A 15 1.81 21.81 0.46
C PRO A 15 1.04 22.05 -0.84
N ALA A 16 1.74 21.95 -1.97
CA ALA A 16 1.10 22.17 -3.26
C ALA A 16 0.05 21.08 -3.53
N LYS A 17 -1.10 21.49 -4.06
CA LYS A 17 -2.17 20.55 -4.36
C LYS A 17 -1.75 19.57 -5.44
N GLU A 18 -1.02 20.07 -6.44
CA GLU A 18 -0.54 19.23 -7.52
C GLU A 18 0.38 18.15 -6.98
N GLU A 19 0.43 17.02 -7.69
CA GLU A 19 1.26 15.89 -7.29
C GLU A 19 0.55 15.02 -6.26
N ASP A 20 0.14 15.64 -5.17
CA ASP A 20 -0.55 14.92 -4.11
C ASP A 20 -1.83 14.29 -4.66
N ASP A 21 -2.49 14.99 -5.58
CA ASP A 21 -3.73 14.49 -6.16
C ASP A 21 -3.47 13.22 -6.97
N TYR A 22 -2.20 12.88 -7.16
CA TYR A 22 -1.84 11.69 -7.91
C TYR A 22 -2.46 10.45 -7.28
N ASP A 23 -3.14 9.65 -8.08
CA ASP A 23 -3.77 8.44 -7.60
C ASP A 23 -2.95 7.21 -7.99
N VAL A 24 -2.35 6.56 -7.00
CA VAL A 24 -1.53 5.38 -7.24
C VAL A 24 -2.41 4.21 -7.68
N MET A 25 -3.58 4.10 -7.08
CA MET A 25 -4.51 3.01 -7.41
C MET A 25 -4.99 3.13 -8.85
N GLN A 26 -4.71 4.26 -9.47
CA GLN A 26 -5.10 4.49 -10.86
C GLN A 26 -4.32 3.58 -11.80
N ASP A 27 -3.06 3.34 -11.47
CA ASP A 27 -2.21 2.48 -12.30
C ASP A 27 -1.80 1.23 -11.51
N PRO A 28 -2.72 0.31 -11.30
CA PRO A 28 -2.44 -0.93 -10.52
C PRO A 28 -1.37 -1.80 -11.17
N GLU A 29 -1.15 -1.58 -12.46
CA GLU A 29 -0.15 -2.35 -13.18
C GLU A 29 1.24 -2.10 -12.60
N PHE A 30 1.50 -0.85 -12.23
CA PHE A 30 2.79 -0.48 -11.64
C PHE A 30 2.99 -1.20 -10.31
N LEU A 31 1.94 -1.21 -9.49
CA LEU A 31 2.01 -1.86 -8.18
C LEU A 31 2.25 -3.36 -8.34
N GLN A 32 1.62 -3.95 -9.34
CA GLN A 32 1.78 -5.37 -9.59
C GLN A 32 3.24 -5.71 -9.88
N SER A 33 3.89 -4.86 -10.66
CA SER A 33 5.30 -5.07 -11.00
C SER A 33 6.15 -5.03 -9.74
N VAL A 34 5.87 -4.05 -8.88
CA VAL A 34 6.61 -3.90 -7.64
C VAL A 34 6.43 -5.13 -6.76
N LEU A 35 5.19 -5.60 -6.67
CA LEU A 35 4.88 -6.78 -5.87
C LEU A 35 5.63 -8.00 -6.38
N GLU A 36 5.72 -8.11 -7.71
CA GLU A 36 6.42 -9.22 -8.31
C GLU A 36 7.90 -9.20 -7.94
N ASN A 37 8.48 -8.00 -7.92
CA ASN A 37 9.88 -7.85 -7.57
C ASN A 37 10.15 -8.36 -6.16
N LEU A 38 9.24 -8.06 -5.24
CA LEU A 38 9.41 -8.49 -3.86
C LEU A 38 9.92 -9.95 -3.82
N PRO A 39 11.18 -10.16 -3.49
CA PRO A 39 11.77 -11.54 -3.43
C PRO A 39 10.96 -12.46 -2.50
N GLY A 40 10.78 -13.71 -2.93
CA GLY A 40 10.04 -14.69 -2.14
C GLY A 40 8.54 -14.53 -2.32
N VAL A 41 8.15 -13.57 -3.15
CA VAL A 41 6.73 -13.33 -3.41
C VAL A 41 6.46 -13.33 -4.90
N ASP A 42 5.44 -14.08 -5.31
CA ASP A 42 5.08 -14.15 -6.72
C ASP A 42 3.57 -13.88 -6.91
N PRO A 43 3.18 -13.34 -8.05
CA PRO A 43 1.73 -13.05 -8.33
C PRO A 43 0.89 -14.33 -8.37
N ASN A 44 1.55 -15.47 -8.50
CA ASN A 44 0.84 -16.74 -8.55
C ASN A 44 0.33 -17.13 -7.16
N ASN A 45 0.78 -16.41 -6.14
CA ASN A 45 0.35 -16.69 -4.78
C ASN A 45 -1.13 -16.41 -4.62
N GLU A 46 -1.83 -17.31 -3.95
CA GLU A 46 -3.26 -17.16 -3.74
C GLU A 46 -3.53 -15.92 -2.90
N ALA A 47 -2.67 -15.66 -1.91
CA ALA A 47 -2.84 -14.51 -1.03
C ALA A 47 -2.81 -13.21 -1.83
N ILE A 48 -1.85 -13.12 -2.74
CA ILE A 48 -1.73 -11.93 -3.58
C ILE A 48 -2.95 -11.79 -4.47
N ARG A 49 -3.38 -12.89 -5.08
CA ARG A 49 -4.54 -12.85 -5.97
C ARG A 49 -5.79 -12.43 -5.19
N ASN A 50 -5.98 -13.01 -4.02
CA ASN A 50 -7.14 -12.67 -3.20
C ASN A 50 -7.09 -11.22 -2.77
N ALA A 51 -5.90 -10.74 -2.40
CA ALA A 51 -5.73 -9.37 -1.97
C ALA A 51 -6.12 -8.40 -3.08
N MET A 52 -5.71 -8.71 -4.31
CA MET A 52 -6.03 -7.86 -5.45
C MET A 52 -7.54 -7.80 -5.67
N GLY A 53 -8.20 -8.94 -5.50
CA GLY A 53 -9.65 -9.00 -5.67
C GLY A 53 -10.36 -8.09 -4.68
N SER A 54 -9.91 -8.14 -3.42
CA SER A 54 -10.52 -7.31 -2.38
C SER A 54 -10.24 -5.84 -2.64
N LEU A 55 -9.04 -5.54 -3.12
CA LEU A 55 -8.67 -4.16 -3.41
C LEU A 55 -9.58 -3.60 -4.49
N ALA A 56 -9.82 -4.39 -5.53
CA ALA A 56 -10.66 -3.94 -6.63
C ALA A 56 -12.06 -3.62 -6.14
N SER A 57 -12.59 -4.46 -5.26
CA SER A 57 -13.92 -4.25 -4.71
C SER A 57 -13.97 -2.95 -3.92
N GLN A 58 -12.91 -2.66 -3.17
CA GLN A 58 -12.84 -1.44 -2.38
C GLN A 58 -12.83 -0.22 -3.28
N ALA A 59 -12.13 -0.32 -4.40
CA ALA A 59 -12.03 0.79 -5.34
C ALA A 59 -13.41 1.15 -5.88
N THR A 60 -14.22 0.14 -6.15
CA THR A 60 -15.57 0.38 -6.67
C THR A 60 -16.63 0.20 -5.58
N LYS A 61 -17.42 1.25 -5.36
CA LYS A 61 -18.44 1.22 -4.33
C LYS A 61 -19.54 0.22 -4.68
N ASP A 62 -19.94 -0.58 -3.70
CA ASP A 62 -20.98 -1.58 -3.93
C ASP A 62 -22.33 -0.89 -4.16
N GLY A 63 -23.02 -1.31 -5.21
CA GLY A 63 -24.32 -0.73 -5.54
C GLY A 63 -24.17 0.52 -6.41
N LYS A 64 -22.93 0.81 -6.80
CA LYS A 64 -22.67 1.98 -7.64
C LYS A 64 -23.42 1.85 -8.97
N LYS A 65 -23.38 0.67 -9.55
CA LYS A 65 -24.05 0.43 -10.83
C LYS A 65 -25.39 -0.26 -10.61
N ASP A 66 -26.33 -0.03 -11.52
CA ASP A 66 -27.66 -0.64 -11.41
C ASP A 66 -27.54 -2.16 -11.45
N LYS A 67 -28.37 -2.82 -10.66
CA LYS A 67 -28.37 -4.28 -10.61
C LYS A 67 -28.69 -4.86 -11.97
N LYS A 68 -29.68 -4.27 -12.64
CA LYS A 68 -30.07 -4.75 -13.96
C LYS A 68 -29.05 -4.34 -15.02
N GLU A 69 -28.83 -5.22 -15.98
CA GLU A 69 -27.87 -4.93 -17.05
C GLU A 69 -28.55 -4.24 -18.22
N GLU A 70 -27.81 -3.37 -18.89
CA GLU A 70 -28.35 -2.64 -20.03
C GLU A 70 -29.64 -1.91 -19.63
N ASP A 71 -29.63 -1.30 -18.45
CA ASP A 71 -30.79 -0.58 -17.98
C ASP A 71 -31.17 0.51 -18.98
N LYS A 72 -32.47 0.80 -19.07
CA LYS A 72 -32.97 1.83 -19.98
C LYS A 72 -32.10 1.90 -21.24
N LYS A 73 -31.57 0.75 -21.65
CA LYS A 73 -30.72 0.70 -22.83
C LYS A 73 -29.58 1.71 -22.70
N MET B 1 7.93 10.57 -11.79
CA MET B 1 8.83 10.22 -10.65
C MET B 1 7.99 9.85 -9.44
N LYS B 2 6.72 10.23 -9.46
CA LYS B 2 5.82 9.93 -8.36
C LYS B 2 5.66 8.42 -8.18
N ARG B 3 5.58 7.70 -9.29
CA ARG B 3 5.43 6.26 -9.25
C ARG B 3 6.65 5.62 -8.59
N ALA B 4 7.83 6.16 -8.90
CA ALA B 4 9.06 5.64 -8.32
C ALA B 4 9.04 5.78 -6.80
N ALA B 5 8.52 6.91 -6.33
CA ALA B 5 8.45 7.16 -4.88
C ALA B 5 7.57 6.11 -4.22
N ALA B 6 6.47 5.75 -4.88
CA ALA B 6 5.54 4.76 -4.35
C ALA B 6 6.25 3.42 -4.18
N LYS B 7 7.07 3.06 -5.16
CA LYS B 7 7.80 1.80 -5.12
C LYS B 7 8.74 1.77 -3.92
N HIS B 8 9.43 2.87 -3.68
CA HIS B 8 10.37 2.95 -2.57
C HIS B 8 9.65 2.73 -1.25
N LEU B 9 8.49 3.34 -1.08
CA LEU B 9 7.72 3.19 0.14
C LEU B 9 7.36 1.71 0.30
N ILE B 10 6.79 1.13 -0.74
CA ILE B 10 6.35 -0.25 -0.67
C ILE B 10 7.52 -1.17 -0.35
N GLU B 11 8.65 -0.92 -1.01
CA GLU B 11 9.84 -1.73 -0.79
C GLU B 11 10.30 -1.60 0.67
N ARG B 12 10.32 -0.36 1.16
CA ARG B 12 10.75 -0.12 2.54
C ARG B 12 9.78 -0.78 3.52
N TYR B 13 8.49 -0.67 3.24
CA TYR B 13 7.49 -1.26 4.11
C TYR B 13 7.64 -2.78 4.18
N TYR B 14 7.85 -3.40 3.02
CA TYR B 14 8.01 -4.85 2.97
C TYR B 14 9.22 -5.29 3.77
N HIS B 15 10.35 -4.63 3.53
CA HIS B 15 11.58 -4.97 4.24
C HIS B 15 11.51 -4.59 5.71
N GLN B 16 10.80 -3.51 6.02
CA GLN B 16 10.66 -3.08 7.40
C GLN B 16 9.85 -4.10 8.20
N LEU B 17 8.85 -4.67 7.55
CA LEU B 17 8.05 -5.70 8.21
C LEU B 17 8.85 -6.98 8.44
N THR B 18 9.68 -7.33 7.47
CA THR B 18 10.49 -8.55 7.57
C THR B 18 11.81 -8.27 8.28
N GLU B 19 12.14 -7.00 8.47
CA GLU B 19 13.43 -6.63 9.07
C GLU B 19 13.16 -6.00 10.44
N GLY B 20 12.39 -4.93 10.45
CA GLY B 20 11.91 -4.38 11.72
C GLY B 20 12.88 -3.24 12.01
N CYS B 21 12.87 -2.76 13.25
CA CYS B 21 13.75 -1.67 13.63
C CYS B 21 15.00 -2.20 14.34
N GLY B 22 14.96 -3.47 14.73
CA GLY B 22 16.11 -4.08 15.39
C GLY B 22 16.06 -3.85 16.89
N ASN B 23 15.27 -2.87 17.30
CA ASN B 23 15.14 -2.54 18.71
C ASN B 23 14.37 -3.62 19.45
N GLU B 24 14.94 -4.11 20.56
CA GLU B 24 14.29 -5.15 21.35
C GLU B 24 12.98 -4.63 21.93
N ALA B 25 12.99 -3.38 22.38
CA ALA B 25 11.81 -2.77 22.96
C ALA B 25 11.21 -1.74 22.01
N CYS B 26 10.10 -2.08 21.39
CA CYS B 26 9.43 -1.18 20.45
C CYS B 26 7.93 -1.20 20.68
N THR B 27 7.36 -0.01 20.89
CA THR B 27 5.92 0.11 21.13
C THR B 27 5.24 0.85 19.99
N ASN B 28 5.10 0.17 18.85
CA ASN B 28 4.46 0.77 17.69
C ASN B 28 3.70 -0.30 16.90
N GLU B 29 2.42 -0.04 16.64
CA GLU B 29 1.59 -0.98 15.91
C GLU B 29 2.13 -1.18 14.50
N PHE B 30 2.61 -0.12 13.89
CA PHE B 30 3.14 -0.20 12.52
C PHE B 30 4.65 -0.39 12.56
N CYS B 31 5.08 -1.50 13.14
CA CYS B 31 6.51 -1.80 13.23
C CYS B 31 6.73 -3.27 13.55
N ALA B 32 7.75 -3.86 12.93
CA ALA B 32 8.06 -5.26 13.16
C ALA B 32 8.96 -5.42 14.38
N SER B 33 9.10 -6.67 14.83
CA SER B 33 9.91 -6.98 15.99
C SER B 33 9.19 -6.56 17.26
N CYS B 34 8.04 -5.92 17.11
CA CYS B 34 7.29 -5.48 18.27
C CYS B 34 6.61 -6.66 18.97
N PRO B 35 6.42 -6.61 20.29
CA PRO B 35 5.74 -7.70 21.04
C PRO B 35 4.40 -8.11 20.42
N THR B 36 3.67 -7.12 19.90
CA THR B 36 2.37 -7.39 19.29
C THR B 36 2.52 -7.83 17.84
N PHE B 37 3.74 -7.69 17.31
CA PHE B 37 4.01 -8.07 15.94
C PHE B 37 4.60 -9.47 15.86
N LEU B 38 4.00 -10.32 15.04
CA LEU B 38 4.48 -11.70 14.88
C LEU B 38 5.00 -11.91 13.46
N ARG B 39 6.03 -12.75 13.35
CA ARG B 39 6.62 -13.04 12.05
C ARG B 39 5.57 -13.61 11.10
N MET B 40 5.72 -13.29 9.82
CA MET B 40 4.78 -13.75 8.81
C MET B 40 5.53 -14.16 7.54
N ASP B 41 4.81 -14.82 6.64
CA ASP B 41 5.39 -15.26 5.38
C ASP B 41 5.70 -14.06 4.52
N ASN B 42 6.56 -14.25 3.54
CA ASN B 42 6.90 -13.19 2.60
C ASN B 42 5.65 -12.72 1.86
N ASN B 43 4.75 -13.64 1.58
CA ASN B 43 3.51 -13.30 0.90
C ASN B 43 2.61 -12.47 1.80
N ALA B 44 2.47 -12.92 3.03
CA ALA B 44 1.64 -12.21 4.00
C ALA B 44 2.23 -10.83 4.27
N ALA B 45 3.55 -10.78 4.37
CA ALA B 45 4.22 -9.51 4.62
C ALA B 45 3.96 -8.54 3.48
N ALA B 46 3.95 -9.05 2.26
CA ALA B 46 3.71 -8.21 1.09
C ALA B 46 2.34 -7.54 1.18
N ILE B 47 1.34 -8.29 1.63
CA ILE B 47 -0.01 -7.75 1.75
C ILE B 47 -0.04 -6.62 2.77
N LYS B 48 0.60 -6.85 3.91
CA LYS B 48 0.63 -5.83 4.95
C LYS B 48 1.35 -4.60 4.44
N ALA B 49 2.43 -4.83 3.71
CA ALA B 49 3.20 -3.72 3.16
C ALA B 49 2.34 -2.88 2.21
N LEU B 50 1.52 -3.56 1.41
CA LEU B 50 0.66 -2.84 0.48
C LEU B 50 -0.33 -1.94 1.23
N GLU B 51 -0.92 -2.50 2.29
CA GLU B 51 -1.89 -1.75 3.09
C GLU B 51 -1.24 -0.54 3.74
N LEU B 52 -0.01 -0.71 4.22
CA LEU B 52 0.72 0.37 4.87
C LEU B 52 0.94 1.52 3.88
N TYR B 53 1.26 1.18 2.65
CA TYR B 53 1.47 2.21 1.63
C TYR B 53 0.19 2.99 1.39
N LYS B 54 -0.92 2.27 1.23
CA LYS B 54 -2.21 2.90 0.99
C LYS B 54 -2.56 3.87 2.11
N ILE B 55 -2.44 3.40 3.34
CA ILE B 55 -2.73 4.23 4.51
C ILE B 55 -1.55 5.14 4.83
N ASN B 56 -0.45 4.92 4.13
CA ASN B 56 0.78 5.66 4.43
C ASN B 56 1.11 5.70 5.91
N ALA B 57 0.89 4.57 6.58
CA ALA B 57 1.18 4.49 8.01
C ALA B 57 2.66 4.71 8.27
N LYS B 58 2.97 5.40 9.36
CA LYS B 58 4.35 5.68 9.73
C LYS B 58 5.03 4.44 10.27
N LEU B 59 6.32 4.30 9.98
CA LEU B 59 7.08 3.15 10.44
C LEU B 59 7.83 3.46 11.72
N CYS B 60 7.78 2.54 12.67
CA CYS B 60 8.46 2.73 13.95
C CYS B 60 8.29 4.16 14.44
N ASP B 61 7.06 4.52 14.79
CA ASP B 61 6.78 5.86 15.29
C ASP B 61 5.94 5.80 16.56
N PRO B 62 6.56 5.50 17.67
CA PRO B 62 5.86 5.41 18.99
C PRO B 62 5.13 6.70 19.35
N HIS B 63 3.98 6.56 20.02
CA HIS B 63 3.19 7.72 20.41
C HIS B 63 2.92 8.61 19.19
N PRO B 64 2.26 8.07 18.21
CA PRO B 64 1.93 8.82 16.96
C PRO B 64 0.84 9.86 17.19
ZN ZN C . 10.19 -0.26 15.85
#